data_4PQQ
# 
_entry.id   4PQQ 
# 
_audit_conform.dict_name       mmcif_pdbx.dic 
_audit_conform.dict_version    5.387 
_audit_conform.dict_location   http://mmcif.pdb.org/dictionaries/ascii/mmcif_pdbx.dic 
# 
loop_
_database_2.database_id 
_database_2.database_code 
_database_2.pdbx_database_accession 
_database_2.pdbx_DOI 
PDB   4PQQ         pdb_00004pqq 10.2210/pdb4pqq/pdb 
RCSB  RCSB085104   ?            ?                   
WWPDB D_1000085104 ?            ?                   
# 
loop_
_pdbx_audit_revision_history.ordinal 
_pdbx_audit_revision_history.data_content_type 
_pdbx_audit_revision_history.major_revision 
_pdbx_audit_revision_history.minor_revision 
_pdbx_audit_revision_history.revision_date 
1 'Structure model' 1 0 2014-11-12 
2 'Structure model' 1 1 2014-11-19 
3 'Structure model' 1 2 2024-02-28 
# 
_pdbx_audit_revision_details.ordinal             1 
_pdbx_audit_revision_details.revision_ordinal    1 
_pdbx_audit_revision_details.data_content_type   'Structure model' 
_pdbx_audit_revision_details.provider            repository 
_pdbx_audit_revision_details.type                'Initial release' 
_pdbx_audit_revision_details.description         ? 
_pdbx_audit_revision_details.details             ? 
# 
loop_
_pdbx_audit_revision_group.ordinal 
_pdbx_audit_revision_group.revision_ordinal 
_pdbx_audit_revision_group.data_content_type 
_pdbx_audit_revision_group.group 
1 2 'Structure model' 'Database references'  
2 3 'Structure model' 'Data collection'      
3 3 'Structure model' 'Database references'  
4 3 'Structure model' 'Derived calculations' 
# 
loop_
_pdbx_audit_revision_category.ordinal 
_pdbx_audit_revision_category.revision_ordinal 
_pdbx_audit_revision_category.data_content_type 
_pdbx_audit_revision_category.category 
1 3 'Structure model' chem_comp_atom 
2 3 'Structure model' chem_comp_bond 
3 3 'Structure model' database_2     
4 3 'Structure model' struct_site    
# 
loop_
_pdbx_audit_revision_item.ordinal 
_pdbx_audit_revision_item.revision_ordinal 
_pdbx_audit_revision_item.data_content_type 
_pdbx_audit_revision_item.item 
1 3 'Structure model' '_database_2.pdbx_DOI'                
2 3 'Structure model' '_database_2.pdbx_database_accession' 
3 3 'Structure model' '_struct_site.pdbx_auth_asym_id'      
4 3 'Structure model' '_struct_site.pdbx_auth_comp_id'      
5 3 'Structure model' '_struct_site.pdbx_auth_seq_id'       
# 
_pdbx_database_status.status_code                     REL 
_pdbx_database_status.entry_id                        4PQQ 
_pdbx_database_status.recvd_initial_deposition_date   2014-03-04 
_pdbx_database_status.deposit_site                    RCSB 
_pdbx_database_status.process_site                    RCSB 
_pdbx_database_status.status_code_sf                  REL 
_pdbx_database_status.status_code_mr                  ? 
_pdbx_database_status.SG_entry                        ? 
_pdbx_database_status.status_code_cs                  ? 
_pdbx_database_status.methods_development_category    ? 
_pdbx_database_status.pdb_format_compatible           Y 
_pdbx_database_status.status_code_nmr_data            ? 
# 
loop_
_audit_author.name 
_audit_author.pdbx_ordinal 
'Kim, K.-H.' 1 
'Hong, S.K.' 2 
'Kim, E.E.'  3 
# 
_citation.id                        primary 
_citation.title                     
'Structure of mouse muskelin discoidin domain and biochemical characterization of its self-association.' 
_citation.journal_abbrev            'Acta Crystallogr.,Sect.D' 
_citation.journal_volume            70 
_citation.page_first                2863 
_citation.page_last                 2874 
_citation.year                      2014 
_citation.journal_id_ASTM           ABCRE6 
_citation.country                   DK 
_citation.journal_id_ISSN           0907-4449 
_citation.journal_id_CSD            0766 
_citation.book_publisher            ? 
_citation.pdbx_database_id_PubMed   25372678 
_citation.pdbx_database_id_DOI      10.1107/S139900471401894X 
# 
loop_
_citation_author.citation_id 
_citation_author.name 
_citation_author.ordinal 
_citation_author.identifier_ORCID 
primary 'Kim, K.H.'   1 ? 
primary 'Hong, S.K.'  2 ? 
primary 'Hwang, K.Y.' 3 ? 
primary 'Kim, E.E.'   4 ? 
# 
loop_
_entity.id 
_entity.type 
_entity.src_method 
_entity.pdbx_description 
_entity.formula_weight 
_entity.pdbx_number_of_molecules 
_entity.pdbx_ec 
_entity.pdbx_mutation 
_entity.pdbx_fragment 
_entity.details 
1 polymer     man Muskelin               18280.912 1   ? ? 'N-TERMINAL DOMAIN, UNP residues 12-167' ? 
2 non-polymer syn 'PHOSPHATE ION'        94.971    1   ? ? ?                                        ? 
3 non-polymer syn 'TETRAETHYLENE GLYCOL' 194.226   2   ? ? ?                                        ? 
4 water       nat water                  18.015    203 ? ? ?                                        ? 
# 
_entity_poly.entity_id                      1 
_entity_poly.type                           'polypeptide(L)' 
_entity_poly.nstd_linkage                   no 
_entity_poly.nstd_monomer                   no 
_entity_poly.pdbx_seq_one_letter_code       
;ECRLLPYALHKWSSFSSTYLPENILVDKPNDQSSRWSSESNYPPQYLILKLERPAIVQNITFGKYEKTHVCNLKKFKVFG
GMNEENMTELLSSGLKNDYNKETFTLKHKIDEQMFPCRFIKIVPLLSWGPSFNFSIWYVELSGIDDPDIVQPCLNW
;
_entity_poly.pdbx_seq_one_letter_code_can   
;ECRLLPYALHKWSSFSSTYLPENILVDKPNDQSSRWSSESNYPPQYLILKLERPAIVQNITFGKYEKTHVCNLKKFKVFG
GMNEENMTELLSSGLKNDYNKETFTLKHKIDEQMFPCRFIKIVPLLSWGPSFNFSIWYVELSGIDDPDIVQPCLNW
;
_entity_poly.pdbx_strand_id                 A 
_entity_poly.pdbx_target_identifier         ? 
# 
loop_
_pdbx_entity_nonpoly.entity_id 
_pdbx_entity_nonpoly.name 
_pdbx_entity_nonpoly.comp_id 
2 'PHOSPHATE ION'        PO4 
3 'TETRAETHYLENE GLYCOL' PG4 
4 water                  HOH 
# 
loop_
_entity_poly_seq.entity_id 
_entity_poly_seq.num 
_entity_poly_seq.mon_id 
_entity_poly_seq.hetero 
1 1   GLU n 
1 2   CYS n 
1 3   ARG n 
1 4   LEU n 
1 5   LEU n 
1 6   PRO n 
1 7   TYR n 
1 8   ALA n 
1 9   LEU n 
1 10  HIS n 
1 11  LYS n 
1 12  TRP n 
1 13  SER n 
1 14  SER n 
1 15  PHE n 
1 16  SER n 
1 17  SER n 
1 18  THR n 
1 19  TYR n 
1 20  LEU n 
1 21  PRO n 
1 22  GLU n 
1 23  ASN n 
1 24  ILE n 
1 25  LEU n 
1 26  VAL n 
1 27  ASP n 
1 28  LYS n 
1 29  PRO n 
1 30  ASN n 
1 31  ASP n 
1 32  GLN n 
1 33  SER n 
1 34  SER n 
1 35  ARG n 
1 36  TRP n 
1 37  SER n 
1 38  SER n 
1 39  GLU n 
1 40  SER n 
1 41  ASN n 
1 42  TYR n 
1 43  PRO n 
1 44  PRO n 
1 45  GLN n 
1 46  TYR n 
1 47  LEU n 
1 48  ILE n 
1 49  LEU n 
1 50  LYS n 
1 51  LEU n 
1 52  GLU n 
1 53  ARG n 
1 54  PRO n 
1 55  ALA n 
1 56  ILE n 
1 57  VAL n 
1 58  GLN n 
1 59  ASN n 
1 60  ILE n 
1 61  THR n 
1 62  PHE n 
1 63  GLY n 
1 64  LYS n 
1 65  TYR n 
1 66  GLU n 
1 67  LYS n 
1 68  THR n 
1 69  HIS n 
1 70  VAL n 
1 71  CYS n 
1 72  ASN n 
1 73  LEU n 
1 74  LYS n 
1 75  LYS n 
1 76  PHE n 
1 77  LYS n 
1 78  VAL n 
1 79  PHE n 
1 80  GLY n 
1 81  GLY n 
1 82  MET n 
1 83  ASN n 
1 84  GLU n 
1 85  GLU n 
1 86  ASN n 
1 87  MET n 
1 88  THR n 
1 89  GLU n 
1 90  LEU n 
1 91  LEU n 
1 92  SER n 
1 93  SER n 
1 94  GLY n 
1 95  LEU n 
1 96  LYS n 
1 97  ASN n 
1 98  ASP n 
1 99  TYR n 
1 100 ASN n 
1 101 LYS n 
1 102 GLU n 
1 103 THR n 
1 104 PHE n 
1 105 THR n 
1 106 LEU n 
1 107 LYS n 
1 108 HIS n 
1 109 LYS n 
1 110 ILE n 
1 111 ASP n 
1 112 GLU n 
1 113 GLN n 
1 114 MET n 
1 115 PHE n 
1 116 PRO n 
1 117 CYS n 
1 118 ARG n 
1 119 PHE n 
1 120 ILE n 
1 121 LYS n 
1 122 ILE n 
1 123 VAL n 
1 124 PRO n 
1 125 LEU n 
1 126 LEU n 
1 127 SER n 
1 128 TRP n 
1 129 GLY n 
1 130 PRO n 
1 131 SER n 
1 132 PHE n 
1 133 ASN n 
1 134 PHE n 
1 135 SER n 
1 136 ILE n 
1 137 TRP n 
1 138 TYR n 
1 139 VAL n 
1 140 GLU n 
1 141 LEU n 
1 142 SER n 
1 143 GLY n 
1 144 ILE n 
1 145 ASP n 
1 146 ASP n 
1 147 PRO n 
1 148 ASP n 
1 149 ILE n 
1 150 VAL n 
1 151 GLN n 
1 152 PRO n 
1 153 CYS n 
1 154 LEU n 
1 155 ASN n 
1 156 TRP n 
# 
_entity_src_gen.entity_id                          1 
_entity_src_gen.pdbx_src_id                        1 
_entity_src_gen.pdbx_alt_source_flag               sample 
_entity_src_gen.pdbx_seq_type                      ? 
_entity_src_gen.pdbx_beg_seq_num                   ? 
_entity_src_gen.pdbx_end_seq_num                   ? 
_entity_src_gen.gene_src_common_name               mouse 
_entity_src_gen.gene_src_genus                     ? 
_entity_src_gen.pdbx_gene_src_gene                 Mkln1 
_entity_src_gen.gene_src_species                   ? 
_entity_src_gen.gene_src_strain                    ? 
_entity_src_gen.gene_src_tissue                    ? 
_entity_src_gen.gene_src_tissue_fraction           ? 
_entity_src_gen.gene_src_details                   ? 
_entity_src_gen.pdbx_gene_src_fragment             ? 
_entity_src_gen.pdbx_gene_src_scientific_name      'Mus musculus' 
_entity_src_gen.pdbx_gene_src_ncbi_taxonomy_id     10090 
_entity_src_gen.pdbx_gene_src_variant              ? 
_entity_src_gen.pdbx_gene_src_cell_line            ? 
_entity_src_gen.pdbx_gene_src_atcc                 ? 
_entity_src_gen.pdbx_gene_src_organ                ? 
_entity_src_gen.pdbx_gene_src_organelle            ? 
_entity_src_gen.pdbx_gene_src_cell                 ? 
_entity_src_gen.pdbx_gene_src_cellular_location    ? 
_entity_src_gen.host_org_common_name               ? 
_entity_src_gen.pdbx_host_org_scientific_name      'Escherichia coli' 
_entity_src_gen.pdbx_host_org_ncbi_taxonomy_id     562 
_entity_src_gen.host_org_genus                     ? 
_entity_src_gen.pdbx_host_org_gene                 ? 
_entity_src_gen.pdbx_host_org_organ                ? 
_entity_src_gen.host_org_species                   ? 
_entity_src_gen.pdbx_host_org_tissue               ? 
_entity_src_gen.pdbx_host_org_tissue_fraction      ? 
_entity_src_gen.pdbx_host_org_strain               'Rosetta (DE3)' 
_entity_src_gen.pdbx_host_org_variant              ? 
_entity_src_gen.pdbx_host_org_cell_line            ? 
_entity_src_gen.pdbx_host_org_atcc                 ? 
_entity_src_gen.pdbx_host_org_culture_collection   ? 
_entity_src_gen.pdbx_host_org_cell                 ? 
_entity_src_gen.pdbx_host_org_organelle            ? 
_entity_src_gen.pdbx_host_org_cellular_location    ? 
_entity_src_gen.pdbx_host_org_vector_type          PLASMID 
_entity_src_gen.pdbx_host_org_vector               ? 
_entity_src_gen.host_org_details                   ? 
_entity_src_gen.expression_system_id               ? 
_entity_src_gen.plasmid_name                       pET32a 
_entity_src_gen.plasmid_details                    ? 
_entity_src_gen.pdbx_description                   ? 
# 
loop_
_chem_comp.id 
_chem_comp.type 
_chem_comp.mon_nstd_flag 
_chem_comp.name 
_chem_comp.pdbx_synonyms 
_chem_comp.formula 
_chem_comp.formula_weight 
ALA 'L-peptide linking' y ALANINE                ? 'C3 H7 N O2'     89.093  
ARG 'L-peptide linking' y ARGININE               ? 'C6 H15 N4 O2 1' 175.209 
ASN 'L-peptide linking' y ASPARAGINE             ? 'C4 H8 N2 O3'    132.118 
ASP 'L-peptide linking' y 'ASPARTIC ACID'        ? 'C4 H7 N O4'     133.103 
CYS 'L-peptide linking' y CYSTEINE               ? 'C3 H7 N O2 S'   121.158 
GLN 'L-peptide linking' y GLUTAMINE              ? 'C5 H10 N2 O3'   146.144 
GLU 'L-peptide linking' y 'GLUTAMIC ACID'        ? 'C5 H9 N O4'     147.129 
GLY 'peptide linking'   y GLYCINE                ? 'C2 H5 N O2'     75.067  
HIS 'L-peptide linking' y HISTIDINE              ? 'C6 H10 N3 O2 1' 156.162 
HOH non-polymer         . WATER                  ? 'H2 O'           18.015  
ILE 'L-peptide linking' y ISOLEUCINE             ? 'C6 H13 N O2'    131.173 
LEU 'L-peptide linking' y LEUCINE                ? 'C6 H13 N O2'    131.173 
LYS 'L-peptide linking' y LYSINE                 ? 'C6 H15 N2 O2 1' 147.195 
MET 'L-peptide linking' y METHIONINE             ? 'C5 H11 N O2 S'  149.211 
PG4 non-polymer         . 'TETRAETHYLENE GLYCOL' ? 'C8 H18 O5'      194.226 
PHE 'L-peptide linking' y PHENYLALANINE          ? 'C9 H11 N O2'    165.189 
PO4 non-polymer         . 'PHOSPHATE ION'        ? 'O4 P -3'        94.971  
PRO 'L-peptide linking' y PROLINE                ? 'C5 H9 N O2'     115.130 
SER 'L-peptide linking' y SERINE                 ? 'C3 H7 N O3'     105.093 
THR 'L-peptide linking' y THREONINE              ? 'C4 H9 N O3'     119.119 
TRP 'L-peptide linking' y TRYPTOPHAN             ? 'C11 H12 N2 O2'  204.225 
TYR 'L-peptide linking' y TYROSINE               ? 'C9 H11 N O3'    181.189 
VAL 'L-peptide linking' y VALINE                 ? 'C5 H11 N O2'    117.146 
# 
loop_
_pdbx_poly_seq_scheme.asym_id 
_pdbx_poly_seq_scheme.entity_id 
_pdbx_poly_seq_scheme.seq_id 
_pdbx_poly_seq_scheme.mon_id 
_pdbx_poly_seq_scheme.ndb_seq_num 
_pdbx_poly_seq_scheme.pdb_seq_num 
_pdbx_poly_seq_scheme.auth_seq_num 
_pdbx_poly_seq_scheme.pdb_mon_id 
_pdbx_poly_seq_scheme.auth_mon_id 
_pdbx_poly_seq_scheme.pdb_strand_id 
_pdbx_poly_seq_scheme.pdb_ins_code 
_pdbx_poly_seq_scheme.hetero 
A 1 1   GLU 1   12  12  GLU GLU A . n 
A 1 2   CYS 2   13  13  CYS CYS A . n 
A 1 3   ARG 3   14  14  ARG ARG A . n 
A 1 4   LEU 4   15  15  LEU LEU A . n 
A 1 5   LEU 5   16  16  LEU LEU A . n 
A 1 6   PRO 6   17  17  PRO PRO A . n 
A 1 7   TYR 7   18  18  TYR TYR A . n 
A 1 8   ALA 8   19  19  ALA ALA A . n 
A 1 9   LEU 9   20  20  LEU LEU A . n 
A 1 10  HIS 10  21  21  HIS HIS A . n 
A 1 11  LYS 11  22  22  LYS LYS A . n 
A 1 12  TRP 12  23  23  TRP TRP A . n 
A 1 13  SER 13  24  24  SER SER A . n 
A 1 14  SER 14  25  25  SER SER A . n 
A 1 15  PHE 15  26  26  PHE PHE A . n 
A 1 16  SER 16  27  27  SER SER A . n 
A 1 17  SER 17  28  28  SER SER A . n 
A 1 18  THR 18  29  29  THR THR A . n 
A 1 19  TYR 19  30  30  TYR TYR A . n 
A 1 20  LEU 20  31  31  LEU LEU A . n 
A 1 21  PRO 21  32  32  PRO PRO A . n 
A 1 22  GLU 22  33  33  GLU GLU A . n 
A 1 23  ASN 23  34  34  ASN ASN A . n 
A 1 24  ILE 24  35  35  ILE ILE A . n 
A 1 25  LEU 25  36  36  LEU LEU A . n 
A 1 26  VAL 26  37  37  VAL VAL A . n 
A 1 27  ASP 27  38  38  ASP ASP A . n 
A 1 28  LYS 28  39  39  LYS LYS A . n 
A 1 29  PRO 29  40  40  PRO PRO A . n 
A 1 30  ASN 30  41  41  ASN ASN A . n 
A 1 31  ASP 31  42  42  ASP ASP A . n 
A 1 32  GLN 32  43  43  GLN GLN A . n 
A 1 33  SER 33  44  44  SER SER A . n 
A 1 34  SER 34  45  45  SER SER A . n 
A 1 35  ARG 35  46  46  ARG ARG A . n 
A 1 36  TRP 36  47  47  TRP TRP A . n 
A 1 37  SER 37  48  48  SER SER A . n 
A 1 38  SER 38  49  49  SER SER A . n 
A 1 39  GLU 39  50  50  GLU GLU A . n 
A 1 40  SER 40  51  51  SER SER A . n 
A 1 41  ASN 41  52  52  ASN ASN A . n 
A 1 42  TYR 42  53  53  TYR TYR A . n 
A 1 43  PRO 43  54  54  PRO PRO A . n 
A 1 44  PRO 44  55  55  PRO PRO A . n 
A 1 45  GLN 45  56  56  GLN GLN A . n 
A 1 46  TYR 46  57  57  TYR TYR A . n 
A 1 47  LEU 47  58  58  LEU LEU A . n 
A 1 48  ILE 48  59  59  ILE ILE A . n 
A 1 49  LEU 49  60  60  LEU LEU A . n 
A 1 50  LYS 50  61  61  LYS LYS A . n 
A 1 51  LEU 51  62  62  LEU LEU A . n 
A 1 52  GLU 52  63  63  GLU GLU A . n 
A 1 53  ARG 53  64  64  ARG ARG A . n 
A 1 54  PRO 54  65  65  PRO PRO A . n 
A 1 55  ALA 55  66  66  ALA ALA A . n 
A 1 56  ILE 56  67  67  ILE ILE A . n 
A 1 57  VAL 57  68  68  VAL VAL A . n 
A 1 58  GLN 58  69  69  GLN GLN A . n 
A 1 59  ASN 59  70  70  ASN ASN A . n 
A 1 60  ILE 60  71  71  ILE ILE A . n 
A 1 61  THR 61  72  72  THR THR A . n 
A 1 62  PHE 62  73  73  PHE PHE A . n 
A 1 63  GLY 63  74  74  GLY GLY A . n 
A 1 64  LYS 64  75  75  LYS LYS A . n 
A 1 65  TYR 65  76  76  TYR TYR A . n 
A 1 66  GLU 66  77  77  GLU GLU A . n 
A 1 67  LYS 67  78  78  LYS LYS A . n 
A 1 68  THR 68  79  79  THR THR A . n 
A 1 69  HIS 69  80  80  HIS HIS A . n 
A 1 70  VAL 70  81  81  VAL VAL A . n 
A 1 71  CYS 71  82  82  CYS CYS A . n 
A 1 72  ASN 72  83  83  ASN ASN A . n 
A 1 73  LEU 73  84  84  LEU LEU A . n 
A 1 74  LYS 74  85  85  LYS LYS A . n 
A 1 75  LYS 75  86  86  LYS LYS A . n 
A 1 76  PHE 76  87  87  PHE PHE A . n 
A 1 77  LYS 77  88  88  LYS LYS A . n 
A 1 78  VAL 78  89  89  VAL VAL A . n 
A 1 79  PHE 79  90  90  PHE PHE A . n 
A 1 80  GLY 80  91  91  GLY GLY A . n 
A 1 81  GLY 81  92  92  GLY GLY A . n 
A 1 82  MET 82  93  93  MET MET A . n 
A 1 83  ASN 83  94  94  ASN ASN A . n 
A 1 84  GLU 84  95  95  GLU GLU A . n 
A 1 85  GLU 85  96  96  GLU GLU A . n 
A 1 86  ASN 86  97  97  ASN ASN A . n 
A 1 87  MET 87  98  98  MET MET A . n 
A 1 88  THR 88  99  99  THR THR A . n 
A 1 89  GLU 89  100 100 GLU GLU A . n 
A 1 90  LEU 90  101 101 LEU LEU A . n 
A 1 91  LEU 91  102 102 LEU LEU A . n 
A 1 92  SER 92  103 103 SER SER A . n 
A 1 93  SER 93  104 104 SER SER A . n 
A 1 94  GLY 94  105 105 GLY GLY A . n 
A 1 95  LEU 95  106 106 LEU LEU A . n 
A 1 96  LYS 96  107 107 LYS LYS A . n 
A 1 97  ASN 97  108 108 ASN ASN A . n 
A 1 98  ASP 98  109 109 ASP ASP A . n 
A 1 99  TYR 99  110 110 TYR TYR A . n 
A 1 100 ASN 100 111 111 ASN ASN A . n 
A 1 101 LYS 101 112 112 LYS LYS A . n 
A 1 102 GLU 102 113 113 GLU GLU A . n 
A 1 103 THR 103 114 114 THR THR A . n 
A 1 104 PHE 104 115 115 PHE PHE A . n 
A 1 105 THR 105 116 116 THR THR A . n 
A 1 106 LEU 106 117 117 LEU LEU A . n 
A 1 107 LYS 107 118 118 LYS LYS A . n 
A 1 108 HIS 108 119 119 HIS HIS A . n 
A 1 109 LYS 109 120 120 LYS LYS A . n 
A 1 110 ILE 110 121 121 ILE ILE A . n 
A 1 111 ASP 111 122 122 ASP ASP A . n 
A 1 112 GLU 112 123 123 GLU GLU A . n 
A 1 113 GLN 113 124 124 GLN GLN A . n 
A 1 114 MET 114 125 125 MET MET A . n 
A 1 115 PHE 115 126 126 PHE PHE A . n 
A 1 116 PRO 116 127 127 PRO PRO A . n 
A 1 117 CYS 117 128 128 CYS CYS A . n 
A 1 118 ARG 118 129 129 ARG ARG A . n 
A 1 119 PHE 119 130 130 PHE PHE A . n 
A 1 120 ILE 120 131 131 ILE ILE A . n 
A 1 121 LYS 121 132 132 LYS LYS A . n 
A 1 122 ILE 122 133 133 ILE ILE A . n 
A 1 123 VAL 123 134 134 VAL VAL A . n 
A 1 124 PRO 124 135 135 PRO PRO A . n 
A 1 125 LEU 125 136 136 LEU LEU A . n 
A 1 126 LEU 126 137 137 LEU LEU A . n 
A 1 127 SER 127 138 138 SER SER A . n 
A 1 128 TRP 128 139 139 TRP TRP A . n 
A 1 129 GLY 129 140 140 GLY GLY A . n 
A 1 130 PRO 130 141 141 PRO PRO A . n 
A 1 131 SER 131 142 142 SER SER A . n 
A 1 132 PHE 132 143 143 PHE PHE A . n 
A 1 133 ASN 133 144 144 ASN ASN A . n 
A 1 134 PHE 134 145 145 PHE PHE A . n 
A 1 135 SER 135 146 146 SER SER A . n 
A 1 136 ILE 136 147 147 ILE ILE A . n 
A 1 137 TRP 137 148 148 TRP TRP A . n 
A 1 138 TYR 138 149 149 TYR TYR A . n 
A 1 139 VAL 139 150 150 VAL VAL A . n 
A 1 140 GLU 140 151 151 GLU GLU A . n 
A 1 141 LEU 141 152 152 LEU LEU A . n 
A 1 142 SER 142 153 153 SER SER A . n 
A 1 143 GLY 143 154 154 GLY GLY A . n 
A 1 144 ILE 144 155 155 ILE ILE A . n 
A 1 145 ASP 145 156 156 ASP ASP A . n 
A 1 146 ASP 146 157 157 ASP ASP A . n 
A 1 147 PRO 147 158 158 PRO PRO A . n 
A 1 148 ASP 148 159 159 ASP ASP A . n 
A 1 149 ILE 149 160 160 ILE ILE A . n 
A 1 150 VAL 150 161 161 VAL VAL A . n 
A 1 151 GLN 151 162 162 GLN GLN A . n 
A 1 152 PRO 152 163 163 PRO PRO A . n 
A 1 153 CYS 153 164 164 CYS CYS A . n 
A 1 154 LEU 154 165 165 LEU LEU A . n 
A 1 155 ASN 155 166 166 ASN ASN A . n 
A 1 156 TRP 156 167 167 TRP TRP A . n 
# 
loop_
_pdbx_nonpoly_scheme.asym_id 
_pdbx_nonpoly_scheme.entity_id 
_pdbx_nonpoly_scheme.mon_id 
_pdbx_nonpoly_scheme.ndb_seq_num 
_pdbx_nonpoly_scheme.pdb_seq_num 
_pdbx_nonpoly_scheme.auth_seq_num 
_pdbx_nonpoly_scheme.pdb_mon_id 
_pdbx_nonpoly_scheme.auth_mon_id 
_pdbx_nonpoly_scheme.pdb_strand_id 
_pdbx_nonpoly_scheme.pdb_ins_code 
B 2 PO4 1   201 1   PO4 PO4 A . 
C 3 PG4 1   202 406 PG4 15P A . 
D 3 PG4 1   203 407 PG4 15P A . 
E 4 HOH 1   301 1   HOH HOH A . 
E 4 HOH 2   302 2   HOH HOH A . 
E 4 HOH 3   303 3   HOH HOH A . 
E 4 HOH 4   304 4   HOH HOH A . 
E 4 HOH 5   305 5   HOH HOH A . 
E 4 HOH 6   306 6   HOH HOH A . 
E 4 HOH 7   307 7   HOH HOH A . 
E 4 HOH 8   308 8   HOH HOH A . 
E 4 HOH 9   309 9   HOH HOH A . 
E 4 HOH 10  310 10  HOH HOH A . 
E 4 HOH 11  311 11  HOH HOH A . 
E 4 HOH 12  312 12  HOH HOH A . 
E 4 HOH 13  313 13  HOH HOH A . 
E 4 HOH 14  314 14  HOH HOH A . 
E 4 HOH 15  315 15  HOH HOH A . 
E 4 HOH 16  316 16  HOH HOH A . 
E 4 HOH 17  317 17  HOH HOH A . 
E 4 HOH 18  318 18  HOH HOH A . 
E 4 HOH 19  319 19  HOH HOH A . 
E 4 HOH 20  320 20  HOH HOH A . 
E 4 HOH 21  321 21  HOH HOH A . 
E 4 HOH 22  322 22  HOH HOH A . 
E 4 HOH 23  323 23  HOH HOH A . 
E 4 HOH 24  324 24  HOH HOH A . 
E 4 HOH 25  325 25  HOH HOH A . 
E 4 HOH 26  326 26  HOH HOH A . 
E 4 HOH 27  327 27  HOH HOH A . 
E 4 HOH 28  328 28  HOH HOH A . 
E 4 HOH 29  329 29  HOH HOH A . 
E 4 HOH 30  330 30  HOH HOH A . 
E 4 HOH 31  331 31  HOH HOH A . 
E 4 HOH 32  332 32  HOH HOH A . 
E 4 HOH 33  333 33  HOH HOH A . 
E 4 HOH 34  334 34  HOH HOH A . 
E 4 HOH 35  335 35  HOH HOH A . 
E 4 HOH 36  336 36  HOH HOH A . 
E 4 HOH 37  337 37  HOH HOH A . 
E 4 HOH 38  338 38  HOH HOH A . 
E 4 HOH 39  339 39  HOH HOH A . 
E 4 HOH 40  340 40  HOH HOH A . 
E 4 HOH 41  341 41  HOH HOH A . 
E 4 HOH 42  342 42  HOH HOH A . 
E 4 HOH 43  343 43  HOH HOH A . 
E 4 HOH 44  344 44  HOH HOH A . 
E 4 HOH 45  345 45  HOH HOH A . 
E 4 HOH 46  346 46  HOH HOH A . 
E 4 HOH 47  347 47  HOH HOH A . 
E 4 HOH 48  348 48  HOH HOH A . 
E 4 HOH 49  349 49  HOH HOH A . 
E 4 HOH 50  350 50  HOH HOH A . 
E 4 HOH 51  351 51  HOH HOH A . 
E 4 HOH 52  352 52  HOH HOH A . 
E 4 HOH 53  353 53  HOH HOH A . 
E 4 HOH 54  354 54  HOH HOH A . 
E 4 HOH 55  355 55  HOH HOH A . 
E 4 HOH 56  356 56  HOH HOH A . 
E 4 HOH 57  357 57  HOH HOH A . 
E 4 HOH 58  358 58  HOH HOH A . 
E 4 HOH 59  359 59  HOH HOH A . 
E 4 HOH 60  360 60  HOH HOH A . 
E 4 HOH 61  361 61  HOH HOH A . 
E 4 HOH 62  362 62  HOH HOH A . 
E 4 HOH 63  363 63  HOH HOH A . 
E 4 HOH 64  364 64  HOH HOH A . 
E 4 HOH 65  365 65  HOH HOH A . 
E 4 HOH 66  366 66  HOH HOH A . 
E 4 HOH 67  367 67  HOH HOH A . 
E 4 HOH 68  368 68  HOH HOH A . 
E 4 HOH 69  369 69  HOH HOH A . 
E 4 HOH 70  370 70  HOH HOH A . 
E 4 HOH 71  371 71  HOH HOH A . 
E 4 HOH 72  372 72  HOH HOH A . 
E 4 HOH 73  373 73  HOH HOH A . 
E 4 HOH 74  374 74  HOH HOH A . 
E 4 HOH 75  375 75  HOH HOH A . 
E 4 HOH 76  376 76  HOH HOH A . 
E 4 HOH 77  377 77  HOH HOH A . 
E 4 HOH 78  378 78  HOH HOH A . 
E 4 HOH 79  379 79  HOH HOH A . 
E 4 HOH 80  380 80  HOH HOH A . 
E 4 HOH 81  381 81  HOH HOH A . 
E 4 HOH 82  382 82  HOH HOH A . 
E 4 HOH 83  383 83  HOH HOH A . 
E 4 HOH 84  384 84  HOH HOH A . 
E 4 HOH 85  385 85  HOH HOH A . 
E 4 HOH 86  386 86  HOH HOH A . 
E 4 HOH 87  387 87  HOH HOH A . 
E 4 HOH 88  388 88  HOH HOH A . 
E 4 HOH 89  389 89  HOH HOH A . 
E 4 HOH 90  390 90  HOH HOH A . 
E 4 HOH 91  391 91  HOH HOH A . 
E 4 HOH 92  392 92  HOH HOH A . 
E 4 HOH 93  393 93  HOH HOH A . 
E 4 HOH 94  394 94  HOH HOH A . 
E 4 HOH 95  395 95  HOH HOH A . 
E 4 HOH 96  396 96  HOH HOH A . 
E 4 HOH 97  397 97  HOH HOH A . 
E 4 HOH 98  398 98  HOH HOH A . 
E 4 HOH 99  399 99  HOH HOH A . 
E 4 HOH 100 400 100 HOH HOH A . 
E 4 HOH 101 401 101 HOH HOH A . 
E 4 HOH 102 402 102 HOH HOH A . 
E 4 HOH 103 403 103 HOH HOH A . 
E 4 HOH 104 404 104 HOH HOH A . 
E 4 HOH 105 405 105 HOH HOH A . 
E 4 HOH 106 406 106 HOH HOH A . 
E 4 HOH 107 407 107 HOH HOH A . 
E 4 HOH 108 408 108 HOH HOH A . 
E 4 HOH 109 409 109 HOH HOH A . 
E 4 HOH 110 410 110 HOH HOH A . 
E 4 HOH 111 411 111 HOH HOH A . 
E 4 HOH 112 412 112 HOH HOH A . 
E 4 HOH 113 413 113 HOH HOH A . 
E 4 HOH 114 414 114 HOH HOH A . 
E 4 HOH 115 415 115 HOH HOH A . 
E 4 HOH 116 416 116 HOH HOH A . 
E 4 HOH 117 417 117 HOH HOH A . 
E 4 HOH 118 418 118 HOH HOH A . 
E 4 HOH 119 419 119 HOH HOH A . 
E 4 HOH 120 420 120 HOH HOH A . 
E 4 HOH 121 421 121 HOH HOH A . 
E 4 HOH 122 422 122 HOH HOH A . 
E 4 HOH 123 423 123 HOH HOH A . 
E 4 HOH 124 424 124 HOH HOH A . 
E 4 HOH 125 425 125 HOH HOH A . 
E 4 HOH 126 426 126 HOH HOH A . 
E 4 HOH 127 427 127 HOH HOH A . 
E 4 HOH 128 428 128 HOH HOH A . 
E 4 HOH 129 429 129 HOH HOH A . 
E 4 HOH 130 430 130 HOH HOH A . 
E 4 HOH 131 431 131 HOH HOH A . 
E 4 HOH 132 432 132 HOH HOH A . 
E 4 HOH 133 433 133 HOH HOH A . 
E 4 HOH 134 434 134 HOH HOH A . 
E 4 HOH 135 435 135 HOH HOH A . 
E 4 HOH 136 436 136 HOH HOH A . 
E 4 HOH 137 437 137 HOH HOH A . 
E 4 HOH 138 438 138 HOH HOH A . 
E 4 HOH 139 439 139 HOH HOH A . 
E 4 HOH 140 440 140 HOH HOH A . 
E 4 HOH 141 441 141 HOH HOH A . 
E 4 HOH 142 442 142 HOH HOH A . 
E 4 HOH 143 443 143 HOH HOH A . 
E 4 HOH 144 444 144 HOH HOH A . 
E 4 HOH 145 445 145 HOH HOH A . 
E 4 HOH 146 446 146 HOH HOH A . 
E 4 HOH 147 447 147 HOH HOH A . 
E 4 HOH 148 448 148 HOH HOH A . 
E 4 HOH 149 449 149 HOH HOH A . 
E 4 HOH 150 450 150 HOH HOH A . 
E 4 HOH 151 451 151 HOH HOH A . 
E 4 HOH 152 452 152 HOH HOH A . 
E 4 HOH 153 453 153 HOH HOH A . 
E 4 HOH 154 454 154 HOH HOH A . 
E 4 HOH 155 455 155 HOH HOH A . 
E 4 HOH 156 456 156 HOH HOH A . 
E 4 HOH 157 457 157 HOH HOH A . 
E 4 HOH 158 458 158 HOH HOH A . 
E 4 HOH 159 459 159 HOH HOH A . 
E 4 HOH 160 460 160 HOH HOH A . 
E 4 HOH 161 461 161 HOH HOH A . 
E 4 HOH 162 462 162 HOH HOH A . 
E 4 HOH 163 463 163 HOH HOH A . 
E 4 HOH 164 464 164 HOH HOH A . 
E 4 HOH 165 465 165 HOH HOH A . 
E 4 HOH 166 466 166 HOH HOH A . 
E 4 HOH 167 467 167 HOH HOH A . 
E 4 HOH 168 468 168 HOH HOH A . 
E 4 HOH 169 469 169 HOH HOH A . 
E 4 HOH 170 470 170 HOH HOH A . 
E 4 HOH 171 471 171 HOH HOH A . 
E 4 HOH 172 472 172 HOH HOH A . 
E 4 HOH 173 473 173 HOH HOH A . 
E 4 HOH 174 474 174 HOH HOH A . 
E 4 HOH 175 475 175 HOH HOH A . 
E 4 HOH 176 476 176 HOH HOH A . 
E 4 HOH 177 477 177 HOH HOH A . 
E 4 HOH 178 478 178 HOH HOH A . 
E 4 HOH 179 479 179 HOH HOH A . 
E 4 HOH 180 480 180 HOH HOH A . 
E 4 HOH 181 481 181 HOH HOH A . 
E 4 HOH 182 482 182 HOH HOH A . 
E 4 HOH 183 483 183 HOH HOH A . 
E 4 HOH 184 484 184 HOH HOH A . 
E 4 HOH 185 485 185 HOH HOH A . 
E 4 HOH 186 486 186 HOH HOH A . 
E 4 HOH 187 487 187 HOH HOH A . 
E 4 HOH 188 488 188 HOH HOH A . 
E 4 HOH 189 489 189 HOH HOH A . 
E 4 HOH 190 490 190 HOH HOH A . 
E 4 HOH 191 491 191 HOH HOH A . 
E 4 HOH 192 492 192 HOH HOH A . 
E 4 HOH 193 493 193 HOH HOH A . 
E 4 HOH 194 494 194 HOH HOH A . 
E 4 HOH 195 495 195 HOH HOH A . 
E 4 HOH 196 496 196 HOH HOH A . 
E 4 HOH 197 497 197 HOH HOH A . 
E 4 HOH 198 498 198 HOH HOH A . 
E 4 HOH 199 499 199 HOH HOH A . 
E 4 HOH 200 500 200 HOH HOH A . 
E 4 HOH 201 501 201 HOH HOH A . 
E 4 HOH 202 502 202 HOH HOH A . 
E 4 HOH 203 503 203 HOH HOH A . 
# 
loop_
_pdbx_unobs_or_zero_occ_atoms.id 
_pdbx_unobs_or_zero_occ_atoms.PDB_model_num 
_pdbx_unobs_or_zero_occ_atoms.polymer_flag 
_pdbx_unobs_or_zero_occ_atoms.occupancy_flag 
_pdbx_unobs_or_zero_occ_atoms.auth_asym_id 
_pdbx_unobs_or_zero_occ_atoms.auth_comp_id 
_pdbx_unobs_or_zero_occ_atoms.auth_seq_id 
_pdbx_unobs_or_zero_occ_atoms.PDB_ins_code 
_pdbx_unobs_or_zero_occ_atoms.auth_atom_id 
_pdbx_unobs_or_zero_occ_atoms.label_alt_id 
_pdbx_unobs_or_zero_occ_atoms.label_asym_id 
_pdbx_unobs_or_zero_occ_atoms.label_comp_id 
_pdbx_unobs_or_zero_occ_atoms.label_seq_id 
_pdbx_unobs_or_zero_occ_atoms.label_atom_id 
1 1 N 1 A PG4 202 ? O1 ? C PG4 1 O1 
2 1 N 1 A PG4 203 ? O1 ? D PG4 1 O1 
# 
loop_
_software.name 
_software.classification 
_software.version 
_software.citation_id 
_software.pdbx_ordinal 
ADSC     'data collection' Quantum                       ? 1 
SOLVE    phasing           .                             ? 2 
PHENIX   refinement        '(phenix.refine: 1.8.2_1309)' ? 3 
HKL-2000 'data reduction'  .                             ? 4 
HKL-2000 'data scaling'    .                             ? 5 
# 
_cell.entry_id           4PQQ 
_cell.length_a           98.303 
_cell.length_b           98.303 
_cell.length_c           57.317 
_cell.angle_alpha        90.00 
_cell.angle_beta         90.00 
_cell.angle_gamma        120.00 
_cell.Z_PDB              9 
_cell.pdbx_unique_axis   ? 
_cell.length_a_esd       ? 
_cell.length_b_esd       ? 
_cell.length_c_esd       ? 
_cell.angle_alpha_esd    ? 
_cell.angle_beta_esd     ? 
_cell.angle_gamma_esd    ? 
# 
_symmetry.entry_id                         4PQQ 
_symmetry.space_group_name_H-M             'H 3' 
_symmetry.pdbx_full_space_group_name_H-M   ? 
_symmetry.cell_setting                     ? 
_symmetry.Int_Tables_number                146 
_symmetry.space_group_name_Hall            ? 
# 
_exptl.entry_id          4PQQ 
_exptl.method            'X-RAY DIFFRACTION' 
_exptl.crystals_number   2 
# 
_exptl_crystal.id                    1 
_exptl_crystal.density_meas          ? 
_exptl_crystal.density_Matthews      2.92 
_exptl_crystal.density_percent_sol   57.81 
_exptl_crystal.description           ? 
_exptl_crystal.F_000                 ? 
_exptl_crystal.preparation           ? 
# 
_exptl_crystal_grow.crystal_id      1 
_exptl_crystal_grow.method          'VAPOR DIFFUSION, HANGING DROP' 
_exptl_crystal_grow.temp            295 
_exptl_crystal_grow.temp_details    ? 
_exptl_crystal_grow.pH              5.5 
_exptl_crystal_grow.pdbx_details    
'25% PEG 1500, 0.1M SPG(succinate-Phosphate-glycine), pH 5.5, VAPOR DIFFUSION, HANGING DROP, temperature 295K' 
_exptl_crystal_grow.pdbx_pH_range   ? 
# 
loop_
_diffrn.id 
_diffrn.ambient_temp 
_diffrn.ambient_temp_details 
_diffrn.crystal_id 
1 100 ? 1 
2 100 ? 1 
# 
loop_
_diffrn_detector.diffrn_id 
_diffrn_detector.detector 
_diffrn_detector.type 
_diffrn_detector.pdbx_collection_date 
_diffrn_detector.details 
1 CCD 'ADSC QUANTUM 315r' 2013-03-28 mirrors 
2 CCD 'ADSC QUANTUM 315r' 2013-06-20 mirrors 
# 
loop_
_diffrn_radiation.diffrn_id 
_diffrn_radiation.wavelength_id 
_diffrn_radiation.pdbx_monochromatic_or_laue_m_l 
_diffrn_radiation.monochromator 
_diffrn_radiation.pdbx_diffrn_protocol 
_diffrn_radiation.pdbx_scattering_type 
1 1 M 'double crystal' 'SINGLE WAVELENGTH' x-ray 
2 1 M 'double crystal' MAD                 x-ray 
# 
loop_
_diffrn_radiation_wavelength.id 
_diffrn_radiation_wavelength.wavelength 
_diffrn_radiation_wavelength.wt 
1 0.97951 1.0 
2 0.97918 1.0 
# 
loop_
_diffrn_source.diffrn_id 
_diffrn_source.source 
_diffrn_source.type 
_diffrn_source.pdbx_synchrotron_site 
_diffrn_source.pdbx_synchrotron_beamline 
_diffrn_source.pdbx_wavelength 
_diffrn_source.pdbx_wavelength_list 
1 SYNCHROTRON 'PAL/PLS BEAMLINE 5C (4A)' PAL/PLS '5C (4A)' ? 0.97951 
2 SYNCHROTRON 'PAL/PLS BEAMLINE 5C (4A)' PAL/PLS '5C (4A)' ? 0.97918 
# 
_reflns.entry_id                     4PQQ 
_reflns.observed_criterion_sigma_I   1.0 
_reflns.observed_criterion_sigma_F   1.0 
_reflns.d_resolution_low             50.00 
_reflns.d_resolution_high            1.55 
_reflns.number_obs                   ? 
_reflns.number_all                   29472 
_reflns.percent_possible_obs         98.2 
_reflns.pdbx_Rmerge_I_obs            0.069 
_reflns.pdbx_Rsym_value              0.069 
_reflns.pdbx_netI_over_sigmaI        24.395 
_reflns.B_iso_Wilson_estimate        15.31 
_reflns.pdbx_redundancy              4.1 
_reflns.R_free_details               ? 
_reflns.limit_h_max                  ? 
_reflns.limit_h_min                  ? 
_reflns.limit_k_max                  ? 
_reflns.limit_k_min                  ? 
_reflns.limit_l_max                  ? 
_reflns.limit_l_min                  ? 
_reflns.observed_criterion_F_max     ? 
_reflns.observed_criterion_F_min     ? 
_reflns.pdbx_chi_squared             ? 
_reflns.pdbx_scaling_rejects         ? 
_reflns.pdbx_ordinal                 1 
_reflns.pdbx_diffrn_id               1,2 
# 
_reflns_shell.d_res_high             1.55 
_reflns_shell.d_res_low              1.61 
_reflns_shell.percent_possible_all   90.8 
_reflns_shell.Rmerge_I_obs           0.184 
_reflns_shell.pdbx_Rsym_value        ? 
_reflns_shell.meanI_over_sigI_obs    5.69 
_reflns_shell.pdbx_redundancy        2.5 
_reflns_shell.percent_possible_obs   ? 
_reflns_shell.number_unique_all      ? 
_reflns_shell.number_measured_all    ? 
_reflns_shell.number_measured_obs    ? 
_reflns_shell.number_unique_obs      ? 
_reflns_shell.pdbx_chi_squared       ? 
_reflns_shell.pdbx_ordinal           1 
_reflns_shell.pdbx_diffrn_id         1,2 
# 
_refine.entry_id                                 4PQQ 
_refine.ls_number_reflns_obs                     29469 
_refine.ls_number_reflns_all                     29472 
_refine.pdbx_ls_sigma_I                          ? 
_refine.pdbx_ls_sigma_F                          2.27 
_refine.pdbx_data_cutoff_high_absF               ? 
_refine.pdbx_data_cutoff_low_absF                ? 
_refine.pdbx_data_cutoff_high_rms_absF           ? 
_refine.ls_d_res_low                             27.161 
_refine.ls_d_res_high                            1.550 
_refine.ls_percent_reflns_obs                    98.22 
_refine.ls_R_factor_obs                          0.1546 
_refine.ls_R_factor_all                          0.163 
_refine.ls_R_factor_R_work                       0.1530 
_refine.ls_R_factor_R_free                       0.1762 
_refine.ls_R_factor_R_free_error                 ? 
_refine.ls_R_factor_R_free_error_details         ? 
_refine.ls_percent_reflns_R_free                 6.87 
_refine.ls_number_reflns_R_free                  2024 
_refine.ls_number_parameters                     ? 
_refine.ls_number_restraints                     ? 
_refine.occupancy_min                            ? 
_refine.occupancy_max                            ? 
_refine.correlation_coeff_Fo_to_Fc               ? 
_refine.correlation_coeff_Fo_to_Fc_free          ? 
_refine.B_iso_mean                               ? 
_refine.aniso_B[1][1]                            ? 
_refine.aniso_B[2][2]                            ? 
_refine.aniso_B[3][3]                            ? 
_refine.aniso_B[1][2]                            ? 
_refine.aniso_B[1][3]                            ? 
_refine.aniso_B[2][3]                            ? 
_refine.solvent_model_details                    'FLAT BULK SOLVENT MODEL' 
_refine.solvent_model_param_ksol                 ? 
_refine.solvent_model_param_bsol                 ? 
_refine.pdbx_solvent_vdw_probe_radii             1.11 
_refine.pdbx_solvent_ion_probe_radii             ? 
_refine.pdbx_solvent_shrinkage_radii             0.90 
_refine.pdbx_ls_cross_valid_method               ? 
_refine.details                                  ? 
_refine.pdbx_starting_model                      ? 
_refine.pdbx_method_to_determine_struct          SAD 
_refine.pdbx_isotropic_thermal_model             ? 
_refine.pdbx_stereochemistry_target_values       ML 
_refine.pdbx_stereochem_target_val_spec_case     ? 
_refine.pdbx_R_Free_selection_details            RANDOM 
_refine.pdbx_overall_ESU_R                       ? 
_refine.pdbx_overall_ESU_R_Free                  ? 
_refine.overall_SU_ML                            0.13 
_refine.pdbx_overall_phase_error                 17.02 
_refine.overall_SU_B                             ? 
_refine.overall_SU_R_Cruickshank_DPI             ? 
_refine.ls_redundancy_reflns_obs                 ? 
_refine.B_iso_min                                ? 
_refine.B_iso_max                                ? 
_refine.overall_SU_R_free                        ? 
_refine.ls_wR_factor_R_free                      ? 
_refine.ls_wR_factor_R_work                      ? 
_refine.overall_FOM_free_R_set                   ? 
_refine.overall_FOM_work_R_set                   ? 
_refine.pdbx_diffrn_id                           1,2 
_refine.pdbx_refine_id                           'X-RAY DIFFRACTION' 
_refine.pdbx_TLS_residual_ADP_flag               ? 
_refine.pdbx_overall_SU_R_free_Cruickshank_DPI   ? 
_refine.pdbx_overall_SU_R_Blow_DPI               ? 
_refine.pdbx_overall_SU_R_free_Blow_DPI          ? 
# 
_refine_hist.pdbx_refine_id                   'X-RAY DIFFRACTION' 
_refine_hist.cycle_id                         LAST 
_refine_hist.pdbx_number_atoms_protein        1288 
_refine_hist.pdbx_number_atoms_nucleic_acid   0 
_refine_hist.pdbx_number_atoms_ligand         29 
_refine_hist.number_atoms_solvent             203 
_refine_hist.number_atoms_total               1520 
_refine_hist.d_res_high                       1.550 
_refine_hist.d_res_low                        27.161 
# 
loop_
_refine_ls_restr.type 
_refine_ls_restr.dev_ideal 
_refine_ls_restr.dev_ideal_target 
_refine_ls_restr.weight 
_refine_ls_restr.number 
_refine_ls_restr.pdbx_restraint_function 
_refine_ls_restr.pdbx_refine_id 
f_bond_d           0.007  ? ? 1353 ? 'X-RAY DIFFRACTION' 
f_angle_d          1.142  ? ? 1827 ? 'X-RAY DIFFRACTION' 
f_dihedral_angle_d 14.894 ? ? 512  ? 'X-RAY DIFFRACTION' 
f_chiral_restr     0.091  ? ? 190  ? 'X-RAY DIFFRACTION' 
f_plane_restr      0.006  ? ? 228  ? 'X-RAY DIFFRACTION' 
# 
loop_
_refine_ls_shell.pdbx_total_number_of_bins_used 
_refine_ls_shell.d_res_high 
_refine_ls_shell.d_res_low 
_refine_ls_shell.number_reflns_R_work 
_refine_ls_shell.R_factor_R_work 
_refine_ls_shell.percent_reflns_obs 
_refine_ls_shell.R_factor_R_free 
_refine_ls_shell.R_factor_R_free_error 
_refine_ls_shell.percent_reflns_R_free 
_refine_ls_shell.number_reflns_R_free 
_refine_ls_shell.number_reflns_all 
_refine_ls_shell.R_factor_all 
_refine_ls_shell.number_reflns_obs 
_refine_ls_shell.redundancy_reflns_obs 
_refine_ls_shell.pdbx_refine_id 
. 1.5498 1.5886  1807 0.1938 89.00  0.2268 . . 131 . . . . 'X-RAY DIFFRACTION' 
. 1.5886 1.6315  1918 0.1916 97.00  0.1912 . . 142 . . . . 'X-RAY DIFFRACTION' 
. 1.6315 1.6795  1938 0.1764 98.00  0.2120 . . 150 . . . . 'X-RAY DIFFRACTION' 
. 1.6795 1.7337  1953 0.1733 98.00  0.2076 . . 140 . . . . 'X-RAY DIFFRACTION' 
. 1.7337 1.7957  1977 0.1574 98.00  0.2048 . . 157 . . . . 'X-RAY DIFFRACTION' 
. 1.7957 1.8676  1983 0.1500 99.00  0.1632 . . 139 . . . . 'X-RAY DIFFRACTION' 
. 1.8676 1.9525  1954 0.1514 100.00 0.1931 . . 148 . . . . 'X-RAY DIFFRACTION' 
. 1.9525 2.0554  1998 0.1508 99.00  0.1926 . . 129 . . . . 'X-RAY DIFFRACTION' 
. 2.0554 2.1842  1998 0.1432 100.00 0.1700 . . 146 . . . . 'X-RAY DIFFRACTION' 
. 2.1842 2.3527  1962 0.1541 100.00 0.1988 . . 162 . . . . 'X-RAY DIFFRACTION' 
. 2.3527 2.5893  2000 0.1618 100.00 0.1514 . . 151 . . . . 'X-RAY DIFFRACTION' 
. 2.5893 2.9636  2000 0.1655 100.00 0.2120 . . 137 . . . . 'X-RAY DIFFRACTION' 
. 2.9636 3.7323  1980 0.1477 100.00 0.1759 . . 154 . . . . 'X-RAY DIFFRACTION' 
. 3.7323 27.1650 1977 0.1355 99.00  0.1364 . . 138 . . . . 'X-RAY DIFFRACTION' 
# 
_struct.entry_id                  4PQQ 
_struct.title                     'The crystal structure of discoidin domain from muskelin' 
_struct.pdbx_model_details        ? 
_struct.pdbx_CASP_flag            ? 
_struct.pdbx_model_type_details   ? 
# 
_struct_keywords.entry_id        4PQQ 
_struct_keywords.pdbx_keywords   'PROTEIN BINDING' 
_struct_keywords.text            
'jelly-roll, cell spreading mediator, prostaglandin EP3 receptor, alpha isoform, RANBP9, Phosphorylation, PROTEIN BINDING' 
# 
loop_
_struct_asym.id 
_struct_asym.pdbx_blank_PDB_chainid_flag 
_struct_asym.pdbx_modified 
_struct_asym.entity_id 
_struct_asym.details 
A N N 1 ? 
B N N 2 ? 
C N N 3 ? 
D N N 3 ? 
E N N 4 ? 
# 
_struct_ref.id                         1 
_struct_ref.db_name                    UNP 
_struct_ref.db_code                    MKLN1_MOUSE 
_struct_ref.pdbx_db_accession          O89050 
_struct_ref.entity_id                  1 
_struct_ref.pdbx_seq_one_letter_code   
;ECRLLPYALHKWSSFSSTYLPENILVDKPNDQSSRWSSESNYPPQYLILKLERPAIVQNITFGKYEKTHVCNLKKFKVFG
GMNEENMTELLSSGLKNDYNKETFTLKHKIDEQMFPCRFIKIVPLLSWGPSFNFSIWYVELSGIDDPDIVQPCLNW
;
_struct_ref.pdbx_align_begin           12 
_struct_ref.pdbx_db_isoform            ? 
# 
_struct_ref_seq.align_id                      1 
_struct_ref_seq.ref_id                        1 
_struct_ref_seq.pdbx_PDB_id_code              4PQQ 
_struct_ref_seq.pdbx_strand_id                A 
_struct_ref_seq.seq_align_beg                 1 
_struct_ref_seq.pdbx_seq_align_beg_ins_code   ? 
_struct_ref_seq.seq_align_end                 156 
_struct_ref_seq.pdbx_seq_align_end_ins_code   ? 
_struct_ref_seq.pdbx_db_accession             O89050 
_struct_ref_seq.db_align_beg                  12 
_struct_ref_seq.pdbx_db_align_beg_ins_code    ? 
_struct_ref_seq.db_align_end                  167 
_struct_ref_seq.pdbx_db_align_end_ins_code    ? 
_struct_ref_seq.pdbx_auth_seq_align_beg       12 
_struct_ref_seq.pdbx_auth_seq_align_end       167 
# 
_pdbx_struct_assembly.id                   1 
_pdbx_struct_assembly.details              author_and_software_defined_assembly 
_pdbx_struct_assembly.method_details       PISA 
_pdbx_struct_assembly.oligomeric_details   monomeric 
_pdbx_struct_assembly.oligomeric_count     1 
# 
_pdbx_struct_assembly_gen.assembly_id       1 
_pdbx_struct_assembly_gen.oper_expression   1 
_pdbx_struct_assembly_gen.asym_id_list      A,B,C,D,E 
# 
_pdbx_struct_oper_list.id                   1 
_pdbx_struct_oper_list.type                 'identity operation' 
_pdbx_struct_oper_list.name                 1_555 
_pdbx_struct_oper_list.symmetry_operation   x,y,z 
_pdbx_struct_oper_list.matrix[1][1]         1.0000000000 
_pdbx_struct_oper_list.matrix[1][2]         0.0000000000 
_pdbx_struct_oper_list.matrix[1][3]         0.0000000000 
_pdbx_struct_oper_list.vector[1]            0.0000000000 
_pdbx_struct_oper_list.matrix[2][1]         0.0000000000 
_pdbx_struct_oper_list.matrix[2][2]         1.0000000000 
_pdbx_struct_oper_list.matrix[2][3]         0.0000000000 
_pdbx_struct_oper_list.vector[2]            0.0000000000 
_pdbx_struct_oper_list.matrix[3][1]         0.0000000000 
_pdbx_struct_oper_list.matrix[3][2]         0.0000000000 
_pdbx_struct_oper_list.matrix[3][3]         1.0000000000 
_pdbx_struct_oper_list.vector[3]            0.0000000000 
# 
_struct_biol.id        1 
_struct_biol.details   ? 
# 
loop_
_struct_conf.conf_type_id 
_struct_conf.id 
_struct_conf.pdbx_PDB_helix_id 
_struct_conf.beg_label_comp_id 
_struct_conf.beg_label_asym_id 
_struct_conf.beg_label_seq_id 
_struct_conf.pdbx_beg_PDB_ins_code 
_struct_conf.end_label_comp_id 
_struct_conf.end_label_asym_id 
_struct_conf.end_label_seq_id 
_struct_conf.pdbx_end_PDB_ins_code 
_struct_conf.beg_auth_comp_id 
_struct_conf.beg_auth_asym_id 
_struct_conf.beg_auth_seq_id 
_struct_conf.end_auth_comp_id 
_struct_conf.end_auth_asym_id 
_struct_conf.end_auth_seq_id 
_struct_conf.pdbx_PDB_helix_class 
_struct_conf.details 
_struct_conf.pdbx_PDB_helix_length 
HELX_P HELX_P1 1 LEU A 20  ? VAL A 26  ? LEU A 31  VAL A 37  5 ? 7 
HELX_P HELX_P2 2 ASP A 146 ? GLN A 151 ? ASP A 157 GLN A 162 1 ? 6 
HELX_P HELX_P3 3 PRO A 152 ? LEU A 154 ? PRO A 163 LEU A 165 5 ? 3 
# 
_struct_conf_type.id          HELX_P 
_struct_conf_type.criteria    ? 
_struct_conf_type.reference   ? 
# 
_struct_mon_prot_cis.pdbx_id                1 
_struct_mon_prot_cis.label_comp_id          PRO 
_struct_mon_prot_cis.label_seq_id           43 
_struct_mon_prot_cis.label_asym_id          A 
_struct_mon_prot_cis.label_alt_id           . 
_struct_mon_prot_cis.pdbx_PDB_ins_code      ? 
_struct_mon_prot_cis.auth_comp_id           PRO 
_struct_mon_prot_cis.auth_seq_id            54 
_struct_mon_prot_cis.auth_asym_id           A 
_struct_mon_prot_cis.pdbx_label_comp_id_2   PRO 
_struct_mon_prot_cis.pdbx_label_seq_id_2    44 
_struct_mon_prot_cis.pdbx_label_asym_id_2   A 
_struct_mon_prot_cis.pdbx_PDB_ins_code_2    ? 
_struct_mon_prot_cis.pdbx_auth_comp_id_2    PRO 
_struct_mon_prot_cis.pdbx_auth_seq_id_2     55 
_struct_mon_prot_cis.pdbx_auth_asym_id_2    A 
_struct_mon_prot_cis.pdbx_PDB_model_num     1 
_struct_mon_prot_cis.pdbx_omega_angle       0.23 
# 
loop_
_struct_sheet.id 
_struct_sheet.type 
_struct_sheet.number_strands 
_struct_sheet.details 
A ? 6 ? 
B ? 3 ? 
C ? 2 ? 
D ? 2 ? 
# 
loop_
_struct_sheet_order.sheet_id 
_struct_sheet_order.range_id_1 
_struct_sheet_order.range_id_2 
_struct_sheet_order.offset 
_struct_sheet_order.sense 
A 1 2 ? anti-parallel 
A 2 3 ? anti-parallel 
A 3 4 ? anti-parallel 
A 4 5 ? anti-parallel 
A 5 6 ? anti-parallel 
B 1 2 ? anti-parallel 
B 2 3 ? anti-parallel 
C 1 2 ? anti-parallel 
D 1 2 ? anti-parallel 
# 
loop_
_struct_sheet_range.sheet_id 
_struct_sheet_range.id 
_struct_sheet_range.beg_label_comp_id 
_struct_sheet_range.beg_label_asym_id 
_struct_sheet_range.beg_label_seq_id 
_struct_sheet_range.pdbx_beg_PDB_ins_code 
_struct_sheet_range.end_label_comp_id 
_struct_sheet_range.end_label_asym_id 
_struct_sheet_range.end_label_seq_id 
_struct_sheet_range.pdbx_end_PDB_ins_code 
_struct_sheet_range.beg_auth_comp_id 
_struct_sheet_range.beg_auth_asym_id 
_struct_sheet_range.beg_auth_seq_id 
_struct_sheet_range.end_auth_comp_id 
_struct_sheet_range.end_auth_asym_id 
_struct_sheet_range.end_auth_seq_id 
A 1 ARG A 3   ? LEU A 4   ? ARG A 14  LEU A 15  
A 2 VAL A 139 ? ILE A 144 ? VAL A 150 ILE A 155 
A 3 LEU A 47  ? PHE A 62  ? LEU A 58  PHE A 73  
A 4 CYS A 117 ? SER A 127 ? CYS A 128 SER A 138 
A 5 LEU A 73  ? ASN A 83  ? LEU A 84  ASN A 94  
A 6 ASN A 86  ? SER A 93  ? ASN A 97  SER A 104 
B 1 TYR A 7   ? TRP A 12  ? TYR A 18  TRP A 23  
B 2 LEU A 47  ? PHE A 62  ? LEU A 58  PHE A 73  
B 3 GLU A 102 ? THR A 105 ? GLU A 113 THR A 116 
C 1 TRP A 36  ? SER A 37  ? TRP A 47  SER A 48  
C 2 SER A 135 ? ILE A 136 ? SER A 146 ILE A 147 
D 1 LYS A 109 ? ILE A 110 ? LYS A 120 ILE A 121 
D 2 GLN A 113 ? MET A 114 ? GLN A 124 MET A 125 
# 
loop_
_pdbx_struct_sheet_hbond.sheet_id 
_pdbx_struct_sheet_hbond.range_id_1 
_pdbx_struct_sheet_hbond.range_id_2 
_pdbx_struct_sheet_hbond.range_1_label_atom_id 
_pdbx_struct_sheet_hbond.range_1_label_comp_id 
_pdbx_struct_sheet_hbond.range_1_label_asym_id 
_pdbx_struct_sheet_hbond.range_1_label_seq_id 
_pdbx_struct_sheet_hbond.range_1_PDB_ins_code 
_pdbx_struct_sheet_hbond.range_1_auth_atom_id 
_pdbx_struct_sheet_hbond.range_1_auth_comp_id 
_pdbx_struct_sheet_hbond.range_1_auth_asym_id 
_pdbx_struct_sheet_hbond.range_1_auth_seq_id 
_pdbx_struct_sheet_hbond.range_2_label_atom_id 
_pdbx_struct_sheet_hbond.range_2_label_comp_id 
_pdbx_struct_sheet_hbond.range_2_label_asym_id 
_pdbx_struct_sheet_hbond.range_2_label_seq_id 
_pdbx_struct_sheet_hbond.range_2_PDB_ins_code 
_pdbx_struct_sheet_hbond.range_2_auth_atom_id 
_pdbx_struct_sheet_hbond.range_2_auth_comp_id 
_pdbx_struct_sheet_hbond.range_2_auth_asym_id 
_pdbx_struct_sheet_hbond.range_2_auth_seq_id 
A 1 2 N ARG A 3   ? N ARG A 14  O GLY A 143 ? O GLY A 154 
A 2 3 O ILE A 144 ? O ILE A 155 N ILE A 56  ? N ILE A 67  
A 3 4 N LEU A 49  ? N LEU A 60  O ILE A 120 ? O ILE A 131 
A 4 5 O VAL A 123 ? O VAL A 134 N LYS A 77  ? N LYS A 88  
A 5 6 N VAL A 78  ? N VAL A 89  O LEU A 90  ? O LEU A 101 
B 1 2 N LYS A 11  ? N LYS A 22  O ILE A 48  ? O ILE A 59  
B 2 3 N ILE A 60  ? N ILE A 71  O PHE A 104 ? O PHE A 115 
C 1 2 N TRP A 36  ? N TRP A 47  O ILE A 136 ? O ILE A 147 
D 1 2 N ILE A 110 ? N ILE A 121 O GLN A 113 ? O GLN A 124 
# 
loop_
_struct_site.id 
_struct_site.pdbx_evidence_code 
_struct_site.pdbx_auth_asym_id 
_struct_site.pdbx_auth_comp_id 
_struct_site.pdbx_auth_seq_id 
_struct_site.pdbx_auth_ins_code 
_struct_site.pdbx_num_residues 
_struct_site.details 
AC1 Software A PO4 201 ? 11 'BINDING SITE FOR RESIDUE PO4 A 201' 
AC2 Software A PG4 202 ? 4  'BINDING SITE FOR RESIDUE PG4 A 202' 
AC3 Software A PG4 203 ? 8  'BINDING SITE FOR RESIDUE PG4 A 203' 
# 
loop_
_struct_site_gen.id 
_struct_site_gen.site_id 
_struct_site_gen.pdbx_num_res 
_struct_site_gen.label_comp_id 
_struct_site_gen.label_asym_id 
_struct_site_gen.label_seq_id 
_struct_site_gen.pdbx_auth_ins_code 
_struct_site_gen.auth_comp_id 
_struct_site_gen.auth_asym_id 
_struct_site_gen.auth_seq_id 
_struct_site_gen.label_atom_id 
_struct_site_gen.label_alt_id 
_struct_site_gen.symmetry 
_struct_site_gen.details 
1  AC1 11 PHE A 15  ? PHE A 26  . ? 1_555 ? 
2  AC1 11 SER A 16  ? SER A 27  . ? 1_555 ? 
3  AC1 11 SER A 17  ? SER A 28  . ? 1_555 ? 
4  AC1 11 GLU A 39  ? GLU A 50  . ? 1_555 ? 
5  AC1 11 ARG A 118 ? ARG A 129 . ? 2_665 ? 
6  AC1 11 HOH E .   ? HOH A 335 . ? 1_555 ? 
7  AC1 11 HOH E .   ? HOH A 352 . ? 1_555 ? 
8  AC1 11 HOH E .   ? HOH A 356 . ? 1_555 ? 
9  AC1 11 HOH E .   ? HOH A 369 . ? 1_555 ? 
10 AC1 11 HOH E .   ? HOH A 438 . ? 1_555 ? 
11 AC1 11 HOH E .   ? HOH A 453 . ? 1_555 ? 
12 AC2 4  PHE A 79  ? PHE A 90  . ? 1_555 ? 
13 AC2 4  GLU A 84  ? GLU A 95  . ? 1_555 ? 
14 AC2 4  LYS A 121 ? LYS A 132 . ? 1_555 ? 
15 AC2 4  HOH E .   ? HOH A 370 . ? 1_555 ? 
16 AC3 8  TYR A 42  ? TYR A 53  . ? 3_565 ? 
17 AC3 8  ASN A 86  ? ASN A 97  . ? 1_555 ? 
18 AC3 8  THR A 88  ? THR A 99  . ? 1_555 ? 
19 AC3 8  ILE A 110 ? ILE A 121 . ? 1_555 ? 
20 AC3 8  ASN A 155 ? ASN A 166 . ? 1_555 ? 
21 AC3 8  HOH E .   ? HOH A 325 . ? 1_555 ? 
22 AC3 8  HOH E .   ? HOH A 349 . ? 3_565 ? 
23 AC3 8  HOH E .   ? HOH A 456 . ? 3_565 ? 
# 
loop_
_chem_comp_atom.comp_id 
_chem_comp_atom.atom_id 
_chem_comp_atom.type_symbol 
_chem_comp_atom.pdbx_aromatic_flag 
_chem_comp_atom.pdbx_stereo_config 
_chem_comp_atom.pdbx_ordinal 
ALA N    N N N 1   
ALA CA   C N S 2   
ALA C    C N N 3   
ALA O    O N N 4   
ALA CB   C N N 5   
ALA OXT  O N N 6   
ALA H    H N N 7   
ALA H2   H N N 8   
ALA HA   H N N 9   
ALA HB1  H N N 10  
ALA HB2  H N N 11  
ALA HB3  H N N 12  
ALA HXT  H N N 13  
ARG N    N N N 14  
ARG CA   C N S 15  
ARG C    C N N 16  
ARG O    O N N 17  
ARG CB   C N N 18  
ARG CG   C N N 19  
ARG CD   C N N 20  
ARG NE   N N N 21  
ARG CZ   C N N 22  
ARG NH1  N N N 23  
ARG NH2  N N N 24  
ARG OXT  O N N 25  
ARG H    H N N 26  
ARG H2   H N N 27  
ARG HA   H N N 28  
ARG HB2  H N N 29  
ARG HB3  H N N 30  
ARG HG2  H N N 31  
ARG HG3  H N N 32  
ARG HD2  H N N 33  
ARG HD3  H N N 34  
ARG HE   H N N 35  
ARG HH11 H N N 36  
ARG HH12 H N N 37  
ARG HH21 H N N 38  
ARG HH22 H N N 39  
ARG HXT  H N N 40  
ASN N    N N N 41  
ASN CA   C N S 42  
ASN C    C N N 43  
ASN O    O N N 44  
ASN CB   C N N 45  
ASN CG   C N N 46  
ASN OD1  O N N 47  
ASN ND2  N N N 48  
ASN OXT  O N N 49  
ASN H    H N N 50  
ASN H2   H N N 51  
ASN HA   H N N 52  
ASN HB2  H N N 53  
ASN HB3  H N N 54  
ASN HD21 H N N 55  
ASN HD22 H N N 56  
ASN HXT  H N N 57  
ASP N    N N N 58  
ASP CA   C N S 59  
ASP C    C N N 60  
ASP O    O N N 61  
ASP CB   C N N 62  
ASP CG   C N N 63  
ASP OD1  O N N 64  
ASP OD2  O N N 65  
ASP OXT  O N N 66  
ASP H    H N N 67  
ASP H2   H N N 68  
ASP HA   H N N 69  
ASP HB2  H N N 70  
ASP HB3  H N N 71  
ASP HD2  H N N 72  
ASP HXT  H N N 73  
CYS N    N N N 74  
CYS CA   C N R 75  
CYS C    C N N 76  
CYS O    O N N 77  
CYS CB   C N N 78  
CYS SG   S N N 79  
CYS OXT  O N N 80  
CYS H    H N N 81  
CYS H2   H N N 82  
CYS HA   H N N 83  
CYS HB2  H N N 84  
CYS HB3  H N N 85  
CYS HG   H N N 86  
CYS HXT  H N N 87  
GLN N    N N N 88  
GLN CA   C N S 89  
GLN C    C N N 90  
GLN O    O N N 91  
GLN CB   C N N 92  
GLN CG   C N N 93  
GLN CD   C N N 94  
GLN OE1  O N N 95  
GLN NE2  N N N 96  
GLN OXT  O N N 97  
GLN H    H N N 98  
GLN H2   H N N 99  
GLN HA   H N N 100 
GLN HB2  H N N 101 
GLN HB3  H N N 102 
GLN HG2  H N N 103 
GLN HG3  H N N 104 
GLN HE21 H N N 105 
GLN HE22 H N N 106 
GLN HXT  H N N 107 
GLU N    N N N 108 
GLU CA   C N S 109 
GLU C    C N N 110 
GLU O    O N N 111 
GLU CB   C N N 112 
GLU CG   C N N 113 
GLU CD   C N N 114 
GLU OE1  O N N 115 
GLU OE2  O N N 116 
GLU OXT  O N N 117 
GLU H    H N N 118 
GLU H2   H N N 119 
GLU HA   H N N 120 
GLU HB2  H N N 121 
GLU HB3  H N N 122 
GLU HG2  H N N 123 
GLU HG3  H N N 124 
GLU HE2  H N N 125 
GLU HXT  H N N 126 
GLY N    N N N 127 
GLY CA   C N N 128 
GLY C    C N N 129 
GLY O    O N N 130 
GLY OXT  O N N 131 
GLY H    H N N 132 
GLY H2   H N N 133 
GLY HA2  H N N 134 
GLY HA3  H N N 135 
GLY HXT  H N N 136 
HIS N    N N N 137 
HIS CA   C N S 138 
HIS C    C N N 139 
HIS O    O N N 140 
HIS CB   C N N 141 
HIS CG   C Y N 142 
HIS ND1  N Y N 143 
HIS CD2  C Y N 144 
HIS CE1  C Y N 145 
HIS NE2  N Y N 146 
HIS OXT  O N N 147 
HIS H    H N N 148 
HIS H2   H N N 149 
HIS HA   H N N 150 
HIS HB2  H N N 151 
HIS HB3  H N N 152 
HIS HD1  H N N 153 
HIS HD2  H N N 154 
HIS HE1  H N N 155 
HIS HE2  H N N 156 
HIS HXT  H N N 157 
HOH O    O N N 158 
HOH H1   H N N 159 
HOH H2   H N N 160 
ILE N    N N N 161 
ILE CA   C N S 162 
ILE C    C N N 163 
ILE O    O N N 164 
ILE CB   C N S 165 
ILE CG1  C N N 166 
ILE CG2  C N N 167 
ILE CD1  C N N 168 
ILE OXT  O N N 169 
ILE H    H N N 170 
ILE H2   H N N 171 
ILE HA   H N N 172 
ILE HB   H N N 173 
ILE HG12 H N N 174 
ILE HG13 H N N 175 
ILE HG21 H N N 176 
ILE HG22 H N N 177 
ILE HG23 H N N 178 
ILE HD11 H N N 179 
ILE HD12 H N N 180 
ILE HD13 H N N 181 
ILE HXT  H N N 182 
LEU N    N N N 183 
LEU CA   C N S 184 
LEU C    C N N 185 
LEU O    O N N 186 
LEU CB   C N N 187 
LEU CG   C N N 188 
LEU CD1  C N N 189 
LEU CD2  C N N 190 
LEU OXT  O N N 191 
LEU H    H N N 192 
LEU H2   H N N 193 
LEU HA   H N N 194 
LEU HB2  H N N 195 
LEU HB3  H N N 196 
LEU HG   H N N 197 
LEU HD11 H N N 198 
LEU HD12 H N N 199 
LEU HD13 H N N 200 
LEU HD21 H N N 201 
LEU HD22 H N N 202 
LEU HD23 H N N 203 
LEU HXT  H N N 204 
LYS N    N N N 205 
LYS CA   C N S 206 
LYS C    C N N 207 
LYS O    O N N 208 
LYS CB   C N N 209 
LYS CG   C N N 210 
LYS CD   C N N 211 
LYS CE   C N N 212 
LYS NZ   N N N 213 
LYS OXT  O N N 214 
LYS H    H N N 215 
LYS H2   H N N 216 
LYS HA   H N N 217 
LYS HB2  H N N 218 
LYS HB3  H N N 219 
LYS HG2  H N N 220 
LYS HG3  H N N 221 
LYS HD2  H N N 222 
LYS HD3  H N N 223 
LYS HE2  H N N 224 
LYS HE3  H N N 225 
LYS HZ1  H N N 226 
LYS HZ2  H N N 227 
LYS HZ3  H N N 228 
LYS HXT  H N N 229 
MET N    N N N 230 
MET CA   C N S 231 
MET C    C N N 232 
MET O    O N N 233 
MET CB   C N N 234 
MET CG   C N N 235 
MET SD   S N N 236 
MET CE   C N N 237 
MET OXT  O N N 238 
MET H    H N N 239 
MET H2   H N N 240 
MET HA   H N N 241 
MET HB2  H N N 242 
MET HB3  H N N 243 
MET HG2  H N N 244 
MET HG3  H N N 245 
MET HE1  H N N 246 
MET HE2  H N N 247 
MET HE3  H N N 248 
MET HXT  H N N 249 
PG4 O1   O N N 250 
PG4 C1   C N N 251 
PG4 C2   C N N 252 
PG4 O2   O N N 253 
PG4 C3   C N N 254 
PG4 C4   C N N 255 
PG4 O3   O N N 256 
PG4 C5   C N N 257 
PG4 C6   C N N 258 
PG4 O4   O N N 259 
PG4 C7   C N N 260 
PG4 C8   C N N 261 
PG4 O5   O N N 262 
PG4 HO1  H N N 263 
PG4 H11  H N N 264 
PG4 H12  H N N 265 
PG4 H21  H N N 266 
PG4 H22  H N N 267 
PG4 H31  H N N 268 
PG4 H32  H N N 269 
PG4 H41  H N N 270 
PG4 H42  H N N 271 
PG4 H51  H N N 272 
PG4 H52  H N N 273 
PG4 H61  H N N 274 
PG4 H62  H N N 275 
PG4 H71  H N N 276 
PG4 H72  H N N 277 
PG4 H81  H N N 278 
PG4 H82  H N N 279 
PG4 HO5  H N N 280 
PHE N    N N N 281 
PHE CA   C N S 282 
PHE C    C N N 283 
PHE O    O N N 284 
PHE CB   C N N 285 
PHE CG   C Y N 286 
PHE CD1  C Y N 287 
PHE CD2  C Y N 288 
PHE CE1  C Y N 289 
PHE CE2  C Y N 290 
PHE CZ   C Y N 291 
PHE OXT  O N N 292 
PHE H    H N N 293 
PHE H2   H N N 294 
PHE HA   H N N 295 
PHE HB2  H N N 296 
PHE HB3  H N N 297 
PHE HD1  H N N 298 
PHE HD2  H N N 299 
PHE HE1  H N N 300 
PHE HE2  H N N 301 
PHE HZ   H N N 302 
PHE HXT  H N N 303 
PO4 P    P N N 304 
PO4 O1   O N N 305 
PO4 O2   O N N 306 
PO4 O3   O N N 307 
PO4 O4   O N N 308 
PRO N    N N N 309 
PRO CA   C N S 310 
PRO C    C N N 311 
PRO O    O N N 312 
PRO CB   C N N 313 
PRO CG   C N N 314 
PRO CD   C N N 315 
PRO OXT  O N N 316 
PRO H    H N N 317 
PRO HA   H N N 318 
PRO HB2  H N N 319 
PRO HB3  H N N 320 
PRO HG2  H N N 321 
PRO HG3  H N N 322 
PRO HD2  H N N 323 
PRO HD3  H N N 324 
PRO HXT  H N N 325 
SER N    N N N 326 
SER CA   C N S 327 
SER C    C N N 328 
SER O    O N N 329 
SER CB   C N N 330 
SER OG   O N N 331 
SER OXT  O N N 332 
SER H    H N N 333 
SER H2   H N N 334 
SER HA   H N N 335 
SER HB2  H N N 336 
SER HB3  H N N 337 
SER HG   H N N 338 
SER HXT  H N N 339 
THR N    N N N 340 
THR CA   C N S 341 
THR C    C N N 342 
THR O    O N N 343 
THR CB   C N R 344 
THR OG1  O N N 345 
THR CG2  C N N 346 
THR OXT  O N N 347 
THR H    H N N 348 
THR H2   H N N 349 
THR HA   H N N 350 
THR HB   H N N 351 
THR HG1  H N N 352 
THR HG21 H N N 353 
THR HG22 H N N 354 
THR HG23 H N N 355 
THR HXT  H N N 356 
TRP N    N N N 357 
TRP CA   C N S 358 
TRP C    C N N 359 
TRP O    O N N 360 
TRP CB   C N N 361 
TRP CG   C Y N 362 
TRP CD1  C Y N 363 
TRP CD2  C Y N 364 
TRP NE1  N Y N 365 
TRP CE2  C Y N 366 
TRP CE3  C Y N 367 
TRP CZ2  C Y N 368 
TRP CZ3  C Y N 369 
TRP CH2  C Y N 370 
TRP OXT  O N N 371 
TRP H    H N N 372 
TRP H2   H N N 373 
TRP HA   H N N 374 
TRP HB2  H N N 375 
TRP HB3  H N N 376 
TRP HD1  H N N 377 
TRP HE1  H N N 378 
TRP HE3  H N N 379 
TRP HZ2  H N N 380 
TRP HZ3  H N N 381 
TRP HH2  H N N 382 
TRP HXT  H N N 383 
TYR N    N N N 384 
TYR CA   C N S 385 
TYR C    C N N 386 
TYR O    O N N 387 
TYR CB   C N N 388 
TYR CG   C Y N 389 
TYR CD1  C Y N 390 
TYR CD2  C Y N 391 
TYR CE1  C Y N 392 
TYR CE2  C Y N 393 
TYR CZ   C Y N 394 
TYR OH   O N N 395 
TYR OXT  O N N 396 
TYR H    H N N 397 
TYR H2   H N N 398 
TYR HA   H N N 399 
TYR HB2  H N N 400 
TYR HB3  H N N 401 
TYR HD1  H N N 402 
TYR HD2  H N N 403 
TYR HE1  H N N 404 
TYR HE2  H N N 405 
TYR HH   H N N 406 
TYR HXT  H N N 407 
VAL N    N N N 408 
VAL CA   C N S 409 
VAL C    C N N 410 
VAL O    O N N 411 
VAL CB   C N N 412 
VAL CG1  C N N 413 
VAL CG2  C N N 414 
VAL OXT  O N N 415 
VAL H    H N N 416 
VAL H2   H N N 417 
VAL HA   H N N 418 
VAL HB   H N N 419 
VAL HG11 H N N 420 
VAL HG12 H N N 421 
VAL HG13 H N N 422 
VAL HG21 H N N 423 
VAL HG22 H N N 424 
VAL HG23 H N N 425 
VAL HXT  H N N 426 
# 
loop_
_chem_comp_bond.comp_id 
_chem_comp_bond.atom_id_1 
_chem_comp_bond.atom_id_2 
_chem_comp_bond.value_order 
_chem_comp_bond.pdbx_aromatic_flag 
_chem_comp_bond.pdbx_stereo_config 
_chem_comp_bond.pdbx_ordinal 
ALA N   CA   sing N N 1   
ALA N   H    sing N N 2   
ALA N   H2   sing N N 3   
ALA CA  C    sing N N 4   
ALA CA  CB   sing N N 5   
ALA CA  HA   sing N N 6   
ALA C   O    doub N N 7   
ALA C   OXT  sing N N 8   
ALA CB  HB1  sing N N 9   
ALA CB  HB2  sing N N 10  
ALA CB  HB3  sing N N 11  
ALA OXT HXT  sing N N 12  
ARG N   CA   sing N N 13  
ARG N   H    sing N N 14  
ARG N   H2   sing N N 15  
ARG CA  C    sing N N 16  
ARG CA  CB   sing N N 17  
ARG CA  HA   sing N N 18  
ARG C   O    doub N N 19  
ARG C   OXT  sing N N 20  
ARG CB  CG   sing N N 21  
ARG CB  HB2  sing N N 22  
ARG CB  HB3  sing N N 23  
ARG CG  CD   sing N N 24  
ARG CG  HG2  sing N N 25  
ARG CG  HG3  sing N N 26  
ARG CD  NE   sing N N 27  
ARG CD  HD2  sing N N 28  
ARG CD  HD3  sing N N 29  
ARG NE  CZ   sing N N 30  
ARG NE  HE   sing N N 31  
ARG CZ  NH1  sing N N 32  
ARG CZ  NH2  doub N N 33  
ARG NH1 HH11 sing N N 34  
ARG NH1 HH12 sing N N 35  
ARG NH2 HH21 sing N N 36  
ARG NH2 HH22 sing N N 37  
ARG OXT HXT  sing N N 38  
ASN N   CA   sing N N 39  
ASN N   H    sing N N 40  
ASN N   H2   sing N N 41  
ASN CA  C    sing N N 42  
ASN CA  CB   sing N N 43  
ASN CA  HA   sing N N 44  
ASN C   O    doub N N 45  
ASN C   OXT  sing N N 46  
ASN CB  CG   sing N N 47  
ASN CB  HB2  sing N N 48  
ASN CB  HB3  sing N N 49  
ASN CG  OD1  doub N N 50  
ASN CG  ND2  sing N N 51  
ASN ND2 HD21 sing N N 52  
ASN ND2 HD22 sing N N 53  
ASN OXT HXT  sing N N 54  
ASP N   CA   sing N N 55  
ASP N   H    sing N N 56  
ASP N   H2   sing N N 57  
ASP CA  C    sing N N 58  
ASP CA  CB   sing N N 59  
ASP CA  HA   sing N N 60  
ASP C   O    doub N N 61  
ASP C   OXT  sing N N 62  
ASP CB  CG   sing N N 63  
ASP CB  HB2  sing N N 64  
ASP CB  HB3  sing N N 65  
ASP CG  OD1  doub N N 66  
ASP CG  OD2  sing N N 67  
ASP OD2 HD2  sing N N 68  
ASP OXT HXT  sing N N 69  
CYS N   CA   sing N N 70  
CYS N   H    sing N N 71  
CYS N   H2   sing N N 72  
CYS CA  C    sing N N 73  
CYS CA  CB   sing N N 74  
CYS CA  HA   sing N N 75  
CYS C   O    doub N N 76  
CYS C   OXT  sing N N 77  
CYS CB  SG   sing N N 78  
CYS CB  HB2  sing N N 79  
CYS CB  HB3  sing N N 80  
CYS SG  HG   sing N N 81  
CYS OXT HXT  sing N N 82  
GLN N   CA   sing N N 83  
GLN N   H    sing N N 84  
GLN N   H2   sing N N 85  
GLN CA  C    sing N N 86  
GLN CA  CB   sing N N 87  
GLN CA  HA   sing N N 88  
GLN C   O    doub N N 89  
GLN C   OXT  sing N N 90  
GLN CB  CG   sing N N 91  
GLN CB  HB2  sing N N 92  
GLN CB  HB3  sing N N 93  
GLN CG  CD   sing N N 94  
GLN CG  HG2  sing N N 95  
GLN CG  HG3  sing N N 96  
GLN CD  OE1  doub N N 97  
GLN CD  NE2  sing N N 98  
GLN NE2 HE21 sing N N 99  
GLN NE2 HE22 sing N N 100 
GLN OXT HXT  sing N N 101 
GLU N   CA   sing N N 102 
GLU N   H    sing N N 103 
GLU N   H2   sing N N 104 
GLU CA  C    sing N N 105 
GLU CA  CB   sing N N 106 
GLU CA  HA   sing N N 107 
GLU C   O    doub N N 108 
GLU C   OXT  sing N N 109 
GLU CB  CG   sing N N 110 
GLU CB  HB2  sing N N 111 
GLU CB  HB3  sing N N 112 
GLU CG  CD   sing N N 113 
GLU CG  HG2  sing N N 114 
GLU CG  HG3  sing N N 115 
GLU CD  OE1  doub N N 116 
GLU CD  OE2  sing N N 117 
GLU OE2 HE2  sing N N 118 
GLU OXT HXT  sing N N 119 
GLY N   CA   sing N N 120 
GLY N   H    sing N N 121 
GLY N   H2   sing N N 122 
GLY CA  C    sing N N 123 
GLY CA  HA2  sing N N 124 
GLY CA  HA3  sing N N 125 
GLY C   O    doub N N 126 
GLY C   OXT  sing N N 127 
GLY OXT HXT  sing N N 128 
HIS N   CA   sing N N 129 
HIS N   H    sing N N 130 
HIS N   H2   sing N N 131 
HIS CA  C    sing N N 132 
HIS CA  CB   sing N N 133 
HIS CA  HA   sing N N 134 
HIS C   O    doub N N 135 
HIS C   OXT  sing N N 136 
HIS CB  CG   sing N N 137 
HIS CB  HB2  sing N N 138 
HIS CB  HB3  sing N N 139 
HIS CG  ND1  sing Y N 140 
HIS CG  CD2  doub Y N 141 
HIS ND1 CE1  doub Y N 142 
HIS ND1 HD1  sing N N 143 
HIS CD2 NE2  sing Y N 144 
HIS CD2 HD2  sing N N 145 
HIS CE1 NE2  sing Y N 146 
HIS CE1 HE1  sing N N 147 
HIS NE2 HE2  sing N N 148 
HIS OXT HXT  sing N N 149 
HOH O   H1   sing N N 150 
HOH O   H2   sing N N 151 
ILE N   CA   sing N N 152 
ILE N   H    sing N N 153 
ILE N   H2   sing N N 154 
ILE CA  C    sing N N 155 
ILE CA  CB   sing N N 156 
ILE CA  HA   sing N N 157 
ILE C   O    doub N N 158 
ILE C   OXT  sing N N 159 
ILE CB  CG1  sing N N 160 
ILE CB  CG2  sing N N 161 
ILE CB  HB   sing N N 162 
ILE CG1 CD1  sing N N 163 
ILE CG1 HG12 sing N N 164 
ILE CG1 HG13 sing N N 165 
ILE CG2 HG21 sing N N 166 
ILE CG2 HG22 sing N N 167 
ILE CG2 HG23 sing N N 168 
ILE CD1 HD11 sing N N 169 
ILE CD1 HD12 sing N N 170 
ILE CD1 HD13 sing N N 171 
ILE OXT HXT  sing N N 172 
LEU N   CA   sing N N 173 
LEU N   H    sing N N 174 
LEU N   H2   sing N N 175 
LEU CA  C    sing N N 176 
LEU CA  CB   sing N N 177 
LEU CA  HA   sing N N 178 
LEU C   O    doub N N 179 
LEU C   OXT  sing N N 180 
LEU CB  CG   sing N N 181 
LEU CB  HB2  sing N N 182 
LEU CB  HB3  sing N N 183 
LEU CG  CD1  sing N N 184 
LEU CG  CD2  sing N N 185 
LEU CG  HG   sing N N 186 
LEU CD1 HD11 sing N N 187 
LEU CD1 HD12 sing N N 188 
LEU CD1 HD13 sing N N 189 
LEU CD2 HD21 sing N N 190 
LEU CD2 HD22 sing N N 191 
LEU CD2 HD23 sing N N 192 
LEU OXT HXT  sing N N 193 
LYS N   CA   sing N N 194 
LYS N   H    sing N N 195 
LYS N   H2   sing N N 196 
LYS CA  C    sing N N 197 
LYS CA  CB   sing N N 198 
LYS CA  HA   sing N N 199 
LYS C   O    doub N N 200 
LYS C   OXT  sing N N 201 
LYS CB  CG   sing N N 202 
LYS CB  HB2  sing N N 203 
LYS CB  HB3  sing N N 204 
LYS CG  CD   sing N N 205 
LYS CG  HG2  sing N N 206 
LYS CG  HG3  sing N N 207 
LYS CD  CE   sing N N 208 
LYS CD  HD2  sing N N 209 
LYS CD  HD3  sing N N 210 
LYS CE  NZ   sing N N 211 
LYS CE  HE2  sing N N 212 
LYS CE  HE3  sing N N 213 
LYS NZ  HZ1  sing N N 214 
LYS NZ  HZ2  sing N N 215 
LYS NZ  HZ3  sing N N 216 
LYS OXT HXT  sing N N 217 
MET N   CA   sing N N 218 
MET N   H    sing N N 219 
MET N   H2   sing N N 220 
MET CA  C    sing N N 221 
MET CA  CB   sing N N 222 
MET CA  HA   sing N N 223 
MET C   O    doub N N 224 
MET C   OXT  sing N N 225 
MET CB  CG   sing N N 226 
MET CB  HB2  sing N N 227 
MET CB  HB3  sing N N 228 
MET CG  SD   sing N N 229 
MET CG  HG2  sing N N 230 
MET CG  HG3  sing N N 231 
MET SD  CE   sing N N 232 
MET CE  HE1  sing N N 233 
MET CE  HE2  sing N N 234 
MET CE  HE3  sing N N 235 
MET OXT HXT  sing N N 236 
PG4 O1  C1   sing N N 237 
PG4 O1  HO1  sing N N 238 
PG4 C1  C2   sing N N 239 
PG4 C1  H11  sing N N 240 
PG4 C1  H12  sing N N 241 
PG4 C2  O2   sing N N 242 
PG4 C2  H21  sing N N 243 
PG4 C2  H22  sing N N 244 
PG4 O2  C3   sing N N 245 
PG4 C3  C4   sing N N 246 
PG4 C3  H31  sing N N 247 
PG4 C3  H32  sing N N 248 
PG4 C4  O3   sing N N 249 
PG4 C4  H41  sing N N 250 
PG4 C4  H42  sing N N 251 
PG4 O3  C5   sing N N 252 
PG4 C5  C6   sing N N 253 
PG4 C5  H51  sing N N 254 
PG4 C5  H52  sing N N 255 
PG4 C6  O4   sing N N 256 
PG4 C6  H61  sing N N 257 
PG4 C6  H62  sing N N 258 
PG4 O4  C7   sing N N 259 
PG4 C7  C8   sing N N 260 
PG4 C7  H71  sing N N 261 
PG4 C7  H72  sing N N 262 
PG4 C8  O5   sing N N 263 
PG4 C8  H81  sing N N 264 
PG4 C8  H82  sing N N 265 
PG4 O5  HO5  sing N N 266 
PHE N   CA   sing N N 267 
PHE N   H    sing N N 268 
PHE N   H2   sing N N 269 
PHE CA  C    sing N N 270 
PHE CA  CB   sing N N 271 
PHE CA  HA   sing N N 272 
PHE C   O    doub N N 273 
PHE C   OXT  sing N N 274 
PHE CB  CG   sing N N 275 
PHE CB  HB2  sing N N 276 
PHE CB  HB3  sing N N 277 
PHE CG  CD1  doub Y N 278 
PHE CG  CD2  sing Y N 279 
PHE CD1 CE1  sing Y N 280 
PHE CD1 HD1  sing N N 281 
PHE CD2 CE2  doub Y N 282 
PHE CD2 HD2  sing N N 283 
PHE CE1 CZ   doub Y N 284 
PHE CE1 HE1  sing N N 285 
PHE CE2 CZ   sing Y N 286 
PHE CE2 HE2  sing N N 287 
PHE CZ  HZ   sing N N 288 
PHE OXT HXT  sing N N 289 
PO4 P   O1   doub N N 290 
PO4 P   O2   sing N N 291 
PO4 P   O3   sing N N 292 
PO4 P   O4   sing N N 293 
PRO N   CA   sing N N 294 
PRO N   CD   sing N N 295 
PRO N   H    sing N N 296 
PRO CA  C    sing N N 297 
PRO CA  CB   sing N N 298 
PRO CA  HA   sing N N 299 
PRO C   O    doub N N 300 
PRO C   OXT  sing N N 301 
PRO CB  CG   sing N N 302 
PRO CB  HB2  sing N N 303 
PRO CB  HB3  sing N N 304 
PRO CG  CD   sing N N 305 
PRO CG  HG2  sing N N 306 
PRO CG  HG3  sing N N 307 
PRO CD  HD2  sing N N 308 
PRO CD  HD3  sing N N 309 
PRO OXT HXT  sing N N 310 
SER N   CA   sing N N 311 
SER N   H    sing N N 312 
SER N   H2   sing N N 313 
SER CA  C    sing N N 314 
SER CA  CB   sing N N 315 
SER CA  HA   sing N N 316 
SER C   O    doub N N 317 
SER C   OXT  sing N N 318 
SER CB  OG   sing N N 319 
SER CB  HB2  sing N N 320 
SER CB  HB3  sing N N 321 
SER OG  HG   sing N N 322 
SER OXT HXT  sing N N 323 
THR N   CA   sing N N 324 
THR N   H    sing N N 325 
THR N   H2   sing N N 326 
THR CA  C    sing N N 327 
THR CA  CB   sing N N 328 
THR CA  HA   sing N N 329 
THR C   O    doub N N 330 
THR C   OXT  sing N N 331 
THR CB  OG1  sing N N 332 
THR CB  CG2  sing N N 333 
THR CB  HB   sing N N 334 
THR OG1 HG1  sing N N 335 
THR CG2 HG21 sing N N 336 
THR CG2 HG22 sing N N 337 
THR CG2 HG23 sing N N 338 
THR OXT HXT  sing N N 339 
TRP N   CA   sing N N 340 
TRP N   H    sing N N 341 
TRP N   H2   sing N N 342 
TRP CA  C    sing N N 343 
TRP CA  CB   sing N N 344 
TRP CA  HA   sing N N 345 
TRP C   O    doub N N 346 
TRP C   OXT  sing N N 347 
TRP CB  CG   sing N N 348 
TRP CB  HB2  sing N N 349 
TRP CB  HB3  sing N N 350 
TRP CG  CD1  doub Y N 351 
TRP CG  CD2  sing Y N 352 
TRP CD1 NE1  sing Y N 353 
TRP CD1 HD1  sing N N 354 
TRP CD2 CE2  doub Y N 355 
TRP CD2 CE3  sing Y N 356 
TRP NE1 CE2  sing Y N 357 
TRP NE1 HE1  sing N N 358 
TRP CE2 CZ2  sing Y N 359 
TRP CE3 CZ3  doub Y N 360 
TRP CE3 HE3  sing N N 361 
TRP CZ2 CH2  doub Y N 362 
TRP CZ2 HZ2  sing N N 363 
TRP CZ3 CH2  sing Y N 364 
TRP CZ3 HZ3  sing N N 365 
TRP CH2 HH2  sing N N 366 
TRP OXT HXT  sing N N 367 
TYR N   CA   sing N N 368 
TYR N   H    sing N N 369 
TYR N   H2   sing N N 370 
TYR CA  C    sing N N 371 
TYR CA  CB   sing N N 372 
TYR CA  HA   sing N N 373 
TYR C   O    doub N N 374 
TYR C   OXT  sing N N 375 
TYR CB  CG   sing N N 376 
TYR CB  HB2  sing N N 377 
TYR CB  HB3  sing N N 378 
TYR CG  CD1  doub Y N 379 
TYR CG  CD2  sing Y N 380 
TYR CD1 CE1  sing Y N 381 
TYR CD1 HD1  sing N N 382 
TYR CD2 CE2  doub Y N 383 
TYR CD2 HD2  sing N N 384 
TYR CE1 CZ   doub Y N 385 
TYR CE1 HE1  sing N N 386 
TYR CE2 CZ   sing Y N 387 
TYR CE2 HE2  sing N N 388 
TYR CZ  OH   sing N N 389 
TYR OH  HH   sing N N 390 
TYR OXT HXT  sing N N 391 
VAL N   CA   sing N N 392 
VAL N   H    sing N N 393 
VAL N   H2   sing N N 394 
VAL CA  C    sing N N 395 
VAL CA  CB   sing N N 396 
VAL CA  HA   sing N N 397 
VAL C   O    doub N N 398 
VAL C   OXT  sing N N 399 
VAL CB  CG1  sing N N 400 
VAL CB  CG2  sing N N 401 
VAL CB  HB   sing N N 402 
VAL CG1 HG11 sing N N 403 
VAL CG1 HG12 sing N N 404 
VAL CG1 HG13 sing N N 405 
VAL CG2 HG21 sing N N 406 
VAL CG2 HG22 sing N N 407 
VAL CG2 HG23 sing N N 408 
VAL OXT HXT  sing N N 409 
# 
_atom_sites.entry_id                    4PQQ 
_atom_sites.fract_transf_matrix[1][1]   0.00294046 
_atom_sites.fract_transf_matrix[1][2]   -0.00491114 
_atom_sites.fract_transf_matrix[1][3]   0.01025751 
_atom_sites.fract_transf_matrix[2][1]   0.00854179 
_atom_sites.fract_transf_matrix[2][2]   0.00472014 
_atom_sites.fract_transf_matrix[2][3]   0.00653656 
_atom_sites.fract_transf_matrix[3][1]   -0.01175654 
_atom_sites.fract_transf_matrix[3][2]   0.00998662 
_atom_sites.fract_transf_matrix[3][3]   0.00815163 
_atom_sites.fract_transf_vector[1]      0.568629 
_atom_sites.fract_transf_vector[2]      0.734034 
_atom_sites.fract_transf_vector[3]      0.472097 
# 
loop_
_atom_type.symbol 
C 
N 
O 
P 
S 
# 
loop_
_atom_site.group_PDB 
_atom_site.id 
_atom_site.type_symbol 
_atom_site.label_atom_id 
_atom_site.label_alt_id 
_atom_site.label_comp_id 
_atom_site.label_asym_id 
_atom_site.label_entity_id 
_atom_site.label_seq_id 
_atom_site.pdbx_PDB_ins_code 
_atom_site.Cartn_x 
_atom_site.Cartn_y 
_atom_site.Cartn_z 
_atom_site.occupancy 
_atom_site.B_iso_or_equiv 
_atom_site.pdbx_formal_charge 
_atom_site.auth_seq_id 
_atom_site.auth_comp_id 
_atom_site.auth_asym_id 
_atom_site.auth_atom_id 
_atom_site.pdbx_PDB_model_num 
ATOM   1    N N   . GLU A 1 1   ? -9.924  -17.604 4.725   1.00 39.78 ? 12  GLU A N   1 
ATOM   2    C CA  . GLU A 1 1   ? -10.587 -17.220 3.483   1.00 32.06 ? 12  GLU A CA  1 
ATOM   3    C C   . GLU A 1 1   ? -9.778  -16.115 2.813   1.00 22.69 ? 12  GLU A C   1 
ATOM   4    O O   . GLU A 1 1   ? -9.914  -15.853 1.617   1.00 30.69 ? 12  GLU A O   1 
ATOM   5    C CB  . GLU A 1 1   ? -12.004 -16.727 3.772   1.00 35.83 ? 12  GLU A CB  1 
ATOM   6    C CG  . GLU A 1 1   ? -13.046 -17.204 2.774   1.00 43.90 ? 12  GLU A CG  1 
ATOM   7    C CD  . GLU A 1 1   ? -14.370 -16.484 2.929   1.00 46.38 ? 12  GLU A CD  1 
ATOM   8    O OE1 . GLU A 1 1   ? -14.956 -16.091 1.899   1.00 47.70 ? 12  GLU A OE1 1 
ATOM   9    O OE2 . GLU A 1 1   ? -14.826 -16.314 4.079   1.00 59.48 ? 12  GLU A OE2 1 
ATOM   10   N N   . CYS A 1 2   ? -8.927  -15.464 3.599   1.00 28.27 ? 13  CYS A N   1 
ATOM   11   C CA  . CYS A 1 2   ? -8.086  -14.387 3.091   1.00 30.06 ? 13  CYS A CA  1 
ATOM   12   C C   . CYS A 1 2   ? -6.746  -14.921 2.596   1.00 25.43 ? 13  CYS A C   1 
ATOM   13   O O   . CYS A 1 2   ? -6.071  -15.674 3.296   1.00 27.77 ? 13  CYS A O   1 
ATOM   14   C CB  . CYS A 1 2   ? -7.862  -13.327 4.172   1.00 37.75 ? 13  CYS A CB  1 
ATOM   15   S SG  . CYS A 1 2   ? -7.309  -11.724 3.544   1.00 34.52 ? 13  CYS A SG  1 
ATOM   16   N N   . ARG A 1 3   ? -6.368  -14.525 1.384   1.00 12.18 ? 14  ARG A N   1 
ATOM   17   C CA  . ARG A 1 3   ? -5.111  -14.964 0.793   1.00 11.40 ? 14  ARG A CA  1 
ATOM   18   C C   . ARG A 1 3   ? -4.313  -13.782 0.253   1.00 10.97 ? 14  ARG A C   1 
ATOM   19   O O   . ARG A 1 3   ? -4.840  -12.680 0.104   1.00 11.32 ? 14  ARG A O   1 
ATOM   20   C CB  . ARG A 1 3   ? -5.369  -15.977 -0.324  1.00 13.95 ? 14  ARG A CB  1 
ATOM   21   C CG  . ARG A 1 3   ? -6.149  -15.417 -1.502  1.00 16.01 ? 14  ARG A CG  1 
ATOM   22   C CD  . ARG A 1 3   ? -6.580  -16.520 -2.454  1.00 17.44 ? 14  ARG A CD  1 
ATOM   23   N NE  . ARG A 1 3   ? -5.567  -16.792 -3.471  1.00 39.03 ? 14  ARG A NE  1 
ATOM   24   C CZ  . ARG A 1 3   ? -4.809  -17.883 -3.496  1.00 29.12 ? 14  ARG A CZ  1 
ATOM   25   N NH1 . ARG A 1 3   ? -4.947  -18.812 -2.559  1.00 20.81 ? 14  ARG A NH1 1 
ATOM   26   N NH2 . ARG A 1 3   ? -3.913  -18.047 -4.459  1.00 26.91 ? 14  ARG A NH2 1 
ATOM   27   N N   . LEU A 1 4   ? -3.038  -14.020 -0.041  1.00 13.06 ? 15  LEU A N   1 
ATOM   28   C CA  . LEU A 1 4   ? -2.166  -12.977 -0.568  1.00 10.60 ? 15  LEU A CA  1 
ATOM   29   C C   . LEU A 1 4   ? -2.524  -12.636 -2.010  1.00 12.83 ? 15  LEU A C   1 
ATOM   30   O O   . LEU A 1 4   ? -2.590  -13.516 -2.869  1.00 14.44 ? 15  LEU A O   1 
ATOM   31   C CB  . LEU A 1 4   ? -0.700  -13.409 -0.479  1.00 14.62 ? 15  LEU A CB  1 
ATOM   32   C CG  . LEU A 1 4   ? 0.339   -12.286 -0.486  1.00 31.96 ? 15  LEU A CG  1 
ATOM   33   C CD1 . LEU A 1 4   ? 0.051   -11.279 0.617   1.00 37.16 ? 15  LEU A CD1 1 
ATOM   34   C CD2 . LEU A 1 4   ? 1.744   -12.852 -0.347  1.00 44.24 ? 15  LEU A CD2 1 
ATOM   35   N N   . LEU A 1 5   ? -2.757  -11.353 -2.269  1.00 10.67 ? 16  LEU A N   1 
ATOM   36   C CA  . LEU A 1 5   ? -3.110  -10.894 -3.606  1.00 10.07 ? 16  LEU A CA  1 
ATOM   37   C C   . LEU A 1 5   ? -1.926  -10.219 -4.290  1.00 11.59 ? 16  LEU A C   1 
ATOM   38   O O   . LEU A 1 5   ? -1.572  -9.085  -3.964  1.00 12.28 ? 16  LEU A O   1 
ATOM   39   C CB  . LEU A 1 5   ? -4.299  -9.933  -3.546  1.00 9.58  ? 16  LEU A CB  1 
ATOM   40   C CG  . LEU A 1 5   ? -5.426  -10.309 -2.582  1.00 9.42  ? 16  LEU A CG  1 
ATOM   41   C CD1 . LEU A 1 5   ? -6.285  -9.096  -2.258  1.00 12.38 ? 16  LEU A CD1 1 
ATOM   42   C CD2 . LEU A 1 5   ? -6.274  -11.433 -3.158  1.00 11.75 ? 16  LEU A CD2 1 
ATOM   43   N N   . PRO A 1 6   ? -1.316  -10.923 -5.238  1.00 10.93 ? 17  PRO A N   1 
ATOM   44   C CA  . PRO A 1 6   ? -0.161  -10.388 -5.976  1.00 10.21 ? 17  PRO A CA  1 
ATOM   45   C C   . PRO A 1 6   ? -0.478  -9.089  -6.724  1.00 10.93 ? 17  PRO A C   1 
ATOM   46   O O   . PRO A 1 6   ? -1.605  -8.882  -7.176  1.00 11.31 ? 17  PRO A O   1 
ATOM   47   C CB  . PRO A 1 6   ? 0.166   -11.506 -6.976  1.00 11.73 ? 17  PRO A CB  1 
ATOM   48   C CG  . PRO A 1 6   ? -0.405  -12.769 -6.336  1.00 13.74 ? 17  PRO A CG  1 
ATOM   49   C CD  . PRO A 1 6   ? -1.656  -12.301 -5.642  1.00 12.77 ? 17  PRO A CD  1 
ATOM   50   N N   . TYR A 1 7   ? 0.517   -8.216  -6.833  1.00 9.27  ? 18  TYR A N   1 
ATOM   51   C CA  . TYR A 1 7   ? 0.330   -6.932  -7.510  1.00 10.62 ? 18  TYR A CA  1 
ATOM   52   C C   . TYR A 1 7   ? 1.598   -6.526  -8.229  1.00 12.06 ? 18  TYR A C   1 
ATOM   53   O O   . TYR A 1 7   ? 2.687   -7.050  -7.956  1.00 11.64 ? 18  TYR A O   1 
ATOM   54   C CB  . TYR A 1 7   ? -0.063  -5.848  -6.501  1.00 11.39 ? 18  TYR A CB  1 
ATOM   55   C CG  . TYR A 1 7   ? 1.021   -5.570  -5.485  1.00 9.71  ? 18  TYR A CG  1 
ATOM   56   C CD1 . TYR A 1 7   ? 2.036   -4.665  -5.754  1.00 8.29  ? 18  TYR A CD1 1 
ATOM   57   C CD2 . TYR A 1 7   ? 1.030   -6.221  -4.259  1.00 9.63  ? 18  TYR A CD2 1 
ATOM   58   C CE1 . TYR A 1 7   ? 3.039   -4.421  -4.849  1.00 9.39  ? 18  TYR A CE1 1 
ATOM   59   C CE2 . TYR A 1 7   ? 2.031   -5.984  -3.337  1.00 10.37 ? 18  TYR A CE2 1 
ATOM   60   C CZ  . TYR A 1 7   ? 3.028   -5.076  -3.639  1.00 10.28 ? 18  TYR A CZ  1 
ATOM   61   O OH  . TYR A 1 7   ? 4.043   -4.816  -2.751  1.00 11.30 ? 18  TYR A OH  1 
ATOM   62   N N   . ALA A 1 8   ? 1.454   -5.562  -9.133  1.00 9.76  ? 19  ALA A N   1 
ATOM   63   C CA  . ALA A 1 8   ? 2.581   -4.964  -9.833  1.00 10.78 ? 19  ALA A CA  1 
ATOM   64   C C   . ALA A 1 8   ? 2.600   -3.478  -9.524  1.00 11.83 ? 19  ALA A C   1 
ATOM   65   O O   . ALA A 1 8   ? 1.561   -2.891  -9.216  1.00 11.41 ? 19  ALA A O   1 
ATOM   66   C CB  . ALA A 1 8   ? 2.441   -5.170  -11.332 1.00 13.60 ? 19  ALA A CB  1 
ATOM   67   N N   . LEU A 1 9   ? 3.778   -2.870  -9.603  1.00 9.52  ? 20  LEU A N   1 
ATOM   68   C CA  . LEU A 1 9   ? 3.874   -1.420  -9.475  1.00 9.10  ? 20  LEU A CA  1 
ATOM   69   C C   . LEU A 1 9   ? 3.354   -0.786  -10.757 1.00 12.16 ? 20  LEU A C   1 
ATOM   70   O O   . LEU A 1 9   ? 3.856   -1.076  -11.846 1.00 18.09 ? 20  LEU A O   1 
ATOM   71   C CB  . LEU A 1 9   ? 5.318   -0.982  -9.223  1.00 9.77  ? 20  LEU A CB  1 
ATOM   72   C CG  . LEU A 1 9   ? 5.843   -1.027  -7.778  1.00 13.10 ? 20  LEU A CG  1 
ATOM   73   C CD1 . LEU A 1 9   ? 5.149   0.004   -6.879  1.00 13.90 ? 20  LEU A CD1 1 
ATOM   74   C CD2 . LEU A 1 9   ? 5.724   -2.431  -7.169  1.00 12.00 ? 20  LEU A CD2 1 
ATOM   75   N N   . HIS A 1 10  ? 2.356   0.085   -10.631 1.00 8.00  ? 21  HIS A N   1 
ATOM   76   C CA  . HIS A 1 10  ? 1.644   0.579   -11.814 1.00 8.36  ? 21  HIS A CA  1 
ATOM   77   C C   . HIS A 1 10  ? 1.992   2.023   -12.143 1.00 10.96 ? 21  HIS A C   1 
ATOM   78   O O   . HIS A 1 10  ? 2.326   2.341   -13.291 1.00 13.19 ? 21  HIS A O   1 
ATOM   79   C CB  . HIS A 1 10  ? 0.137   0.435   -11.594 1.00 10.20 ? 21  HIS A CB  1 
ATOM   80   C CG  . HIS A 1 10  ? -0.693  0.738   -12.802 1.00 10.92 ? 21  HIS A CG  1 
ATOM   81   N ND1 . HIS A 1 10  ? -0.694  -0.059  -13.930 1.00 14.02 ? 21  HIS A ND1 1 
ATOM   82   C CD2 . HIS A 1 10  ? -1.585  1.727   -13.040 1.00 10.52 ? 21  HIS A CD2 1 
ATOM   83   C CE1 . HIS A 1 10  ? -1.542  0.437   -14.814 1.00 14.20 ? 21  HIS A CE1 1 
ATOM   84   N NE2 . HIS A 1 10  ? -2.098  1.518   -14.300 1.00 12.75 ? 21  HIS A NE2 1 
ATOM   85   N N   . LYS A 1 11  ? 1.884   2.895   -11.144 1.00 10.32 ? 22  LYS A N   1 
ATOM   86   C CA  . LYS A 1 11  ? 2.257   4.298   -11.279 1.00 9.84  ? 22  LYS A CA  1 
ATOM   87   C C   . LYS A 1 11  ? 2.850   4.769   -9.970  1.00 9.39  ? 22  LYS A C   1 
ATOM   88   O O   . LYS A 1 11  ? 2.686   4.129   -8.921  1.00 10.28 ? 22  LYS A O   1 
ATOM   89   C CB  . LYS A 1 11  ? 1.047   5.165   -11.637 1.00 12.58 ? 22  LYS A CB  1 
ATOM   90   C CG  . LYS A 1 11  ? 0.565   5.032   -13.082 1.00 14.95 ? 22  LYS A CG  1 
ATOM   91   C CD  . LYS A 1 11  ? -0.646  5.931   -13.342 1.00 16.93 ? 22  LYS A CD  1 
ATOM   92   C CE  . LYS A 1 11  ? -0.962  6.059   -14.829 1.00 24.65 ? 22  LYS A CE  1 
ATOM   93   N NZ  . LYS A 1 11  ? -1.419  4.790   -15.443 1.00 20.80 ? 22  LYS A NZ  1 
ATOM   94   N N   . TRP A 1 12  ? 3.560   5.886   -10.028 1.00 9.88  ? 23  TRP A N   1 
ATOM   95   C CA  . TRP A 1 12  ? 4.162   6.471   -8.840  1.00 8.25  ? 23  TRP A CA  1 
ATOM   96   C C   . TRP A 1 12  ? 4.342   7.964   -9.059  1.00 11.03 ? 23  TRP A C   1 
ATOM   97   O O   . TRP A 1 12  ? 4.484   8.427   -10.197 1.00 12.38 ? 23  TRP A O   1 
ATOM   98   C CB  . TRP A 1 12  ? 5.513   5.813   -8.514  1.00 10.41 ? 23  TRP A CB  1 
ATOM   99   C CG  . TRP A 1 12  ? 6.416   5.675   -9.695  1.00 12.65 ? 23  TRP A CG  1 
ATOM   100  C CD1 . TRP A 1 12  ? 7.330   6.584   -10.143 1.00 14.40 ? 23  TRP A CD1 1 
ATOM   101  C CD2 . TRP A 1 12  ? 6.483   4.558   -10.591 1.00 12.85 ? 23  TRP A CD2 1 
ATOM   102  N NE1 . TRP A 1 12  ? 7.964   6.099   -11.266 1.00 17.50 ? 23  TRP A NE1 1 
ATOM   103  C CE2 . TRP A 1 12  ? 7.461   4.857   -11.559 1.00 18.51 ? 23  TRP A CE2 1 
ATOM   104  C CE3 . TRP A 1 12  ? 5.811   3.333   -10.666 1.00 14.23 ? 23  TRP A CE3 1 
ATOM   105  C CZ2 . TRP A 1 12  ? 7.780   3.974   -12.592 1.00 21.41 ? 23  TRP A CZ2 1 
ATOM   106  C CZ3 . TRP A 1 12  ? 6.128   2.462   -11.690 1.00 22.11 ? 23  TRP A CZ3 1 
ATOM   107  C CH2 . TRP A 1 12  ? 7.101   2.787   -12.639 1.00 21.45 ? 23  TRP A CH2 1 
ATOM   108  N N   . SER A 1 13  ? 4.347   8.718   -7.968  1.00 9.16  ? 24  SER A N   1 
ATOM   109  C CA  . SER A 1 13  ? 4.566   10.160  -8.062  1.00 7.87  ? 24  SER A CA  1 
ATOM   110  C C   . SER A 1 13  ? 6.004   10.477  -8.458  1.00 9.76  ? 24  SER A C   1 
ATOM   111  O O   . SER A 1 13  ? 6.253   11.357  -9.296  1.00 10.56 ? 24  SER A O   1 
ATOM   112  C CB  . SER A 1 13  ? 4.262   10.801  -6.714  1.00 8.06  ? 24  SER A CB  1 
ATOM   113  O OG  . SER A 1 13  ? 4.953   10.108  -5.676  1.00 8.81  ? 24  SER A OG  1 
ATOM   114  N N   . SER A 1 14  ? 6.944   9.752   -7.852  1.00 10.08 ? 25  SER A N   1 
ATOM   115  C CA  . SER A 1 14  ? 8.365   10.035  -7.982  1.00 10.41 ? 25  SER A CA  1 
ATOM   116  C C   . SER A 1 14  ? 9.117   8.938   -7.249  1.00 11.53 ? 25  SER A C   1 
ATOM   117  O O   . SER A 1 14  ? 8.513   8.132   -6.537  1.00 11.08 ? 25  SER A O   1 
ATOM   118  C CB  . SER A 1 14  ? 8.697   11.383  -7.341  1.00 10.38 ? 25  SER A CB  1 
ATOM   119  O OG  . SER A 1 14  ? 8.670   11.288  -5.923  1.00 10.64 ? 25  SER A OG  1 
ATOM   120  N N   . PHE A 1 15  ? 10.433  8.899   -7.429  1.00 9.40  ? 26  PHE A N   1 
ATOM   121  C CA  . PHE A 1 15  ? 11.279  8.100   -6.551  1.00 10.45 ? 26  PHE A CA  1 
ATOM   122  C C   . PHE A 1 15  ? 12.669  8.712   -6.536  1.00 11.60 ? 26  PHE A C   1 
ATOM   123  O O   . PHE A 1 15  ? 13.103  9.317   -7.524  1.00 12.45 ? 26  PHE A O   1 
ATOM   124  C CB  . PHE A 1 15  ? 11.318  6.620   -6.966  1.00 12.20 ? 26  PHE A CB  1 
ATOM   125  C CG  . PHE A 1 15  ? 11.969  6.368   -8.300  1.00 13.98 ? 26  PHE A CG  1 
ATOM   126  C CD1 . PHE A 1 15  ? 11.219  6.383   -9.460  1.00 13.50 ? 26  PHE A CD1 1 
ATOM   127  C CD2 . PHE A 1 15  ? 13.331  6.104   -8.384  1.00 15.17 ? 26  PHE A CD2 1 
ATOM   128  C CE1 . PHE A 1 15  ? 11.808  6.146   -10.690 1.00 16.85 ? 26  PHE A CE1 1 
ATOM   129  C CE2 . PHE A 1 15  ? 13.929  5.877   -9.611  1.00 19.16 ? 26  PHE A CE2 1 
ATOM   130  C CZ  . PHE A 1 15  ? 13.168  5.893   -10.762 1.00 22.04 ? 26  PHE A CZ  1 
ATOM   131  N N   . SER A 1 16  ? 13.350  8.610   -5.408  1.00 10.90 ? 27  SER A N   1 
ATOM   132  C CA  . SER A 1 16  ? 14.741  9.005   -5.250  1.00 11.17 ? 27  SER A CA  1 
ATOM   133  C C   . SER A 1 16  ? 15.644  7.950   -5.824  1.00 16.53 ? 27  SER A C   1 
ATOM   134  O O   . SER A 1 16  ? 15.322  6.822   -5.749  1.00 18.43 ? 27  SER A O   1 
ATOM   135  C CB  . SER A 1 16  ? 15.001  9.196   -3.762  1.00 13.00 ? 27  SER A CB  1 
ATOM   136  O OG  . SER A 1 16  ? 16.187  9.801   -3.530  1.00 17.08 ? 27  SER A OG  1 
ATOM   137  N N   . SER A 1 17  ? 16.732  8.347   -6.467  1.00 16.66 ? 28  SER A N   1 
ATOM   138  C CA  . SER A 1 17  ? 17.616  7.380   -7.167  1.00 19.99 ? 28  SER A CA  1 
ATOM   139  C C   . SER A 1 17  ? 17.993  6.159   -6.369  1.00 18.88 ? 28  SER A C   1 
ATOM   140  O O   . SER A 1 17  ? 18.301  6.252   -5.269  1.00 22.81 ? 28  SER A O   1 
ATOM   141  C CB  . SER A 1 17  ? 18.911  8.056   -7.650  1.00 19.38 ? 28  SER A CB  1 
ATOM   142  O OG  . SER A 1 17  ? 18.637  9.085   -8.554  1.00 21.56 ? 28  SER A OG  1 
ATOM   143  N N   . THR A 1 18  ? 17.957  5.031   -7.020  1.00 24.14 ? 29  THR A N   1 
ATOM   144  C CA  . THR A 1 18  ? 18.175  3.712   -6.485  1.00 22.36 ? 29  THR A CA  1 
ATOM   145  C C   . THR A 1 18  ? 17.122  3.238   -5.500  1.00 18.76 ? 29  THR A C   1 
ATOM   146  O O   . THR A 1 18  ? 17.268  2.197   -5.014  1.00 23.22 ? 29  THR A O   1 
ATOM   147  C CB  . THR A 1 18  ? 19.541  3.541   -5.796  1.00 23.07 ? 29  THR A CB  1 
ATOM   148  O OG1 . THR A 1 18  ? 19.496  3.988   -4.476  1.00 23.78 ? 29  THR A OG1 1 
ATOM   149  C CG2 . THR A 1 18  ? 20.542  4.239   -6.490  1.00 28.56 ? 29  THR A CG2 1 
ATOM   150  N N   . TYR A 1 19  ? 16.109  4.025   -5.205  1.00 16.27 ? 30  TYR A N   1 
ATOM   151  C CA  . TYR A 1 19  ? 15.146  3.617   -4.182  1.00 13.24 ? 30  TYR A CA  1 
ATOM   152  C C   . TYR A 1 19  ? 13.887  3.510   -5.105  1.00 16.30 ? 30  TYR A C   1 
ATOM   153  O O   . TYR A 1 19  ? 13.160  4.408   -5.239  1.00 13.96 ? 30  TYR A O   1 
ATOM   154  C CB  . TYR A 1 19  ? 15.013  4.593   -3.012  1.00 12.64 ? 30  TYR A CB  1 
ATOM   155  C CG  . TYR A 1 19  ? 16.270  4.721   -2.183  1.00 16.80 ? 30  TYR A CG  1 
ATOM   156  C CD1 . TYR A 1 19  ? 16.647  3.753   -1.323  1.00 18.33 ? 30  TYR A CD1 1 
ATOM   157  C CD2 . TYR A 1 19  ? 17.033  5.799   -2.259  1.00 16.16 ? 30  TYR A CD2 1 
ATOM   158  C CE1 . TYR A 1 19  ? 17.774  3.879   -0.543  1.00 19.64 ? 30  TYR A CE1 1 
ATOM   159  C CE2 . TYR A 1 19  ? 18.155  5.941   -1.499  1.00 21.69 ? 30  TYR A CE2 1 
ATOM   160  C CZ  . TYR A 1 19  ? 18.527  4.982   -0.643  1.00 22.97 ? 30  TYR A CZ  1 
ATOM   161  O OH  . TYR A 1 19  ? 19.658  5.145   0.107   1.00 24.39 ? 30  TYR A OH  1 
ATOM   162  N N   . LEU A 1 20  ? 13.750  2.359   -5.706  1.00 14.40 ? 31  LEU A N   1 
ATOM   163  C CA  . LEU A 1 20  ? 12.786  2.178   -6.783  1.00 17.36 ? 31  LEU A CA  1 
ATOM   164  C C   . LEU A 1 20  ? 11.503  1.653   -6.251  1.00 13.61 ? 31  LEU A C   1 
ATOM   165  O O   . LEU A 1 20  ? 11.486  0.946   -5.327  1.00 14.02 ? 31  LEU A O   1 
ATOM   166  C CB  . LEU A 1 20  ? 13.232  1.223   -7.813  1.00 19.80 ? 31  LEU A CB  1 
ATOM   167  C CG  . LEU A 1 20  ? 14.640  1.435   -8.245  1.00 28.78 ? 31  LEU A CG  1 
ATOM   168  C CD1 . LEU A 1 20  ? 15.109  0.233   -8.986  1.00 37.49 ? 31  LEU A CD1 1 
ATOM   169  C CD2 . LEU A 1 20  ? 14.695  2.605   -9.131  1.00 26.01 ? 31  LEU A CD2 1 
ATOM   170  N N   . PRO A 1 21  ? 10.408  2.049   -6.896  1.00 14.21 ? 32  PRO A N   1 
ATOM   171  C CA  . PRO A 1 21  ? 9.087   1.592   -6.453  1.00 14.26 ? 32  PRO A CA  1 
ATOM   172  C C   . PRO A 1 21  ? 9.018   0.069   -6.254  1.00 13.76 ? 32  PRO A C   1 
ATOM   173  O O   . PRO A 1 21  ? 8.386   -0.399  -5.299  1.00 13.97 ? 32  PRO A O   1 
ATOM   174  C CB  . PRO A 1 21  ? 8.178   2.023   -7.604  1.00 13.67 ? 32  PRO A CB  1 
ATOM   175  C CG  . PRO A 1 21  ? 8.839   3.288   -8.130  1.00 13.68 ? 32  PRO A CG  1 
ATOM   176  C CD  . PRO A 1 21  ? 10.323  3.020   -8.006  1.00 17.29 ? 32  PRO A CD  1 
ATOM   177  N N   . GLU A 1 22  ? 9.673   -0.696  -7.126  1.00 12.29 ? 33  GLU A N   1 
ATOM   178  C CA  . GLU A 1 22  ? 9.586   -2.155  -7.030  1.00 15.89 ? 33  GLU A CA  1 
ATOM   179  C C   . GLU A 1 22  ? 10.267  -2.767  -5.802  1.00 14.73 ? 33  GLU A C   1 
ATOM   180  O O   . GLU A 1 22  ? 10.084  -3.955  -5.520  1.00 14.24 ? 33  GLU A O   1 
ATOM   181  C CB  . GLU A 1 22  ? 10.059  -2.823  -8.323  1.00 19.11 ? 33  GLU A CB  1 
ATOM   182  C CG  . GLU A 1 22  ? 8.937   -2.892  -9.371  1.00 29.27 ? 33  GLU A CG  1 
ATOM   183  C CD  . GLU A 1 22  ? 9.336   -3.609  -10.648 1.00 45.42 ? 33  GLU A CD  1 
ATOM   184  O OE1 . GLU A 1 22  ? 10.536  -3.600  -10.989 1.00 55.08 ? 33  GLU A OE1 1 
ATOM   185  O OE2 . GLU A 1 22  ? 8.445   -4.176  -11.315 1.00 45.53 ? 33  GLU A OE2 1 
ATOM   186  N N   . ASN A 1 23  ? 11.020  -1.968  -5.053  1.00 15.35 ? 34  ASN A N   1 
ATOM   187  C CA  . ASN A 1 23  ? 11.629  -2.480  -3.826  1.00 12.31 ? 34  ASN A CA  1 
ATOM   188  C C   . ASN A 1 23  ? 10.601  -2.843  -2.758  1.00 14.58 ? 34  ASN A C   1 
ATOM   189  O O   . ASN A 1 23  ? 10.936  -3.541  -1.800  1.00 13.47 ? 34  ASN A O   1 
ATOM   190  C CB  . ASN A 1 23  ? 12.640  -1.486  -3.251  1.00 12.71 ? 34  ASN A CB  1 
ATOM   191  C CG  . ASN A 1 23  ? 13.931  -1.444  -4.039  1.00 23.97 ? 34  ASN A CG  1 
ATOM   192  O OD1 . ASN A 1 23  ? 14.343  -2.437  -4.634  1.00 26.72 ? 34  ASN A OD1 1 
ATOM   193  N ND2 . ASN A 1 23  ? 14.588  -0.290  -4.032  1.00 21.78 ? 34  ASN A ND2 1 
ATOM   194  N N   . ILE A 1 24  ? 9.353   -2.392  -2.912  1.00 10.93 ? 35  ILE A N   1 
ATOM   195  C CA  . ILE A 1 24  ? 8.321   -2.740  -1.929  1.00 12.28 ? 35  ILE A CA  1 
ATOM   196  C C   . ILE A 1 24  ? 7.849   -4.191  -2.065  1.00 11.48 ? 35  ILE A C   1 
ATOM   197  O O   . ILE A 1 24  ? 7.119   -4.681  -1.208  1.00 12.48 ? 35  ILE A O   1 
ATOM   198  C CB  . ILE A 1 24  ? 7.084   -1.803  -1.968  1.00 11.03 ? 35  ILE A CB  1 
ATOM   199  C CG1 . ILE A 1 24  ? 6.236   -2.062  -3.221  1.00 12.24 ? 35  ILE A CG1 1 
ATOM   200  C CG2 . ILE A 1 24  ? 7.499   -0.330  -1.862  1.00 9.86  ? 35  ILE A CG2 1 
ATOM   201  C CD1 . ILE A 1 24  ? 4.879   -1.326  -3.210  1.00 11.59 ? 35  ILE A CD1 1 
ATOM   202  N N   . LEU A 1 25  ? 8.275   -4.872  -3.130  1.00 12.28 ? 36  LEU A N   1 
ATOM   203  C CA  . LEU A 1 25  ? 7.853   -6.255  -3.374  1.00 13.39 ? 36  LEU A CA  1 
ATOM   204  C C   . LEU A 1 25  ? 8.659   -7.235  -2.537  1.00 21.31 ? 36  LEU A C   1 
ATOM   205  O O   . LEU A 1 25  ? 8.290   -8.405  -2.407  1.00 21.54 ? 36  LEU A O   1 
ATOM   206  C CB  . LEU A 1 25  ? 8.029   -6.611  -4.847  1.00 13.94 ? 36  LEU A CB  1 
ATOM   207  C CG  . LEU A 1 25  ? 7.086   -5.935  -5.841  1.00 14.99 ? 36  LEU A CG  1 
ATOM   208  C CD1 . LEU A 1 25  ? 7.615   -6.104  -7.256  1.00 19.00 ? 36  LEU A CD1 1 
ATOM   209  C CD2 . LEU A 1 25  ? 5.702   -6.529  -5.715  1.00 16.74 ? 36  LEU A CD2 1 
ATOM   210  N N   . VAL A 1 26  ? 9.755   -6.739  -1.977  1.00 16.81 ? 37  VAL A N   1 
ATOM   211  C CA  . VAL A 1 26  ? 10.762  -7.561  -1.314  1.00 23.26 ? 37  VAL A CA  1 
ATOM   212  C C   . VAL A 1 26  ? 10.883  -7.208  0.169   1.00 18.51 ? 37  VAL A C   1 
ATOM   213  O O   . VAL A 1 26  ? 11.041  -6.040  0.526   1.00 15.78 ? 37  VAL A O   1 
ATOM   214  C CB  . VAL A 1 26  ? 12.123  -7.365  -2.017  1.00 26.14 ? 37  VAL A CB  1 
ATOM   215  C CG1 . VAL A 1 26  ? 13.263  -7.750  -1.114  1.00 32.56 ? 37  VAL A CG1 1 
ATOM   216  C CG2 . VAL A 1 26  ? 12.161  -8.161  -3.316  1.00 38.18 ? 37  VAL A CG2 1 
ATOM   217  N N   . ASP A 1 27  ? 10.804  -8.219  1.033   1.00 17.41 ? 38  ASP A N   1 
ATOM   218  C CA  . ASP A 1 27  ? 10.923  -8.008  2.473   1.00 15.75 ? 38  ASP A CA  1 
ATOM   219  C C   . ASP A 1 27  ? 12.339  -8.355  2.925   1.00 22.41 ? 38  ASP A C   1 
ATOM   220  O O   . ASP A 1 27  ? 12.637  -9.517  3.194   1.00 20.21 ? 38  ASP A O   1 
ATOM   221  C CB  . ASP A 1 27  ? 9.900   -8.885  3.208   1.00 19.46 ? 38  ASP A CB  1 
ATOM   222  C CG  . ASP A 1 27  ? 9.850   -8.621  4.704   1.00 21.48 ? 38  ASP A CG  1 
ATOM   223  O OD1 . ASP A 1 27  ? 10.362  -7.579  5.170   1.00 16.62 ? 38  ASP A OD1 1 
ATOM   224  O OD2 . ASP A 1 27  ? 9.282   -9.463  5.428   1.00 29.76 ? 38  ASP A OD2 1 
ATOM   225  N N   . LYS A 1 28  ? 13.206  -7.345  2.993   1.00 19.43 ? 39  LYS A N   1 
ATOM   226  C CA  . LYS A 1 28  ? 14.600  -7.534  3.407   1.00 18.71 ? 39  LYS A CA  1 
ATOM   227  C C   . LYS A 1 28  ? 14.980  -6.502  4.455   1.00 20.87 ? 39  LYS A C   1 
ATOM   228  O O   . LYS A 1 28  ? 15.660  -5.522  4.149   1.00 23.03 ? 39  LYS A O   1 
ATOM   229  C CB  . LYS A 1 28  ? 15.540  -7.412  2.205   1.00 24.22 ? 39  LYS A CB  1 
ATOM   230  C CG  . LYS A 1 28  ? 15.607  -8.673  1.357   1.00 39.82 ? 39  LYS A CG  1 
ATOM   231  C CD  . LYS A 1 28  ? 16.482  -8.493  0.118   1.00 49.26 ? 39  LYS A CD  1 
ATOM   232  C CE  . LYS A 1 28  ? 16.437  -9.744  -0.759  1.00 52.74 ? 39  LYS A CE  1 
ATOM   233  N NZ  . LYS A 1 28  ? 16.903  -9.497  -2.154  1.00 56.16 ? 39  LYS A NZ  1 
ATOM   234  N N   . PRO A 1 29  ? 14.547  -6.719  5.704   1.00 22.18 ? 40  PRO A N   1 
ATOM   235  C CA  . PRO A 1 29  ? 14.735  -5.680  6.723   1.00 22.84 ? 40  PRO A CA  1 
ATOM   236  C C   . PRO A 1 29  ? 16.196  -5.351  7.083   1.00 25.64 ? 40  PRO A C   1 
ATOM   237  O O   . PRO A 1 29  ? 16.430  -4.300  7.679   1.00 26.78 ? 40  PRO A O   1 
ATOM   238  C CB  . PRO A 1 29  ? 13.972  -6.229  7.938   1.00 27.44 ? 40  PRO A CB  1 
ATOM   239  C CG  . PRO A 1 29  ? 13.723  -7.665  7.651   1.00 27.29 ? 40  PRO A CG  1 
ATOM   240  C CD  . PRO A 1 29  ? 13.682  -7.815  6.173   1.00 22.09 ? 40  PRO A CD  1 
ATOM   241  N N   . ASN A 1 30  ? 17.156  -6.200  6.724   1.00 26.45 ? 41  ASN A N   1 
ATOM   242  C CA  . ASN A 1 30  ? 18.560  -5.876  6.995   1.00 32.57 ? 41  ASN A CA  1 
ATOM   243  C C   . ASN A 1 30  ? 19.213  -5.020  5.899   1.00 35.44 ? 41  ASN A C   1 
ATOM   244  O O   . ASN A 1 30  ? 20.391  -4.669  5.994   1.00 32.92 ? 41  ASN A O   1 
ATOM   245  C CB  . ASN A 1 30  ? 19.383  -7.146  7.282   1.00 28.10 ? 41  ASN A CB  1 
ATOM   246  C CG  . ASN A 1 30  ? 19.593  -8.008  6.048   1.00 46.01 ? 41  ASN A CG  1 
ATOM   247  O OD1 . ASN A 1 30  ? 18.902  -7.857  5.040   1.00 50.00 ? 41  ASN A OD1 1 
ATOM   248  N ND2 . ASN A 1 30  ? 20.545  -8.933  6.130   1.00 55.40 ? 41  ASN A ND2 1 
ATOM   249  N N   . ASP A 1 31  ? 18.435  -4.674  4.875   1.00 26.19 ? 42  ASP A N   1 
ATOM   250  C CA  . ASP A 1 31  ? 18.947  -3.939  3.720   1.00 24.40 ? 42  ASP A CA  1 
ATOM   251  C C   . ASP A 1 31  ? 18.341  -2.537  3.647   1.00 28.74 ? 42  ASP A C   1 
ATOM   252  O O   . ASP A 1 31  ? 17.189  -2.388  3.241   1.00 22.82 ? 42  ASP A O   1 
ATOM   253  C CB  . ASP A 1 31  ? 18.607  -4.718  2.443   1.00 25.12 ? 42  ASP A CB  1 
ATOM   254  C CG  . ASP A 1 31  ? 19.283  -4.159  1.206   1.00 27.42 ? 42  ASP A CG  1 
ATOM   255  O OD1 . ASP A 1 31  ? 19.880  -3.063  1.272   1.00 31.67 ? 42  ASP A OD1 1 
ATOM   256  O OD2 . ASP A 1 31  ? 19.200  -4.818  0.151   1.00 32.48 ? 42  ASP A OD2 1 
ATOM   257  N N   . GLN A 1 32  ? 19.120  -1.517  4.011   1.00 25.17 ? 43  GLN A N   1 
ATOM   258  C CA  . GLN A 1 32  ? 18.659  -0.122  3.976   1.00 29.17 ? 43  GLN A CA  1 
ATOM   259  C C   . GLN A 1 32  ? 18.164  0.299   2.602   1.00 25.67 ? 43  GLN A C   1 
ATOM   260  O O   . GLN A 1 32  ? 17.374  1.236   2.482   1.00 27.78 ? 43  GLN A O   1 
ATOM   261  C CB  . GLN A 1 32  ? 19.772  0.847   4.419   1.00 33.50 ? 43  GLN A CB  1 
ATOM   262  C CG  . GLN A 1 32  ? 20.840  1.164   3.341   1.00 41.77 ? 43  GLN A CG  1 
ATOM   263  C CD  . GLN A 1 32  ? 20.454  2.308   2.399   1.00 42.54 ? 43  GLN A CD  1 
ATOM   264  O OE1 . GLN A 1 32  ? 19.828  3.287   2.809   1.00 41.22 ? 43  GLN A OE1 1 
ATOM   265  N NE2 . GLN A 1 32  ? 20.824  2.179   1.130   1.00 33.92 ? 43  GLN A NE2 1 
ATOM   266  N N   . SER A 1 33  ? 18.652  -0.374  1.564   1.00 21.97 ? 44  SER A N   1 
ATOM   267  C CA  . SER A 1 33  ? 18.351  0.018   0.194   1.00 20.51 ? 44  SER A CA  1 
ATOM   268  C C   . SER A 1 33  ? 17.047  -0.583  -0.308  1.00 19.48 ? 44  SER A C   1 
ATOM   269  O O   . SER A 1 33  ? 16.542  -0.173  -1.350  1.00 18.40 ? 44  SER A O   1 
ATOM   270  C CB  . SER A 1 33  ? 19.494  -0.389  -0.740  1.00 27.60 ? 44  SER A CB  1 
ATOM   271  O OG  . SER A 1 33  ? 19.432  -1.770  -1.054  1.00 31.40 ? 44  SER A OG  1 
ATOM   272  N N   . SER A 1 34  ? 16.504  -1.554  0.425   1.00 17.67 ? 45  SER A N   1 
ATOM   273  C CA  . SER A 1 34  ? 15.306  -2.259  -0.037  1.00 13.86 ? 45  SER A CA  1 
ATOM   274  C C   . SER A 1 34  ? 14.023  -1.503  0.300   1.00 16.37 ? 45  SER A C   1 
ATOM   275  O O   . SER A 1 34  ? 13.214  -1.953  1.116   1.00 13.07 ? 45  SER A O   1 
ATOM   276  C CB  . SER A 1 34  ? 15.240  -3.677  0.540   1.00 12.56 ? 45  SER A CB  1 
ATOM   277  O OG  . SER A 1 34  ? 14.182  -4.398  -0.071  1.00 15.92 ? 45  SER A OG  1 
ATOM   278  N N   . ARG A 1 35  ? 13.840  -0.355  -0.345  1.00 13.76 ? 46  ARG A N   1 
ATOM   279  C CA  . ARG A 1 35  ? 12.664  0.468   -0.113  1.00 13.56 ? 46  ARG A CA  1 
ATOM   280  C C   . ARG A 1 35  ? 12.413  1.354   -1.315  1.00 14.34 ? 46  ARG A C   1 
ATOM   281  O O   . ARG A 1 35  ? 13.339  1.676   -2.076  1.00 14.41 ? 46  ARG A O   1 
ATOM   282  C CB  . ARG A 1 35  ? 12.862  1.367   1.109   1.00 13.95 ? 46  ARG A CB  1 
ATOM   283  C CG  . ARG A 1 35  ? 14.214  2.051   1.132   1.00 13.36 ? 46  ARG A CG  1 
ATOM   284  C CD  . ARG A 1 35  ? 14.265  3.182   2.128   1.00 16.35 ? 46  ARG A CD  1 
ATOM   285  N NE  . ARG A 1 35  ? 15.654  3.520   2.429   1.00 16.48 ? 46  ARG A NE  1 
ATOM   286  C CZ  . ARG A 1 35  ? 16.051  4.659   2.979   1.00 24.19 ? 46  ARG A CZ  1 
ATOM   287  N NH1 . ARG A 1 35  ? 17.342  4.861   3.218   1.00 22.29 ? 46  ARG A NH1 1 
ATOM   288  N NH2 . ARG A 1 35  ? 15.165  5.598   3.293   1.00 20.54 ? 46  ARG A NH2 1 
ATOM   289  N N   . TRP A 1 36  ? 11.151  1.724   -1.500  1.00 12.25 ? 47  TRP A N   1 
ATOM   290  C CA  . TRP A 1 36  ? 10.830  2.885   -2.318  1.00 10.20 ? 47  TRP A CA  1 
ATOM   291  C C   . TRP A 1 36  ? 11.025  4.115   -1.454  1.00 12.47 ? 47  TRP A C   1 
ATOM   292  O O   . TRP A 1 36  ? 10.615  4.120   -0.296  1.00 11.39 ? 47  TRP A O   1 
ATOM   293  C CB  . TRP A 1 36  ? 9.373   2.831   -2.746  1.00 9.50  ? 47  TRP A CB  1 
ATOM   294  C CG  . TRP A 1 36  ? 8.884   4.147   -3.343  1.00 10.51 ? 47  TRP A CG  1 
ATOM   295  C CD1 . TRP A 1 36  ? 9.264   4.696   -4.530  1.00 12.16 ? 47  TRP A CD1 1 
ATOM   296  C CD2 . TRP A 1 36  ? 7.929   5.052   -2.768  1.00 8.35  ? 47  TRP A CD2 1 
ATOM   297  N NE1 . TRP A 1 36  ? 8.608   5.891   -4.729  1.00 12.31 ? 47  TRP A NE1 1 
ATOM   298  C CE2 . TRP A 1 36  ? 7.778   6.127   -3.666  1.00 9.67  ? 47  TRP A CE2 1 
ATOM   299  C CE3 . TRP A 1 36  ? 7.192   5.061   -1.580  1.00 10.27 ? 47  TRP A CE3 1 
ATOM   300  C CZ2 . TRP A 1 36  ? 6.909   7.194   -3.422  1.00 10.75 ? 47  TRP A CZ2 1 
ATOM   301  C CZ3 . TRP A 1 36  ? 6.333   6.125   -1.335  1.00 13.15 ? 47  TRP A CZ3 1 
ATOM   302  C CH2 . TRP A 1 36  ? 6.203   7.178   -2.254  1.00 10.92 ? 47  TRP A CH2 1 
ATOM   303  N N   . SER A 1 37  ? 11.667  5.143   -1.997  1.00 9.82  ? 48  SER A N   1 
ATOM   304  C CA  . SER A 1 37  ? 11.693  6.446   -1.344  1.00 9.93  ? 48  SER A CA  1 
ATOM   305  C C   . SER A 1 37  ? 11.204  7.462   -2.343  1.00 10.42 ? 48  SER A C   1 
ATOM   306  O O   . SER A 1 37  ? 11.622  7.434   -3.496  1.00 11.35 ? 48  SER A O   1 
ATOM   307  C CB  . SER A 1 37  ? 13.103  6.838   -0.893  1.00 12.62 ? 48  SER A CB  1 
ATOM   308  O OG  . SER A 1 37  ? 13.524  6.066   0.217   1.00 15.02 ? 48  SER A OG  1 
ATOM   309  N N   . SER A 1 38  ? 10.326  8.364   -1.911  1.00 9.84  ? 49  SER A N   1 
ATOM   310  C CA  . SER A 1 38  ? 9.874   9.432   -2.793  1.00 9.97  ? 49  SER A CA  1 
ATOM   311  C C   . SER A 1 38  ? 11.039  10.380  -3.064  1.00 10.30 ? 49  SER A C   1 
ATOM   312  O O   . SER A 1 38  ? 12.003  10.440  -2.298  1.00 12.77 ? 49  SER A O   1 
ATOM   313  C CB  . SER A 1 38  ? 8.697   10.187  -2.177  1.00 11.54 ? 49  SER A CB  1 
ATOM   314  O OG  . SER A 1 38  ? 9.047   10.746  -0.919  1.00 10.76 ? 49  SER A OG  1 
ATOM   315  N N   . GLU A 1 39  ? 10.966  11.097  -4.178  1.00 9.29  ? 50  GLU A N   1 
ATOM   316  C CA  . GLU A 1 39  ? 12.027  12.031  -4.533  1.00 9.59  ? 50  GLU A CA  1 
ATOM   317  C C   . GLU A 1 39  ? 12.055  13.213  -3.574  1.00 11.23 ? 50  GLU A C   1 
ATOM   318  O O   . GLU A 1 39  ? 13.123  13.758  -3.256  1.00 12.36 ? 50  GLU A O   1 
ATOM   319  C CB  . GLU A 1 39  ? 11.817  12.506  -5.962  1.00 8.97  ? 50  GLU A CB  1 
ATOM   320  C CG  . GLU A 1 39  ? 12.864  13.485  -6.435  1.00 10.30 ? 50  GLU A CG  1 
ATOM   321  C CD  . GLU A 1 39  ? 12.750  13.718  -7.909  1.00 13.35 ? 50  GLU A CD  1 
ATOM   322  O OE1 . GLU A 1 39  ? 11.903  14.542  -8.311  1.00 12.19 ? 50  GLU A OE1 1 
ATOM   323  O OE2 . GLU A 1 39  ? 13.487  13.054  -8.676  1.00 11.74 ? 50  GLU A OE2 1 
ATOM   324  N N   . SER A 1 40  ? 10.872  13.613  -3.117  1.00 9.89  ? 51  SER A N   1 
ATOM   325  C CA  . SER A 1 40  ? 10.745  14.647  -2.098  1.00 11.21 ? 51  SER A CA  1 
ATOM   326  C C   . SER A 1 40  ? 9.534   14.321  -1.244  1.00 11.21 ? 51  SER A C   1 
ATOM   327  O O   . SER A 1 40  ? 8.805   13.364  -1.541  1.00 12.06 ? 51  SER A O   1 
ATOM   328  C CB  . SER A 1 40  ? 10.594  16.034  -2.736  1.00 13.93 ? 51  SER A CB  1 
ATOM   329  O OG  . SER A 1 40  ? 9.279   16.242  -3.207  1.00 16.61 ? 51  SER A OG  1 
ATOM   330  N N   . ASN A 1 41  ? 9.310   15.098  -0.188  1.00 11.66 ? 52  ASN A N   1 
ATOM   331  C CA  . ASN A 1 41  ? 8.133   14.877  0.652   1.00 11.44 ? 52  ASN A CA  1 
ATOM   332  C C   . ASN A 1 41  ? 7.031   15.897  0.367   1.00 11.06 ? 52  ASN A C   1 
ATOM   333  O O   . ASN A 1 41  ? 6.034   15.969  1.088   1.00 14.62 ? 52  ASN A O   1 
ATOM   334  C CB  . ASN A 1 41  ? 8.495   14.837  2.146   1.00 13.01 ? 52  ASN A CB  1 
ATOM   335  C CG  . ASN A 1 41  ? 9.292   16.045  2.589   1.00 17.08 ? 52  ASN A CG  1 
ATOM   336  O OD1 . ASN A 1 41  ? 9.351   17.057  1.889   1.00 19.13 ? 52  ASN A OD1 1 
ATOM   337  N ND2 . ASN A 1 41  ? 9.903   15.953  3.771   1.00 20.03 ? 52  ASN A ND2 1 
ATOM   338  N N   . TYR A 1 42  ? 7.206   16.672  -0.699  1.00 9.70  ? 53  TYR A N   1 
ATOM   339  C CA  . TYR A 1 42  ? 6.195   17.637  -1.104  1.00 9.25  ? 53  TYR A CA  1 
ATOM   340  C C   . TYR A 1 42  ? 5.032   16.917  -1.782  1.00 9.86  ? 53  TYR A C   1 
ATOM   341  O O   . TYR A 1 42  ? 5.239   16.079  -2.662  1.00 9.68  ? 53  TYR A O   1 
ATOM   342  C CB  . TYR A 1 42  ? 6.822   18.695  -2.026  1.00 9.21  ? 53  TYR A CB  1 
ATOM   343  C CG  . TYR A 1 42  ? 7.688   19.707  -1.296  1.00 11.12 ? 53  TYR A CG  1 
ATOM   344  C CD1 . TYR A 1 42  ? 8.927   19.351  -0.784  1.00 11.92 ? 53  TYR A CD1 1 
ATOM   345  C CD2 . TYR A 1 42  ? 7.263   21.016  -1.135  1.00 11.09 ? 53  TYR A CD2 1 
ATOM   346  C CE1 . TYR A 1 42  ? 9.717   20.272  -0.117  1.00 15.22 ? 53  TYR A CE1 1 
ATOM   347  C CE2 . TYR A 1 42  ? 8.047   21.944  -0.478  1.00 14.06 ? 53  TYR A CE2 1 
ATOM   348  C CZ  . TYR A 1 42  ? 9.266   21.561  0.035   1.00 15.14 ? 53  TYR A CZ  1 
ATOM   349  O OH  . TYR A 1 42  ? 10.060  22.481  0.693   1.00 16.97 ? 53  TYR A OH  1 
ATOM   350  N N   . PRO A 1 43  ? 3.794   17.225  -1.363  1.00 10.64 ? 54  PRO A N   1 
ATOM   351  C CA  . PRO A 1 43  ? 2.631   16.469  -1.850  1.00 9.35  ? 54  PRO A CA  1 
ATOM   352  C C   . PRO A 1 43  ? 2.224   16.863  -3.268  1.00 10.83 ? 54  PRO A C   1 
ATOM   353  O O   . PRO A 1 43  ? 2.481   17.991  -3.704  1.00 10.18 ? 54  PRO A O   1 
ATOM   354  C CB  . PRO A 1 43  ? 1.530   16.855  -0.860  1.00 11.28 ? 54  PRO A CB  1 
ATOM   355  C CG  . PRO A 1 43  ? 1.907   18.219  -0.412  1.00 14.03 ? 54  PRO A CG  1 
ATOM   356  C CD  . PRO A 1 43  ? 3.419   18.219  -0.344  1.00 13.81 ? 54  PRO A CD  1 
ATOM   357  N N   . PRO A 1 44  ? 1.575   15.946  -4.000  1.00 10.51 ? 55  PRO A N   1 
ATOM   358  C CA  . PRO A 1 44  ? 1.215   14.594  -3.562  1.00 10.45 ? 55  PRO A CA  1 
ATOM   359  C C   . PRO A 1 44  ? 2.285   13.559  -3.892  1.00 10.20 ? 55  PRO A C   1 
ATOM   360  O O   . PRO A 1 44  ? 2.863   13.582  -4.990  1.00 12.34 ? 55  PRO A O   1 
ATOM   361  C CB  . PRO A 1 44  ? -0.043  14.305  -4.379  1.00 11.43 ? 55  PRO A CB  1 
ATOM   362  C CG  . PRO A 1 44  ? 0.181   15.043  -5.657  1.00 11.07 ? 55  PRO A CG  1 
ATOM   363  C CD  . PRO A 1 44  ? 0.929   16.302  -5.277  1.00 10.34 ? 55  PRO A CD  1 
ATOM   364  N N   . GLN A 1 45  ? 2.535   12.652  -2.956  1.00 8.80  ? 56  GLN A N   1 
ATOM   365  C CA  . GLN A 1 45  ? 3.383   11.493  -3.234  1.00 7.69  ? 56  GLN A CA  1 
ATOM   366  C C   . GLN A 1 45  ? 2.535   10.248  -3.078  1.00 10.03 ? 56  GLN A C   1 
ATOM   367  O O   . GLN A 1 45  ? 1.642   10.203  -2.225  1.00 11.08 ? 56  GLN A O   1 
ATOM   368  C CB  . GLN A 1 45  ? 4.575   11.440  -2.280  1.00 8.08  ? 56  GLN A CB  1 
ATOM   369  C CG  . GLN A 1 45  ? 5.502   12.667  -2.341  1.00 9.46  ? 56  GLN A CG  1 
ATOM   370  C CD  . GLN A 1 45  ? 6.288   12.790  -3.645  1.00 9.79  ? 56  GLN A CD  1 
ATOM   371  O OE1 . GLN A 1 45  ? 6.505   11.809  -4.364  1.00 10.08 ? 56  GLN A OE1 1 
ATOM   372  N NE2 . GLN A 1 45  ? 6.743   14.008  -3.944  1.00 8.75  ? 56  GLN A NE2 1 
ATOM   373  N N   . TYR A 1 46  ? 2.812   9.232   -3.887  1.00 9.82  ? 57  TYR A N   1 
ATOM   374  C CA  . TYR A 1 46  ? 1.967   8.039   -3.894  1.00 8.78  ? 57  TYR A CA  1 
ATOM   375  C C   . TYR A 1 46  ? 2.603   6.899   -4.688  1.00 8.52  ? 57  TYR A C   1 
ATOM   376  O O   . TYR A 1 46  ? 3.430   7.124   -5.586  1.00 8.38  ? 57  TYR A O   1 
ATOM   377  C CB  . TYR A 1 46  ? 0.578   8.366   -4.488  1.00 6.90  ? 57  TYR A CB  1 
ATOM   378  C CG  . TYR A 1 46  ? 0.663   8.980   -5.869  1.00 8.25  ? 57  TYR A CG  1 
ATOM   379  C CD1 . TYR A 1 46  ? 0.773   8.182   -7.004  1.00 7.40  ? 57  TYR A CD1 1 
ATOM   380  C CD2 . TYR A 1 46  ? 0.654   10.359  -6.039  1.00 10.31 ? 57  TYR A CD2 1 
ATOM   381  C CE1 . TYR A 1 46  ? 0.876   8.744   -8.273  1.00 11.01 ? 57  TYR A CE1 1 
ATOM   382  C CE2 . TYR A 1 46  ? 0.749   10.933  -7.307  1.00 10.58 ? 57  TYR A CE2 1 
ATOM   383  C CZ  . TYR A 1 46  ? 0.864   10.121  -8.411  1.00 13.55 ? 57  TYR A CZ  1 
ATOM   384  O OH  . TYR A 1 46  ? 0.969   10.697  -9.661  1.00 14.00 ? 57  TYR A OH  1 
ATOM   385  N N   . LEU A 1 47  ? 2.195   5.676   -4.359  1.00 7.56  ? 58  LEU A N   1 
ATOM   386  C CA  . LEU A 1 47  ? 2.414   4.520   -5.223  1.00 10.21 ? 58  LEU A CA  1 
ATOM   387  C C   . LEU A 1 47  ? 1.052   3.968   -5.587  1.00 9.04  ? 58  LEU A C   1 
ATOM   388  O O   . LEU A 1 47  ? 0.162   3.911   -4.734  1.00 9.17  ? 58  LEU A O   1 
ATOM   389  C CB  . LEU A 1 47  ? 3.194   3.426   -4.490  1.00 8.83  ? 58  LEU A CB  1 
ATOM   390  C CG  . LEU A 1 47  ? 4.629   3.720   -4.084  1.00 9.06  ? 58  LEU A CG  1 
ATOM   391  C CD1 . LEU A 1 47  ? 5.234   2.538   -3.327  1.00 12.09 ? 58  LEU A CD1 1 
ATOM   392  C CD2 . LEU A 1 47  ? 5.471   4.034   -5.305  1.00 10.45 ? 58  LEU A CD2 1 
ATOM   393  N N   . ILE A 1 48  ? 0.877   3.584   -6.847  1.00 8.01  ? 59  ILE A N   1 
ATOM   394  C CA  . ILE A 1 48  ? -0.343  2.903   -7.272  1.00 6.56  ? 59  ILE A CA  1 
ATOM   395  C C   . ILE A 1 48  ? 0.033   1.488   -7.679  1.00 9.95  ? 59  ILE A C   1 
ATOM   396  O O   . ILE A 1 48  ? 0.940   1.293   -8.498  1.00 9.41  ? 59  ILE A O   1 
ATOM   397  C CB  . ILE A 1 48  ? -1.041  3.647   -8.435  1.00 10.05 ? 59  ILE A CB  1 
ATOM   398  C CG1 . ILE A 1 48  ? -1.604  4.982   -7.933  1.00 11.39 ? 59  ILE A CG1 1 
ATOM   399  C CG2 . ILE A 1 48  ? -2.175  2.809   -9.005  1.00 10.71 ? 59  ILE A CG2 1 
ATOM   400  C CD1 . ILE A 1 48  ? -2.133  5.875   -9.045  1.00 15.83 ? 59  ILE A CD1 1 
ATOM   401  N N   . LEU A 1 49  ? -0.649  0.513   -7.078  1.00 9.67  ? 60  LEU A N   1 
ATOM   402  C CA  . LEU A 1 49  ? -0.388  -0.908  -7.303  1.00 8.43  ? 60  LEU A CA  1 
ATOM   403  C C   . LEU A 1 49  ? -1.542  -1.479  -8.111  1.00 9.22  ? 60  LEU A C   1 
ATOM   404  O O   . LEU A 1 49  ? -2.706  -1.170  -7.837  1.00 10.47 ? 60  LEU A O   1 
ATOM   405  C CB  . LEU A 1 49  ? -0.315  -1.642  -5.961  1.00 8.28  ? 60  LEU A CB  1 
ATOM   406  C CG  . LEU A 1 49  ? 0.494   -1.028  -4.811  1.00 13.56 ? 60  LEU A CG  1 
ATOM   407  C CD1 . LEU A 1 49  ? 0.596   -1.979  -3.622  1.00 11.50 ? 60  LEU A CD1 1 
ATOM   408  C CD2 . LEU A 1 49  ? 1.857   -0.527  -5.242  1.00 18.15 ? 60  LEU A CD2 1 
ATOM   409  N N   . LYS A 1 50  ? -1.237  -2.298  -9.115  1.00 7.13  ? 61  LYS A N   1 
ATOM   410  C CA  . LYS A 1 50  ? -2.305  -2.957  -9.874  1.00 7.11  ? 61  LYS A CA  1 
ATOM   411  C C   . LYS A 1 50  ? -2.328  -4.433  -9.517  1.00 8.57  ? 61  LYS A C   1 
ATOM   412  O O   . LYS A 1 50  ? -1.327  -5.139  -9.690  1.00 9.83  ? 61  LYS A O   1 
ATOM   413  C CB  . LYS A 1 50  ? -2.136  -2.796  -11.392 1.00 7.87  ? 61  LYS A CB  1 
ATOM   414  C CG  . LYS A 1 50  ? -3.281  -3.445  -12.165 1.00 8.65  ? 61  LYS A CG  1 
ATOM   415  C CD  . LYS A 1 50  ? -3.158  -3.289  -13.681 1.00 10.88 ? 61  LYS A CD  1 
ATOM   416  C CE  . LYS A 1 50  ? -4.422  -3.840  -14.365 1.00 9.40  ? 61  LYS A CE  1 
ATOM   417  N NZ  . LYS A 1 50  ? -4.342  -3.772  -15.868 1.00 11.64 ? 61  LYS A NZ  1 
ATOM   418  N N   . LEU A 1 51  ? -3.465  -4.898  -9.012  1.00 7.61  ? 62  LEU A N   1 
ATOM   419  C CA  . LEU A 1 51  ? -3.619  -6.309  -8.688  1.00 8.20  ? 62  LEU A CA  1 
ATOM   420  C C   . LEU A 1 51  ? -3.661  -7.132  -9.970  1.00 11.10 ? 62  LEU A C   1 
ATOM   421  O O   . LEU A 1 51  ? -4.067  -6.643  -11.029 1.00 9.90  ? 62  LEU A O   1 
ATOM   422  C CB  . LEU A 1 51  ? -4.899  -6.526  -7.876  1.00 9.67  ? 62  LEU A CB  1 
ATOM   423  C CG  . LEU A 1 51  ? -4.865  -6.152  -6.390  1.00 15.94 ? 62  LEU A CG  1 
ATOM   424  C CD1 . LEU A 1 51  ? -4.529  -4.696  -6.108  1.00 20.16 ? 62  LEU A CD1 1 
ATOM   425  C CD2 . LEU A 1 51  ? -6.188  -6.500  -5.728  1.00 19.46 ? 62  LEU A CD2 1 
ATOM   426  N N   . GLU A 1 52  ? -3.234  -8.387  -9.892  1.00 12.01 ? 63  GLU A N   1 
ATOM   427  C CA  . GLU A 1 52  ? -3.323  -9.254  -11.066 1.00 10.99 ? 63  GLU A CA  1 
ATOM   428  C C   . GLU A 1 52  ? -4.759  -9.608  -11.426 1.00 13.26 ? 63  GLU A C   1 
ATOM   429  O O   . GLU A 1 52  ? -5.051  -9.894  -12.595 1.00 12.72 ? 63  GLU A O   1 
ATOM   430  C CB  . GLU A 1 52  ? -2.538  -10.552 -10.853 1.00 18.22 ? 63  GLU A CB  1 
ATOM   431  C CG  . GLU A 1 52  ? -1.043  -10.378 -10.687 1.00 20.85 ? 63  GLU A CG  1 
ATOM   432  C CD  . GLU A 1 52  ? -0.284  -11.682 -10.917 1.00 44.51 ? 63  GLU A CD  1 
ATOM   433  O OE1 . GLU A 1 52  ? -0.541  -12.356 -11.941 1.00 49.23 ? 63  GLU A OE1 1 
ATOM   434  O OE2 . GLU A 1 52  ? 0.568   -12.035 -10.075 1.00 43.31 ? 63  GLU A OE2 1 
ATOM   435  N N   . ARG A 1 53  ? -5.642  -9.624  -10.423 1.00 10.84 ? 64  ARG A N   1 
ATOM   436  C CA  . ARG A 1 53  ? -7.060  -9.918  -10.600 1.00 11.33 ? 64  ARG A CA  1 
ATOM   437  C C   . ARG A 1 53  ? -7.860  -9.001  -9.696  1.00 10.26 ? 64  ARG A C   1 
ATOM   438  O O   . ARG A 1 53  ? -7.381  -8.624  -8.628  1.00 11.33 ? 64  ARG A O   1 
ATOM   439  C CB  . ARG A 1 53  ? -7.354  -11.366 -10.178 1.00 14.73 ? 64  ARG A CB  1 
ATOM   440  C CG  . ARG A 1 53  ? -6.723  -12.401 -11.074 1.00 19.14 ? 64  ARG A CG  1 
ATOM   441  C CD  . ARG A 1 53  ? -6.788  -13.809 -10.483 1.00 13.49 ? 64  ARG A CD  1 
ATOM   442  N NE  . ARG A 1 53  ? -6.284  -14.745 -11.477 1.00 14.85 ? 64  ARG A NE  1 
ATOM   443  C CZ  . ARG A 1 53  ? -4.995  -14.937 -11.739 1.00 13.30 ? 64  ARG A CZ  1 
ATOM   444  N NH1 . ARG A 1 53  ? -4.638  -15.798 -12.689 1.00 15.16 ? 64  ARG A NH1 1 
ATOM   445  N NH2 . ARG A 1 53  ? -4.063  -14.269 -11.064 1.00 16.42 ? 64  ARG A NH2 1 
ATOM   446  N N   . PRO A 1 54  ? -9.088  -8.651  -10.096 1.00 10.99 ? 65  PRO A N   1 
ATOM   447  C CA  . PRO A 1 54  ? -9.901  -7.864  -9.159  1.00 11.73 ? 65  PRO A CA  1 
ATOM   448  C C   . PRO A 1 54  ? -10.167 -8.658  -7.873  1.00 11.71 ? 65  PRO A C   1 
ATOM   449  O O   . PRO A 1 54  ? -10.303 -9.895  -7.910  1.00 12.98 ? 65  PRO A O   1 
ATOM   450  C CB  . PRO A 1 54  ? -11.200 -7.614  -9.930  1.00 14.39 ? 65  PRO A CB  1 
ATOM   451  C CG  . PRO A 1 54  ? -11.211 -8.624  -11.028 1.00 15.71 ? 65  PRO A CG  1 
ATOM   452  C CD  . PRO A 1 54  ? -9.793  -8.929  -11.360 1.00 11.62 ? 65  PRO A CD  1 
ATOM   453  N N   . ALA A 1 55  ? -10.191 -7.958  -6.742  1.00 9.50  ? 66  ALA A N   1 
ATOM   454  C CA  . ALA A 1 55  ? -10.306 -8.614  -5.444  1.00 7.92  ? 66  ALA A CA  1 
ATOM   455  C C   . ALA A 1 55  ? -11.037 -7.763  -4.432  1.00 9.81  ? 66  ALA A C   1 
ATOM   456  O O   . ALA A 1 55  ? -11.039 -6.529  -4.521  1.00 10.09 ? 66  ALA A O   1 
ATOM   457  C CB  . ALA A 1 55  ? -8.916  -8.941  -4.907  1.00 10.26 ? 66  ALA A CB  1 
ATOM   458  N N   . ILE A 1 56  ? -11.631 -8.428  -3.445  1.00 9.88  ? 67  ILE A N   1 
ATOM   459  C CA  . ILE A 1 56  ? -12.081 -7.750  -2.244  1.00 10.37 ? 67  ILE A CA  1 
ATOM   460  C C   . ILE A 1 56  ? -10.823 -7.591  -1.393  1.00 11.13 ? 67  ILE A C   1 
ATOM   461  O O   . ILE A 1 56  ? -10.334 -8.573  -0.814  1.00 10.83 ? 67  ILE A O   1 
ATOM   462  C CB  . ILE A 1 56  ? -13.118 -8.597  -1.478  1.00 10.81 ? 67  ILE A CB  1 
ATOM   463  C CG1 . ILE A 1 56  ? -14.217 -9.107  -2.421  1.00 16.06 ? 67  ILE A CG1 1 
ATOM   464  C CG2 . ILE A 1 56  ? -13.677 -7.806  -0.289  1.00 11.45 ? 67  ILE A CG2 1 
ATOM   465  C CD1 . ILE A 1 56  ? -14.949 -8.023  -3.165  1.00 15.83 ? 67  ILE A CD1 1 
ATOM   466  N N   . VAL A 1 57  ? -10.274 -6.373  -1.335  1.00 8.66  ? 68  VAL A N   1 
ATOM   467  C CA  . VAL A 1 57  ? -9.006  -6.143  -0.646  1.00 8.59  ? 68  VAL A CA  1 
ATOM   468  C C   . VAL A 1 57  ? -9.256  -5.852  0.836   1.00 9.28  ? 68  VAL A C   1 
ATOM   469  O O   . VAL A 1 57  ? -9.808  -4.805  1.191   1.00 10.90 ? 68  VAL A O   1 
ATOM   470  C CB  . VAL A 1 57  ? -8.213  -5.007  -1.322  1.00 9.31  ? 68  VAL A CB  1 
ATOM   471  C CG1 . VAL A 1 57  ? -6.791  -4.999  -0.806  1.00 10.43 ? 68  VAL A CG1 1 
ATOM   472  C CG2 . VAL A 1 57  ? -8.233  -5.190  -2.851  1.00 12.24 ? 68  VAL A CG2 1 
ATOM   473  N N   . GLN A 1 58  ? -8.863  -6.785  1.704   1.00 9.01  ? 69  GLN A N   1 
ATOM   474  C CA  . GLN A 1 58  ? -9.264  -6.716  3.107   1.00 8.45  ? 69  GLN A CA  1 
ATOM   475  C C   . GLN A 1 58  ? -8.182  -6.261  4.073   1.00 8.54  ? 69  GLN A C   1 
ATOM   476  O O   . GLN A 1 58  ? -8.499  -5.774  5.163   1.00 10.71 ? 69  GLN A O   1 
ATOM   477  C CB  . GLN A 1 58  ? -9.805  -8.074  3.560   1.00 10.90 ? 69  GLN A CB  1 
ATOM   478  C CG  . GLN A 1 58  ? -11.033 -8.521  2.775   1.00 9.69  ? 69  GLN A CG  1 
ATOM   479  C CD  . GLN A 1 58  ? -11.540 -9.874  3.221   1.00 13.82 ? 69  GLN A CD  1 
ATOM   480  O OE1 . GLN A 1 58  ? -10.806 -10.863 3.207   1.00 15.39 ? 69  GLN A OE1 1 
ATOM   481  N NE2 . GLN A 1 58  ? -12.802 -9.927  3.606   1.00 18.44 ? 69  GLN A NE2 1 
ATOM   482  N N   . ASN A 1 59  ? -6.912  -6.433  3.706   1.00 9.04  ? 70  ASN A N   1 
ATOM   483  C CA  . ASN A 1 59  ? -5.809  -5.998  4.570   1.00 10.10 ? 70  ASN A CA  1 
ATOM   484  C C   . ASN A 1 59  ? -4.631  -5.497  3.765   1.00 11.06 ? 70  ASN A C   1 
ATOM   485  O O   . ASN A 1 59  ? -4.420  -5.919  2.630   1.00 11.07 ? 70  ASN A O   1 
ATOM   486  C CB  . ASN A 1 59  ? -5.299  -7.145  5.448   1.00 11.02 ? 70  ASN A CB  1 
ATOM   487  C CG  . ASN A 1 59  ? -6.376  -7.752  6.308   1.00 13.95 ? 70  ASN A CG  1 
ATOM   488  O OD1 . ASN A 1 59  ? -6.669  -7.262  7.395   1.00 18.47 ? 70  ASN A OD1 1 
ATOM   489  N ND2 . ASN A 1 59  ? -6.969  -8.835  5.830   1.00 15.66 ? 70  ASN A ND2 1 
ATOM   490  N N   . ILE A 1 60  ? -3.859  -4.605  4.376   1.00 10.31 ? 71  ILE A N   1 
ATOM   491  C CA  . ILE A 1 60  ? -2.562  -4.209  3.852   1.00 10.19 ? 71  ILE A CA  1 
ATOM   492  C C   . ILE A 1 60  ? -1.532  -4.412  4.951   1.00 9.92  ? 71  ILE A C   1 
ATOM   493  O O   . ILE A 1 60  ? -1.792  -4.125  6.122   1.00 11.55 ? 71  ILE A O   1 
ATOM   494  C CB  . ILE A 1 60  ? -2.563  -2.738  3.328   1.00 10.48 ? 71  ILE A CB  1 
ATOM   495  C CG1 . ILE A 1 60  ? -1.206  -2.382  2.697   1.00 10.75 ? 71  ILE A CG1 1 
ATOM   496  C CG2 . ILE A 1 60  ? -2.953  -1.757  4.439   1.00 12.30 ? 71  ILE A CG2 1 
ATOM   497  C CD1 . ILE A 1 60  ? -1.217  -1.102  1.839   1.00 11.92 ? 71  ILE A CD1 1 
ATOM   498  N N   . THR A 1 61  ? -0.367  -4.927  4.580   1.00 10.06 ? 72  THR A N   1 
ATOM   499  C CA  . THR A 1 61  ? 0.701   -5.183  5.541   1.00 10.16 ? 72  THR A CA  1 
ATOM   500  C C   . THR A 1 61  ? 1.936   -4.398  5.124   1.00 10.36 ? 72  THR A C   1 
ATOM   501  O O   . THR A 1 61  ? 2.333   -4.440  3.957   1.00 11.05 ? 72  THR A O   1 
ATOM   502  C CB  . THR A 1 61  ? 1.025   -6.675  5.585   1.00 11.81 ? 72  THR A CB  1 
ATOM   503  O OG1 . THR A 1 61  ? -0.103  -7.383  6.111   1.00 15.47 ? 72  THR A OG1 1 
ATOM   504  C CG2 . THR A 1 61  ? 2.226   -6.945  6.468   1.00 13.30 ? 72  THR A CG2 1 
ATOM   505  N N   . PHE A 1 62  ? 2.527   -3.674  6.074   1.00 10.42 ? 73  PHE A N   1 
ATOM   506  C CA  . PHE A 1 62  ? 3.750   -2.906  5.834   1.00 9.87  ? 73  PHE A CA  1 
ATOM   507  C C   . PHE A 1 62  ? 4.917   -3.545  6.554   1.00 11.17 ? 73  PHE A C   1 
ATOM   508  O O   . PHE A 1 62  ? 4.843   -3.793  7.762   1.00 13.69 ? 73  PHE A O   1 
ATOM   509  C CB  . PHE A 1 62  ? 3.603   -1.474  6.350   1.00 10.98 ? 73  PHE A CB  1 
ATOM   510  C CG  . PHE A 1 62  ? 2.732   -0.599  5.484   1.00 11.82 ? 73  PHE A CG  1 
ATOM   511  C CD1 . PHE A 1 62  ? 1.358   -0.565  5.672   1.00 11.00 ? 73  PHE A CD1 1 
ATOM   512  C CD2 . PHE A 1 62  ? 3.291   0.202   4.495   1.00 13.09 ? 73  PHE A CD2 1 
ATOM   513  C CE1 . PHE A 1 62  ? 0.550   0.241   4.881   1.00 9.77  ? 73  PHE A CE1 1 
ATOM   514  C CE2 . PHE A 1 62  ? 2.492   1.017   3.699   1.00 11.42 ? 73  PHE A CE2 1 
ATOM   515  C CZ  . PHE A 1 62  ? 1.117   1.039   3.903   1.00 11.07 ? 73  PHE A CZ  1 
ATOM   516  N N   . GLY A 1 63  ? 5.989   -3.803  5.811   1.00 11.44 ? 74  GLY A N   1 
ATOM   517  C CA  . GLY A 1 63  ? 7.227   -4.282  6.397   1.00 13.51 ? 74  GLY A CA  1 
ATOM   518  C C   . GLY A 1 63  ? 8.060   -3.121  6.895   1.00 13.57 ? 74  GLY A C   1 
ATOM   519  O O   . GLY A 1 63  ? 7.721   -1.949  6.680   1.00 15.09 ? 74  GLY A O   1 
ATOM   520  N N   . LYS A 1 64  ? 9.151   -3.448  7.579   1.00 14.49 ? 75  LYS A N   1 
ATOM   521  C CA  . LYS A 1 64  ? 9.991   -2.442  8.211   1.00 14.69 ? 75  LYS A CA  1 
ATOM   522  C C   . LYS A 1 64  ? 11.472  -2.690  7.928   1.00 14.66 ? 75  LYS A C   1 
ATOM   523  O O   . LYS A 1 64  ? 11.857  -3.733  7.399   1.00 20.26 ? 75  LYS A O   1 
ATOM   524  C CB  . LYS A 1 64  ? 9.755   -2.451  9.730   1.00 14.47 ? 75  LYS A CB  1 
ATOM   525  C CG  . LYS A 1 64  ? 8.306   -2.204  10.165  1.00 18.24 ? 75  LYS A CG  1 
ATOM   526  C CD  . LYS A 1 64  ? 7.912   -0.740  9.988   1.00 17.23 ? 75  LYS A CD  1 
ATOM   527  C CE  . LYS A 1 64  ? 6.485   -0.470  10.455  1.00 18.02 ? 75  LYS A CE  1 
ATOM   528  N NZ  . LYS A 1 64  ? 6.229   -0.809  11.889  1.00 19.58 ? 75  LYS A NZ  1 
ATOM   529  N N   . TYR A 1 65  ? 12.291  -1.704  8.278   1.00 15.89 ? 76  TYR A N   1 
ATOM   530  C CA  . TYR A 1 65  ? 13.744  -1.855  8.343   1.00 16.55 ? 76  TYR A CA  1 
ATOM   531  C C   . TYR A 1 65  ? 14.049  -2.520  9.680   1.00 21.32 ? 76  TYR A C   1 
ATOM   532  O O   . TYR A 1 65  ? 13.190  -2.543  10.562  1.00 19.92 ? 76  TYR A O   1 
ATOM   533  C CB  . TYR A 1 65  ? 14.381  -0.466  8.268   1.00 15.88 ? 76  TYR A CB  1 
ATOM   534  C CG  . TYR A 1 65  ? 15.896  -0.423  8.258   1.00 19.26 ? 76  TYR A CG  1 
ATOM   535  C CD1 . TYR A 1 65  ? 16.628  -1.222  7.394   1.00 18.25 ? 76  TYR A CD1 1 
ATOM   536  C CD2 . TYR A 1 65  ? 16.580  0.456   9.080   1.00 20.96 ? 76  TYR A CD2 1 
ATOM   537  C CE1 . TYR A 1 65  ? 18.009  -1.173  7.377   1.00 27.21 ? 76  TYR A CE1 1 
ATOM   538  C CE2 . TYR A 1 65  ? 17.963  0.518   9.066   1.00 23.77 ? 76  TYR A CE2 1 
ATOM   539  C CZ  . TYR A 1 65  ? 18.668  -0.301  8.214   1.00 31.60 ? 76  TYR A CZ  1 
ATOM   540  O OH  . TYR A 1 65  ? 20.043  -0.247  8.200   1.00 33.76 ? 76  TYR A OH  1 
ATOM   541  N N   . GLU A 1 66  ? 15.251  -3.065  9.842   1.00 20.00 ? 77  GLU A N   1 
ATOM   542  C CA  . GLU A 1 66  ? 15.592  -3.769  11.083  1.00 22.06 ? 77  GLU A CA  1 
ATOM   543  C C   . GLU A 1 66  ? 15.722  -2.835  12.284  1.00 22.18 ? 77  GLU A C   1 
ATOM   544  O O   . GLU A 1 66  ? 15.760  -3.295  13.432  1.00 26.58 ? 77  GLU A O   1 
ATOM   545  C CB  . GLU A 1 66  ? 16.874  -4.587  10.913  1.00 24.62 ? 77  GLU A CB  1 
ATOM   546  C CG  . GLU A 1 66  ? 18.123  -3.748  10.682  1.00 27.67 ? 77  GLU A CG  1 
ATOM   547  C CD  . GLU A 1 66  ? 19.343  -4.596  10.367  1.00 34.77 ? 77  GLU A CD  1 
ATOM   548  O OE1 . GLU A 1 66  ? 19.215  -5.839  10.362  1.00 44.27 ? 77  GLU A OE1 1 
ATOM   549  O OE2 . GLU A 1 66  ? 20.424  -4.017  10.118  1.00 40.55 ? 77  GLU A OE2 1 
ATOM   550  N N   . LYS A 1 67  ? 15.770  -1.531  12.025  1.00 23.38 ? 78  LYS A N   1 
ATOM   551  C CA  . LYS A 1 67  ? 15.846  -0.536  13.092  1.00 25.20 ? 78  LYS A CA  1 
ATOM   552  C C   . LYS A 1 67  ? 14.998  0.686   12.751  1.00 25.14 ? 78  LYS A C   1 
ATOM   553  O O   . LYS A 1 67  ? 14.664  0.906   11.586  1.00 24.66 ? 78  LYS A O   1 
ATOM   554  C CB  . LYS A 1 67  ? 17.298  -0.119  13.337  1.00 29.67 ? 78  LYS A CB  1 
ATOM   555  C CG  . LYS A 1 67  ? 17.948  0.585   12.156  1.00 41.47 ? 78  LYS A CG  1 
ATOM   556  C CD  . LYS A 1 67  ? 19.464  0.510   12.236  1.00 44.31 ? 78  LYS A CD  1 
ATOM   557  C CE  . LYS A 1 67  ? 19.962  0.867   13.628  1.00 55.56 ? 78  LYS A CE  1 
ATOM   558  N NZ  . LYS A 1 67  ? 21.217  1.666   13.580  1.00 56.58 ? 78  LYS A NZ  1 
ATOM   559  N N   . THR A 1 68  ? 14.647  1.480   13.760  1.00 23.73 ? 79  THR A N   1 
ATOM   560  C CA  . THR A 1 68  ? 13.824  2.664   13.524  1.00 23.12 ? 79  THR A CA  1 
ATOM   561  C C   . THR A 1 68  ? 14.397  3.518   12.393  1.00 28.43 ? 79  THR A C   1 
ATOM   562  O O   . THR A 1 68  ? 15.615  3.579   12.209  1.00 26.60 ? 79  THR A O   1 
ATOM   563  C CB  . THR A 1 68  ? 13.792  3.596   14.744  1.00 27.87 ? 79  THR A CB  1 
ATOM   564  O OG1 . THR A 1 68  ? 15.129  3.965   15.103  1.00 32.27 ? 79  THR A OG1 1 
ATOM   565  C CG2 . THR A 1 68  ? 13.128  2.907   15.927  1.00 29.53 ? 79  THR A CG2 1 
ATOM   566  N N   . HIS A 1 69  ? 13.526  4.162   11.623  1.00 21.04 ? 80  HIS A N   1 
ATOM   567  C CA  . HIS A 1 69  ? 13.997  5.018   10.540  1.00 21.06 ? 80  HIS A CA  1 
ATOM   568  C C   . HIS A 1 69  ? 13.163  6.276   10.380  1.00 22.56 ? 80  HIS A C   1 
ATOM   569  O O   . HIS A 1 69  ? 11.932  6.223   10.430  1.00 20.71 ? 80  HIS A O   1 
ATOM   570  C CB  . HIS A 1 69  ? 13.962  4.194   9.253   1.00 23.97 ? 80  HIS A CB  1 
ATOM   571  C CG  . HIS A 1 69  ? 14.889  4.700   8.193   1.00 23.69 ? 80  HIS A CG  1 
ATOM   572  N ND1 . HIS A 1 69  ? 14.695  5.898   7.547   1.00 21.08 ? 80  HIS A ND1 1 
ATOM   573  C CD2 . HIS A 1 69  ? 16.024  4.167   7.674   1.00 23.11 ? 80  HIS A CD2 1 
ATOM   574  C CE1 . HIS A 1 69  ? 15.672  6.088   6.673   1.00 24.39 ? 80  HIS A CE1 1 
ATOM   575  N NE2 . HIS A 1 69  ? 16.486  5.051   6.730   1.00 20.60 ? 80  HIS A NE2 1 
ATOM   576  N N   . VAL A 1 70  ? 13.836  7.408   10.180  1.00 16.73 ? 81  VAL A N   1 
ATOM   577  C CA  . VAL A 1 70  ? 13.149  8.696   10.101  1.00 18.26 ? 81  VAL A CA  1 
ATOM   578  C C   . VAL A 1 70  ? 12.185  8.758   8.925   1.00 18.11 ? 81  VAL A C   1 
ATOM   579  O O   . VAL A 1 70  ? 11.241  9.554   8.932   1.00 19.76 ? 81  VAL A O   1 
ATOM   580  C CB  . VAL A 1 70  ? 14.141  9.883   10.011  1.00 21.44 ? 81  VAL A CB  1 
ATOM   581  C CG1 . VAL A 1 70  ? 14.986  9.970   11.275  1.00 20.78 ? 81  VAL A CG1 1 
ATOM   582  C CG2 . VAL A 1 70  ? 15.025  9.763   8.778   1.00 21.42 ? 81  VAL A CG2 1 
ATOM   583  N N   . CYS A 1 71  ? 12.412  7.909   7.924   1.00 19.07 ? 82  CYS A N   1 
ATOM   584  C CA  . CYS A 1 71  ? 11.603  7.941   6.706   1.00 17.21 ? 82  CYS A CA  1 
ATOM   585  C C   . CYS A 1 71  ? 10.337  7.109   6.807   1.00 18.86 ? 82  CYS A C   1 
ATOM   586  O O   . CYS A 1 71  ? 9.495   7.154   5.897   1.00 15.22 ? 82  CYS A O   1 
ATOM   587  C CB  . CYS A 1 71  ? 12.421  7.481   5.500   1.00 17.37 ? 82  CYS A CB  1 
ATOM   588  S SG  . CYS A 1 71  ? 13.753  8.621   5.030   1.00 20.45 ? 82  CYS A SG  1 
ATOM   589  N N   . ASN A 1 72  ? 10.194  6.348   7.893   1.00 14.64 ? 83  ASN A N   1 
ATOM   590  C CA  . ASN A 1 72  ? 8.976   5.555   8.100   1.00 13.11 ? 83  ASN A CA  1 
ATOM   591  C C   . ASN A 1 72  ? 7.729   6.418   8.135   1.00 16.54 ? 83  ASN A C   1 
ATOM   592  O O   . ASN A 1 72  ? 7.779   7.568   8.569   1.00 15.45 ? 83  ASN A O   1 
ATOM   593  C CB  . ASN A 1 72  ? 9.069   4.738   9.387   1.00 16.09 ? 83  ASN A CB  1 
ATOM   594  C CG  . ASN A 1 72  ? 9.793   3.428   9.184   1.00 18.08 ? 83  ASN A CG  1 
ATOM   595  O OD1 . ASN A 1 72  ? 9.746   2.841   8.102   1.00 19.54 ? 83  ASN A OD1 1 
ATOM   596  N ND2 . ASN A 1 72  ? 10.468  2.958   10.224  1.00 17.63 ? 83  ASN A ND2 1 
ATOM   597  N N   . LEU A 1 73  ? 6.611   5.861   7.680   1.00 13.00 ? 84  LEU A N   1 
ATOM   598  C CA  . LEU A 1 73  ? 5.387   6.640   7.550   1.00 11.65 ? 84  LEU A CA  1 
ATOM   599  C C   . LEU A 1 73  ? 4.663   6.829   8.869   1.00 14.31 ? 84  LEU A C   1 
ATOM   600  O O   . LEU A 1 73  ? 4.006   5.912   9.356   1.00 16.34 ? 84  LEU A O   1 
ATOM   601  C CB  . LEU A 1 73  ? 4.437   6.003   6.527   1.00 10.44 ? 84  LEU A CB  1 
ATOM   602  C CG  . LEU A 1 73  ? 5.026   5.725   5.140   1.00 12.90 ? 84  LEU A CG  1 
ATOM   603  C CD1 . LEU A 1 73  ? 3.948   5.278   4.165   1.00 13.42 ? 84  LEU A CD1 1 
ATOM   604  C CD2 . LEU A 1 73  ? 5.777   6.953   4.617   1.00 14.62 ? 84  LEU A CD2 1 
ATOM   605  N N   . LYS A 1 74  ? 4.751   8.028   9.431   1.00 13.05 ? 85  LYS A N   1 
ATOM   606  C CA  . LYS A 1 74  ? 4.009   8.343   10.644  1.00 12.83 ? 85  LYS A CA  1 
ATOM   607  C C   . LYS A 1 74  ? 2.528   8.527   10.334  1.00 14.79 ? 85  LYS A C   1 
ATOM   608  O O   . LYS A 1 74  ? 1.677   8.291   11.188  1.00 13.23 ? 85  LYS A O   1 
ATOM   609  C CB  . LYS A 1 74  ? 4.585   9.602   11.301  1.00 14.09 ? 85  LYS A CB  1 
ATOM   610  C CG  . LYS A 1 74  ? 4.006   9.901   12.681  1.00 16.56 ? 85  LYS A CG  1 
ATOM   611  C CD  . LYS A 1 74  ? 4.837   10.963  13.390  1.00 17.19 ? 85  LYS A CD  1 
ATOM   612  C CE  . LYS A 1 74  ? 4.297   11.250  14.783  1.00 26.31 ? 85  LYS A CE  1 
ATOM   613  N NZ  . LYS A 1 74  ? 3.204   12.260  14.752  1.00 46.98 ? 85  LYS A NZ  1 
ATOM   614  N N   . LYS A 1 75  ? 2.216   8.943   9.106   1.00 10.23 ? 86  LYS A N   1 
ATOM   615  C CA  . LYS A 1 75  ? 0.831   9.092   8.694   1.00 10.15 ? 86  LYS A CA  1 
ATOM   616  C C   . LYS A 1 75  ? 0.736   8.736   7.218   1.00 11.70 ? 86  LYS A C   1 
ATOM   617  O O   . LYS A 1 75  ? 1.593   9.143   6.427   1.00 11.48 ? 86  LYS A O   1 
ATOM   618  C CB  . LYS A 1 75  ? 0.392   10.538  8.925   1.00 12.29 ? 86  LYS A CB  1 
ATOM   619  C CG  . LYS A 1 75  ? -1.045  10.850  8.594   1.00 20.86 ? 86  LYS A CG  1 
ATOM   620  C CD  . LYS A 1 75  ? -1.287  12.337  8.802   1.00 25.79 ? 86  LYS A CD  1 
ATOM   621  C CE  . LYS A 1 75  ? -2.753  12.637  9.031   1.00 34.60 ? 86  LYS A CE  1 
ATOM   622  N NZ  . LYS A 1 75  ? -3.593  12.272  7.858   1.00 23.67 ? 86  LYS A NZ  1 
ATOM   623  N N   . PHE A 1 76  ? -0.290  7.969   6.856   1.00 10.26 ? 87  PHE A N   1 
ATOM   624  C CA  . PHE A 1 76  ? -0.526  7.612   5.458   1.00 10.77 ? 87  PHE A CA  1 
ATOM   625  C C   . PHE A 1 76  ? -2.004  7.318   5.230   1.00 10.36 ? 87  PHE A C   1 
ATOM   626  O O   . PHE A 1 76  ? -2.751  7.067   6.178   1.00 9.79  ? 87  PHE A O   1 
ATOM   627  C CB  . PHE A 1 76  ? 0.311   6.394   5.047   1.00 10.21 ? 87  PHE A CB  1 
ATOM   628  C CG  . PHE A 1 76  ? -0.114  5.122   5.718   1.00 9.73  ? 87  PHE A CG  1 
ATOM   629  C CD1 . PHE A 1 76  ? 0.416   4.768   6.952   1.00 10.61 ? 87  PHE A CD1 1 
ATOM   630  C CD2 . PHE A 1 76  ? -1.057  4.285   5.126   1.00 11.62 ? 87  PHE A CD2 1 
ATOM   631  C CE1 . PHE A 1 76  ? 0.015   3.603   7.581   1.00 13.23 ? 87  PHE A CE1 1 
ATOM   632  C CE2 . PHE A 1 76  ? -1.463  3.129   5.751   1.00 11.24 ? 87  PHE A CE2 1 
ATOM   633  C CZ  . PHE A 1 76  ? -0.928  2.783   6.981   1.00 12.99 ? 87  PHE A CZ  1 
ATOM   634  N N   . LYS A 1 77  ? -2.419  7.332   3.969   1.00 7.73  ? 88  LYS A N   1 
ATOM   635  C CA  . LYS A 1 77  ? -3.758  6.894   3.598   1.00 7.34  ? 88  LYS A CA  1 
ATOM   636  C C   . LYS A 1 77  ? -3.664  5.843   2.510   1.00 9.47  ? 88  LYS A C   1 
ATOM   637  O O   . LYS A 1 77  ? -2.658  5.761   1.800   1.00 10.38 ? 88  LYS A O   1 
ATOM   638  C CB  . LYS A 1 77  ? -4.612  8.066   3.113   1.00 9.62  ? 88  LYS A CB  1 
ATOM   639  C CG  . LYS A 1 77  ? -5.064  8.992   4.228   1.00 13.25 ? 88  LYS A CG  1 
ATOM   640  C CD  . LYS A 1 77  ? -5.906  10.121  3.656   1.00 15.38 ? 88  LYS A CD  1 
ATOM   641  C CE  . LYS A 1 77  ? -6.578  10.904  4.773   1.00 25.98 ? 88  LYS A CE  1 
ATOM   642  N NZ  . LYS A 1 77  ? -5.658  11.905  5.341   1.00 36.75 ? 88  LYS A NZ  1 
ATOM   643  N N   . VAL A 1 78  ? -4.707  5.033   2.385   1.00 8.06  ? 89  VAL A N   1 
ATOM   644  C CA  . VAL A 1 78  ? -4.783  4.044   1.323   1.00 8.34  ? 89  VAL A CA  1 
ATOM   645  C C   . VAL A 1 78  ? -6.129  4.218   0.634   1.00 9.00  ? 89  VAL A C   1 
ATOM   646  O O   . VAL A 1 78  ? -7.153  4.367   1.311   1.00 9.50  ? 89  VAL A O   1 
ATOM   647  C CB  . VAL A 1 78  ? -4.670  2.600   1.869   1.00 6.83  ? 89  VAL A CB  1 
ATOM   648  C CG1 . VAL A 1 78  ? -4.742  1.596   0.718   1.00 9.68  ? 89  VAL A CG1 1 
ATOM   649  C CG2 . VAL A 1 78  ? -3.375  2.425   2.658   1.00 10.23 ? 89  VAL A CG2 1 
ATOM   650  N N   . PHE A 1 79  ? -6.121  4.227   -0.700  1.00 8.42  ? 90  PHE A N   1 
ATOM   651  C CA  . PHE A 1 79  ? -7.325  4.367   -1.506  1.00 8.51  ? 90  PHE A CA  1 
ATOM   652  C C   . PHE A 1 79  ? -7.403  3.176   -2.442  1.00 9.47  ? 90  PHE A C   1 
ATOM   653  O O   . PHE A 1 79  ? -6.384  2.522   -2.708  1.00 8.86  ? 90  PHE A O   1 
ATOM   654  C CB  . PHE A 1 79  ? -7.244  5.652   -2.343  1.00 8.82  ? 90  PHE A CB  1 
ATOM   655  C CG  . PHE A 1 79  ? -7.209  6.903   -1.524  1.00 8.99  ? 90  PHE A CG  1 
ATOM   656  C CD1 . PHE A 1 79  ? -6.018  7.356   -0.973  1.00 10.31 ? 90  PHE A CD1 1 
ATOM   657  C CD2 . PHE A 1 79  ? -8.369  7.632   -1.307  1.00 11.12 ? 90  PHE A CD2 1 
ATOM   658  C CE1 . PHE A 1 79  ? -5.982  8.507   -0.220  1.00 12.98 ? 90  PHE A CE1 1 
ATOM   659  C CE2 . PHE A 1 79  ? -8.336  8.791   -0.541  1.00 14.59 ? 90  PHE A CE2 1 
ATOM   660  C CZ  . PHE A 1 79  ? -7.141  9.222   0.005   1.00 12.91 ? 90  PHE A CZ  1 
ATOM   661  N N   . GLY A 1 80  ? -8.585  2.897   -2.973  1.00 8.29  ? 91  GLY A N   1 
ATOM   662  C CA  . GLY A 1 80  ? -8.692  1.806   -3.918  1.00 7.84  ? 91  GLY A CA  1 
ATOM   663  C C   . GLY A 1 80  ? -9.903  1.923   -4.809  1.00 7.52  ? 91  GLY A C   1 
ATOM   664  O O   . GLY A 1 80  ? -10.882 2.603   -4.464  1.00 10.76 ? 91  GLY A O   1 
ATOM   665  N N   . GLY A 1 81  ? -9.836  1.265   -5.958  1.00 8.19  ? 92  GLY A N   1 
ATOM   666  C CA  . GLY A 1 81  ? -10.983 1.187   -6.847  1.00 9.05  ? 92  GLY A CA  1 
ATOM   667  C C   . GLY A 1 81  ? -10.760 0.217   -7.982  1.00 9.38  ? 92  GLY A C   1 
ATOM   668  O O   . GLY A 1 81  ? -9.630  -0.210  -8.241  1.00 9.05  ? 92  GLY A O   1 
ATOM   669  N N   . MET A 1 82  ? -11.845 -0.131  -8.665  1.00 8.53  ? 93  MET A N   1 
ATOM   670  C CA  . MET A 1 82  ? -11.753 -0.887  -9.910  1.00 8.17  ? 93  MET A CA  1 
ATOM   671  C C   . MET A 1 82  ? -11.108 -0.067  -11.021 1.00 8.56  ? 93  MET A C   1 
ATOM   672  O O   . MET A 1 82  ? -10.390 -0.603  -11.873 1.00 10.08 ? 93  MET A O   1 
ATOM   673  C CB  . MET A 1 82  ? -13.152 -1.336  -10.345 1.00 8.77  ? 93  MET A CB  1 
ATOM   674  C CG  . MET A 1 82  ? -13.751 -2.434  -9.451  1.00 9.13  ? 93  MET A CG  1 
ATOM   675  S SD  . MET A 1 82  ? -12.832 -3.979  -9.606  1.00 10.96 ? 93  MET A SD  1 
ATOM   676  C CE  . MET A 1 82  ? -13.250 -4.440  -11.293 1.00 13.81 ? 93  MET A CE  1 
ATOM   677  N N   . ASN A 1 83  ? -11.364 1.237   -11.005 1.00 9.04  ? 94  ASN A N   1 
ATOM   678  C CA  . ASN A 1 83  ? -10.807 2.159   -11.990 1.00 8.81  ? 94  ASN A CA  1 
ATOM   679  C C   . ASN A 1 83  ? -9.674  2.946   -11.346 1.00 12.24 ? 94  ASN A C   1 
ATOM   680  O O   . ASN A 1 83  ? -9.855  3.525   -10.275 1.00 10.70 ? 94  ASN A O   1 
ATOM   681  C CB  . ASN A 1 83  ? -11.910 3.105   -12.476 1.00 8.90  ? 94  ASN A CB  1 
ATOM   682  C CG  . ASN A 1 83  ? -11.474 3.969   -13.640 1.00 8.72  ? 94  ASN A CG  1 
ATOM   683  O OD1 . ASN A 1 83  ? -10.562 4.789   -13.510 1.00 10.60 ? 94  ASN A OD1 1 
ATOM   684  N ND2 . ASN A 1 83  ? -12.130 3.801   -14.782 1.00 11.89 ? 94  ASN A ND2 1 
ATOM   685  N N   . GLU A 1 84  ? -8.513  2.985   -11.992 1.00 9.69  ? 95  GLU A N   1 
ATOM   686  C CA  . GLU A 1 84  ? -7.347  3.635   -11.388 1.00 10.04 ? 95  GLU A CA  1 
ATOM   687  C C   . GLU A 1 84  ? -7.483  5.150   -11.279 1.00 10.11 ? 95  GLU A C   1 
ATOM   688  O O   . GLU A 1 84  ? -6.658  5.797   -10.629 1.00 11.68 ? 95  GLU A O   1 
ATOM   689  C CB  . GLU A 1 84  ? -6.066  3.286   -12.150 1.00 8.42  ? 95  GLU A CB  1 
ATOM   690  C CG  . GLU A 1 84  ? -5.973  3.878   -13.560 1.00 11.64 ? 95  GLU A CG  1 
ATOM   691  C CD  . GLU A 1 84  ? -4.606  3.643   -14.156 1.00 12.07 ? 95  GLU A CD  1 
ATOM   692  O OE1 . GLU A 1 84  ? -3.642  4.283   -13.686 1.00 14.78 ? 95  GLU A OE1 1 
ATOM   693  O OE2 . GLU A 1 84  ? -4.477  2.809   -15.069 1.00 13.15 ? 95  GLU A OE2 1 
ATOM   694  N N   . GLU A 1 85  ? -8.505  5.716   -11.914 1.00 12.24 ? 96  GLU A N   1 
ATOM   695  C CA  . GLU A 1 85  ? -8.691  7.160   -11.889 1.00 12.03 ? 96  GLU A CA  1 
ATOM   696  C C   . GLU A 1 85  ? -9.813  7.570   -10.947 1.00 15.44 ? 96  GLU A C   1 
ATOM   697  O O   . GLU A 1 85  ? -10.119 8.760   -10.828 1.00 19.83 ? 96  GLU A O   1 
ATOM   698  C CB  . GLU A 1 85  ? -8.986  7.694   -13.298 1.00 12.10 ? 96  GLU A CB  1 
ATOM   699  C CG  . GLU A 1 85  ? -7.901  7.408   -14.325 1.00 13.07 ? 96  GLU A CG  1 
ATOM   700  C CD  . GLU A 1 85  ? -8.229  7.960   -15.704 1.00 18.17 ? 96  GLU A CD  1 
ATOM   701  O OE1 . GLU A 1 85  ? -8.690  9.117   -15.792 1.00 24.34 ? 96  GLU A OE1 1 
ATOM   702  O OE2 . GLU A 1 85  ? -8.024  7.235   -16.701 1.00 18.17 ? 96  GLU A OE2 1 
ATOM   703  N N   . ASN A 1 86  ? -10.423 6.598   -10.271 1.00 11.97 ? 97  ASN A N   1 
ATOM   704  C CA  . ASN A 1 86  ? -11.603 6.871   -9.453  1.00 10.63 ? 97  ASN A CA  1 
ATOM   705  C C   . ASN A 1 86  ? -11.612 5.955   -8.236  1.00 9.80  ? 97  ASN A C   1 
ATOM   706  O O   . ASN A 1 86  ? -12.075 4.815   -8.300  1.00 14.34 ? 97  ASN A O   1 
ATOM   707  C CB  . ASN A 1 86  ? -12.872 6.683   -10.294 1.00 12.29 ? 97  ASN A CB  1 
ATOM   708  C CG  . ASN A 1 86  ? -14.089 7.363   -9.687  1.00 20.44 ? 97  ASN A CG  1 
ATOM   709  O OD1 . ASN A 1 86  ? -14.007 7.972   -8.620  1.00 23.89 ? 97  ASN A OD1 1 
ATOM   710  N ND2 . ASN A 1 86  ? -15.218 7.290   -10.383 1.00 20.76 ? 97  ASN A ND2 1 
ATOM   711  N N   . MET A 1 87  ? -11.083 6.458   -7.129  1.00 10.99 ? 98  MET A N   1 
ATOM   712  C CA  . MET A 1 87  ? -10.900 5.620   -5.949  1.00 12.84 ? 98  MET A CA  1 
ATOM   713  C C   . MET A 1 87  ? -11.566 6.177   -4.707  1.00 13.63 ? 98  MET A C   1 
ATOM   714  O O   . MET A 1 87  ? -11.872 7.369   -4.625  1.00 19.12 ? 98  MET A O   1 
ATOM   715  C CB  . MET A 1 87  ? -9.424  5.439   -5.664  1.00 13.23 ? 98  MET A CB  1 
ATOM   716  C CG  . MET A 1 87  ? -8.669  4.757   -6.764  1.00 11.32 ? 98  MET A CG  1 
ATOM   717  S SD  . MET A 1 87  ? -7.009  4.523   -6.149  1.00 16.72 ? 98  MET A SD  1 
ATOM   718  C CE  . MET A 1 87  ? -6.248  3.772   -7.566  1.00 12.31 ? 98  MET A CE  1 
ATOM   719  N N   . THR A 1 88  ? -11.765 5.303   -3.729  1.00 10.98 ? 99  THR A N   1 
ATOM   720  C CA  . THR A 1 88  ? -12.354 5.711   -2.467  1.00 15.75 ? 99  THR A CA  1 
ATOM   721  C C   . THR A 1 88  ? -11.374 5.390   -1.344  1.00 12.79 ? 99  THR A C   1 
ATOM   722  O O   . THR A 1 88  ? -10.513 4.514   -1.492  1.00 11.73 ? 99  THR A O   1 
ATOM   723  C CB  . THR A 1 88  ? -13.704 5.001   -2.236  1.00 17.66 ? 99  THR A CB  1 
ATOM   724  O OG1 . THR A 1 88  ? -14.409 5.641   -1.166  1.00 22.03 ? 99  THR A OG1 1 
ATOM   725  C CG2 . THR A 1 88  ? -13.493 3.551   -1.894  1.00 15.09 ? 99  THR A CG2 1 
ATOM   726  N N   . GLU A 1 89  ? -11.482 6.113   -0.234  1.00 11.52 ? 100 GLU A N   1 
ATOM   727  C CA  . GLU A 1 89  ? -10.535 5.958   0.868   1.00 10.10 ? 100 GLU A CA  1 
ATOM   728  C C   . GLU A 1 89  ? -10.801 4.670   1.639   1.00 11.42 ? 100 GLU A C   1 
ATOM   729  O O   . GLU A 1 89  ? -11.939 4.400   2.051   1.00 13.39 ? 100 GLU A O   1 
ATOM   730  C CB  . GLU A 1 89  ? -10.623 7.161   1.800   1.00 12.45 ? 100 GLU A CB  1 
ATOM   731  C CG  . GLU A 1 89  ? -9.591  7.159   2.918   1.00 12.91 ? 100 GLU A CG  1 
ATOM   732  C CD  . GLU A 1 89  ? -9.599  8.456   3.693   1.00 23.66 ? 100 GLU A CD  1 
ATOM   733  O OE1 . GLU A 1 89  ? -9.685  9.528   3.057   1.00 22.87 ? 100 GLU A OE1 1 
ATOM   734  O OE2 . GLU A 1 89  ? -9.538  8.405   4.933   1.00 23.09 ? 100 GLU A OE2 1 
ATOM   735  N N   . LEU A 1 90  ? -9.753  3.872   1.838   1.00 10.47 ? 101 LEU A N   1 
ATOM   736  C CA  . LEU A 1 90  ? -9.894  2.578   2.509   1.00 9.61  ? 101 LEU A CA  1 
ATOM   737  C C   . LEU A 1 90  ? -9.315  2.575   3.911   1.00 9.63  ? 101 LEU A C   1 
ATOM   738  O O   . LEU A 1 90  ? -9.676  1.725   4.731   1.00 10.00 ? 101 LEU A O   1 
ATOM   739  C CB  . LEU A 1 90  ? -9.201  1.481   1.710   1.00 9.87  ? 101 LEU A CB  1 
ATOM   740  C CG  . LEU A 1 90  ? -9.504  1.430   0.218   1.00 9.47  ? 101 LEU A CG  1 
ATOM   741  C CD1 . LEU A 1 90  ? -8.715  0.304   -0.404  1.00 10.76 ? 101 LEU A CD1 1 
ATOM   742  C CD2 . LEU A 1 90  ? -10.990 1.237   -0.025  1.00 11.70 ? 101 LEU A CD2 1 
ATOM   743  N N   . LEU A 1 91  ? -8.406  3.514   4.178   1.00 8.71  ? 102 LEU A N   1 
ATOM   744  C CA  . LEU A 1 91  ? -7.674  3.536   5.441   1.00 8.29  ? 102 LEU A CA  1 
ATOM   745  C C   . LEU A 1 91  ? -6.992  4.877   5.629   1.00 10.50 ? 102 LEU A C   1 
ATOM   746  O O   . LEU A 1 91  ? -6.441  5.441   4.678   1.00 10.72 ? 102 LEU A O   1 
ATOM   747  C CB  . LEU A 1 91  ? -6.615  2.427   5.454   1.00 9.89  ? 102 LEU A CB  1 
ATOM   748  C CG  . LEU A 1 91  ? -5.719  2.310   6.691   1.00 9.08  ? 102 LEU A CG  1 
ATOM   749  C CD1 . LEU A 1 91  ? -6.552  1.952   7.923   1.00 10.95 ? 102 LEU A CD1 1 
ATOM   750  C CD2 . LEU A 1 91  ? -4.633  1.268   6.448   1.00 11.76 ? 102 LEU A CD2 1 
ATOM   751  N N   . SER A 1 92  ? -7.009  5.376   6.865   1.00 9.18  ? 103 SER A N   1 
ATOM   752  C CA  . SER A 1 92  ? -6.238  6.555   7.233   1.00 8.08  ? 103 SER A CA  1 
ATOM   753  C C   . SER A 1 92  ? -5.609  6.236   8.575   1.00 9.28  ? 103 SER A C   1 
ATOM   754  O O   . SER A 1 92  ? -6.315  6.071   9.581   1.00 11.44 ? 103 SER A O   1 
ATOM   755  C CB  . SER A 1 92  ? -7.153  7.775   7.338   1.00 10.24 ? 103 SER A CB  1 
ATOM   756  O OG  . SER A 1 92  ? -6.419  8.935   7.712   1.00 12.06 ? 103 SER A OG  1 
ATOM   757  N N   . SER A 1 93  ? -4.309  6.080   8.598   1.00 8.83  ? 104 SER A N   1 
ATOM   758  C CA  . SER A 1 93  ? -3.610  5.653   9.803   1.00 8.84  ? 104 SER A CA  1 
ATOM   759  C C   . SER A 1 93  ? -2.093  5.830   9.639   1.00 11.02 ? 104 SER A C   1 
ATOM   760  O O   . SER A 1 93  ? -1.650  6.344   8.671   1.00 10.44 ? 104 SER A O   1 
ATOM   761  C CB  . SER A 1 93  ? -3.763  4.163   10.008  1.00 10.60 ? 104 SER A CB  1 
ATOM   762  O OG  . SER A 1 93  ? -3.417  3.803   11.316  1.00 11.21 ? 104 SER A OG  1 
ATOM   763  N N   . GLY A 1 94  ? -1.339  5.461   10.638  1.00 11.13 ? 105 GLY A N   1 
ATOM   764  C CA  . GLY A 1 94  ? 0.125   5.576   10.587  1.00 13.77 ? 105 GLY A CA  1 
ATOM   765  C C   . GLY A 1 94  ? 0.848   4.351   11.072  1.00 13.82 ? 105 GLY A C   1 
ATOM   766  O O   . GLY A 1 94  ? 0.240   3.479   11.695  1.00 13.10 ? 105 GLY A O   1 
ATOM   767  N N   . LEU A 1 95  ? 2.146   4.271   10.785  1.00 12.23 ? 106 LEU A N   1 
ATOM   768  C CA  . LEU A 1 95  ? 2.955   3.145   11.245  1.00 10.83 ? 106 LEU A CA  1 
ATOM   769  C C   . LEU A 1 95  ? 3.641   3.457   12.562  1.00 15.24 ? 106 LEU A C   1 
ATOM   770  O O   . LEU A 1 95  ? 3.900   4.620   12.887  1.00 12.85 ? 106 LEU A O   1 
ATOM   771  C CB  . LEU A 1 95  ? 4.035   2.803   10.225  1.00 10.52 ? 106 LEU A CB  1 
ATOM   772  C CG  . LEU A 1 95  ? 3.565   2.453   8.825   1.00 11.85 ? 106 LEU A CG  1 
ATOM   773  C CD1 . LEU A 1 95  ? 4.735   2.133   7.910   1.00 12.84 ? 106 LEU A CD1 1 
ATOM   774  C CD2 . LEU A 1 95  ? 2.605   1.274   8.900   1.00 12.07 ? 106 LEU A CD2 1 
ATOM   775  N N   . LYS A 1 96  ? 3.931   2.409   13.325  1.00 16.58 ? 107 LYS A N   1 
ATOM   776  C CA  . LYS A 1 96  ? 4.856   2.545   14.440  1.00 15.09 ? 107 LYS A CA  1 
ATOM   777  C C   . LYS A 1 96  ? 6.273   2.608   13.881  1.00 15.48 ? 107 LYS A C   1 
ATOM   778  O O   . LYS A 1 96  ? 6.607   1.903   12.918  1.00 18.66 ? 107 LYS A O   1 
ATOM   779  C CB  . LYS A 1 96  ? 4.720   1.353   15.389  1.00 18.09 ? 107 LYS A CB  1 
ATOM   780  C CG  . LYS A 1 96  ? 3.311   1.121   15.889  1.00 18.56 ? 107 LYS A CG  1 
ATOM   781  C CD  . LYS A 1 96  ? 2.710   2.396   16.424  1.00 27.49 ? 107 LYS A CD  1 
ATOM   782  C CE  . LYS A 1 96  ? 1.346   2.151   17.058  1.00 29.14 ? 107 LYS A CE  1 
ATOM   783  N NZ  . LYS A 1 96  ? 1.462   1.403   18.339  1.00 29.76 ? 107 LYS A NZ  1 
ATOM   784  N N   . ASN A 1 97  ? 7.111   3.460   14.463  1.00 20.20 ? 108 ASN A N   1 
ATOM   785  C CA  . ASN A 1 97  ? 8.511   3.488   14.067  1.00 20.14 ? 108 ASN A CA  1 
ATOM   786  C C   . ASN A 1 97  ? 9.265   2.412   14.840  1.00 24.58 ? 108 ASN A C   1 
ATOM   787  O O   . ASN A 1 97  ? 9.914   2.691   15.853  1.00 24.75 ? 108 ASN A O   1 
ATOM   788  C CB  . ASN A 1 97  ? 9.108   4.872   14.308  1.00 22.25 ? 108 ASN A CB  1 
ATOM   789  C CG  . ASN A 1 97  ? 10.450  5.058   13.626  1.00 22.70 ? 108 ASN A CG  1 
ATOM   790  O OD1 . ASN A 1 97  ? 10.825  4.289   12.736  1.00 23.68 ? 108 ASN A OD1 1 
ATOM   791  N ND2 . ASN A 1 97  ? 11.180  6.089   14.037  1.00 26.43 ? 108 ASN A ND2 1 
ATOM   792  N N   . ASP A 1 98  ? 9.142   1.176   14.366  1.00 22.30 ? 109 ASP A N   1 
ATOM   793  C CA  . ASP A 1 98  ? 9.841   0.040   14.964  1.00 19.32 ? 109 ASP A CA  1 
ATOM   794  C C   . ASP A 1 98  ? 10.205  -0.947  13.864  1.00 21.96 ? 109 ASP A C   1 
ATOM   795  O O   . ASP A 1 98  ? 9.988   -0.668  12.679  1.00 18.76 ? 109 ASP A O   1 
ATOM   796  C CB  . ASP A 1 98  ? 8.996   -0.624  16.065  1.00 25.08 ? 109 ASP A CB  1 
ATOM   797  C CG  . ASP A 1 98  ? 7.646   -1.133  15.566  1.00 23.36 ? 109 ASP A CG  1 
ATOM   798  O OD1 . ASP A 1 98  ? 7.475   -1.345  14.348  1.00 22.08 ? 109 ASP A OD1 1 
ATOM   799  O OD2 . ASP A 1 98  ? 6.747   -1.341  16.409  1.00 28.53 ? 109 ASP A OD2 1 
ATOM   800  N N   . TYR A 1 99  ? 10.738  -2.104  14.240  1.00 20.45 ? 110 TYR A N   1 
ATOM   801  C CA  . TYR A 1 99  ? 11.089  -3.116  13.247  1.00 22.41 ? 110 TYR A CA  1 
ATOM   802  C C   . TYR A 1 99  ? 9.996   -4.167  13.054  1.00 17.91 ? 110 TYR A C   1 
ATOM   803  O O   . TYR A 1 99  ? 10.220  -5.178  12.384  1.00 22.99 ? 110 TYR A O   1 
ATOM   804  C CB  . TYR A 1 99  ? 12.426  -3.790  13.595  1.00 25.16 ? 110 TYR A CB  1 
ATOM   805  C CG  . TYR A 1 99  ? 12.558  -4.193  15.049  1.00 27.66 ? 110 TYR A CG  1 
ATOM   806  C CD1 . TYR A 1 99  ? 11.814  -5.244  15.569  1.00 32.24 ? 110 TYR A CD1 1 
ATOM   807  C CD2 . TYR A 1 99  ? 13.440  -3.531  15.896  1.00 39.27 ? 110 TYR A CD2 1 
ATOM   808  C CE1 . TYR A 1 99  ? 11.931  -5.619  16.897  1.00 33.99 ? 110 TYR A CE1 1 
ATOM   809  C CE2 . TYR A 1 99  ? 13.564  -3.898  17.226  1.00 45.91 ? 110 TYR A CE2 1 
ATOM   810  C CZ  . TYR A 1 99  ? 12.807  -4.944  17.720  1.00 44.29 ? 110 TYR A CZ  1 
ATOM   811  O OH  . TYR A 1 99  ? 12.922  -5.320  19.039  1.00 49.54 ? 110 TYR A OH  1 
ATOM   812  N N   . ASN A 1 100 ? 8.818   -3.919  13.623  1.00 17.74 ? 111 ASN A N   1 
ATOM   813  C CA  . ASN A 1 100 ? 7.715   -4.873  13.566  1.00 17.91 ? 111 ASN A CA  1 
ATOM   814  C C   . ASN A 1 100 ? 6.765   -4.643  12.392  1.00 15.03 ? 111 ASN A C   1 
ATOM   815  O O   . ASN A 1 100 ? 6.199   -3.550  12.236  1.00 17.35 ? 111 ASN A O   1 
ATOM   816  C CB  . ASN A 1 100 ? 6.918   -4.823  14.867  1.00 21.83 ? 111 ASN A CB  1 
ATOM   817  C CG  . ASN A 1 100 ? 7.767   -5.150  16.072  1.00 27.74 ? 111 ASN A CG  1 
ATOM   818  O OD1 . ASN A 1 100 ? 8.394   -6.205  16.128  1.00 25.50 ? 111 ASN A OD1 1 
ATOM   819  N ND2 . ASN A 1 100 ? 7.816   -4.234  17.032  1.00 27.28 ? 111 ASN A ND2 1 
ATOM   820  N N   . LYS A 1 101 ? 6.596   -5.681  11.581  1.00 16.68 ? 112 LYS A N   1 
ATOM   821  C CA  . LYS A 1 101 ? 5.615   -5.679  10.499  1.00 16.44 ? 112 LYS A CA  1 
ATOM   822  C C   . LYS A 1 101 ? 4.241   -5.377  11.081  1.00 17.00 ? 112 LYS A C   1 
ATOM   823  O O   . LYS A 1 101 ? 3.919   -5.822  12.188  1.00 18.50 ? 112 LYS A O   1 
ATOM   824  C CB  . LYS A 1 101 ? 5.602   -7.046  9.826   1.00 21.34 ? 112 LYS A CB  1 
ATOM   825  C CG  . LYS A 1 101 ? 5.060   -7.043  8.427   1.00 33.67 ? 112 LYS A CG  1 
ATOM   826  C CD  . LYS A 1 101 ? 6.050   -7.661  7.459   1.00 36.55 ? 112 LYS A CD  1 
ATOM   827  C CE  . LYS A 1 101 ? 6.340   -9.096  7.811   1.00 31.96 ? 112 LYS A CE  1 
ATOM   828  N NZ  . LYS A 1 101 ? 7.132   -9.782  6.757   1.00 34.22 ? 112 LYS A NZ  1 
ATOM   829  N N   . GLU A 1 102 ? 3.436   -4.611  10.349  1.00 13.42 ? 113 GLU A N   1 
ATOM   830  C CA  . GLU A 1 102 ? 2.101   -4.251  10.816  1.00 12.84 ? 113 GLU A CA  1 
ATOM   831  C C   . GLU A 1 102 ? 1.070   -4.521  9.738   1.00 13.58 ? 113 GLU A C   1 
ATOM   832  O O   . GLU A 1 102 ? 1.298   -4.227  8.556   1.00 14.30 ? 113 GLU A O   1 
ATOM   833  C CB  . GLU A 1 102 ? 2.030   -2.772  11.187  1.00 14.91 ? 113 GLU A CB  1 
ATOM   834  C CG  . GLU A 1 102 ? 2.902   -2.351  12.351  1.00 14.80 ? 113 GLU A CG  1 
ATOM   835  C CD  . GLU A 1 102 ? 2.726   -0.889  12.662  1.00 18.63 ? 113 GLU A CD  1 
ATOM   836  O OE1 . GLU A 1 102 ? 3.650   -0.109  12.362  1.00 19.01 ? 113 GLU A OE1 1 
ATOM   837  O OE2 . GLU A 1 102 ? 1.665   -0.515  13.206  1.00 20.05 ? 113 GLU A OE2 1 
ATOM   838  N N   . THR A 1 103 ? -0.072  -5.060  10.151  1.00 12.74 ? 114 THR A N   1 
ATOM   839  C CA  . THR A 1 103 ? -1.180  -5.315  9.231   1.00 10.04 ? 114 THR A CA  1 
ATOM   840  C C   . THR A 1 103 ? -2.380  -4.469  9.641   1.00 13.66 ? 114 THR A C   1 
ATOM   841  O O   . THR A 1 103 ? -2.684  -4.342  10.833  1.00 14.08 ? 114 THR A O   1 
ATOM   842  C CB  . THR A 1 103 ? -1.550  -6.812  9.225   1.00 10.40 ? 114 THR A CB  1 
ATOM   843  O OG1 . THR A 1 103 ? -0.430  -7.571  8.740   1.00 16.12 ? 114 THR A OG1 1 
ATOM   844  C CG2 . THR A 1 103 ? -2.754  -7.073  8.341   1.00 12.65 ? 114 THR A CG2 1 
ATOM   845  N N   . PHE A 1 104 ? -3.042  -3.873  8.648   1.00 10.17 ? 115 PHE A N   1 
ATOM   846  C CA  . PHE A 1 104 ? -4.202  -3.029  8.877   1.00 8.04  ? 115 PHE A CA  1 
ATOM   847  C C   . PHE A 1 104 ? -5.376  -3.554  8.062   1.00 10.60 ? 115 PHE A C   1 
ATOM   848  O O   . PHE A 1 104 ? -5.234  -3.840  6.862   1.00 11.69 ? 115 PHE A O   1 
ATOM   849  C CB  . PHE A 1 104 ? -3.922  -1.600  8.386   1.00 9.11  ? 115 PHE A CB  1 
ATOM   850  C CG  . PHE A 1 104 ? -2.796  -0.920  9.092   1.00 7.76  ? 115 PHE A CG  1 
ATOM   851  C CD1 . PHE A 1 104 ? -1.487  -1.123  8.685   1.00 8.63  ? 115 PHE A CD1 1 
ATOM   852  C CD2 . PHE A 1 104 ? -3.045  -0.066  10.160  1.00 10.71 ? 115 PHE A CD2 1 
ATOM   853  C CE1 . PHE A 1 104 ? -0.441  -0.491  9.337   1.00 11.41 ? 115 PHE A CE1 1 
ATOM   854  C CE2 . PHE A 1 104 ? -1.993  0.575   10.816  1.00 9.84  ? 115 PHE A CE2 1 
ATOM   855  C CZ  . PHE A 1 104 ? -0.695  0.355   10.407  1.00 10.95 ? 115 PHE A CZ  1 
ATOM   856  N N   . THR A 1 105 ? -6.546  -3.641  8.688   1.00 12.49 ? 116 THR A N   1 
ATOM   857  C CA  . THR A 1 105 ? -7.760  -3.929  7.930   1.00 11.97 ? 116 THR A CA  1 
ATOM   858  C C   . THR A 1 105 ? -8.118  -2.735  7.049   1.00 12.73 ? 116 THR A C   1 
ATOM   859  O O   . THR A 1 105 ? -7.875  -1.572  7.420   1.00 12.71 ? 116 THR A O   1 
ATOM   860  C CB  . THR A 1 105 ? -8.948  -4.268  8.834   1.00 12.96 ? 116 THR A CB  1 
ATOM   861  O OG1 . THR A 1 105 ? -9.187  -3.184  9.740   1.00 16.61 ? 116 THR A OG1 1 
ATOM   862  C CG2 . THR A 1 105 ? -8.669  -5.532  9.616   1.00 12.06 ? 116 THR A CG2 1 
ATOM   863  N N   . LEU A 1 106 ? -8.673  -3.028  5.877   1.00 11.58 ? 117 LEU A N   1 
ATOM   864  C CA  . LEU A 1 106 ? -9.102  -2.007  4.930   1.00 10.17 ? 117 LEU A CA  1 
ATOM   865  C C   . LEU A 1 106 ? -10.614 -2.034  4.832   1.00 11.10 ? 117 LEU A C   1 
ATOM   866  O O   . LEU A 1 106 ? -11.225 -3.111  4.898   1.00 12.13 ? 117 LEU A O   1 
ATOM   867  C CB  . LEU A 1 106 ? -8.531  -2.296  3.543   1.00 10.78 ? 117 LEU A CB  1 
ATOM   868  C CG  . LEU A 1 106 ? -7.012  -2.246  3.437   1.00 11.48 ? 117 LEU A CG  1 
ATOM   869  C CD1 . LEU A 1 106 ? -6.569  -2.810  2.101   1.00 12.42 ? 117 LEU A CD1 1 
ATOM   870  C CD2 . LEU A 1 106 ? -6.505  -0.809  3.612   1.00 13.72 ? 117 LEU A CD2 1 
ATOM   871  N N   . LYS A 1 107 ? -11.224 -0.860  4.684   1.00 10.77 ? 118 LYS A N   1 
ATOM   872  C CA  . LYS A 1 107 ? -12.625 -0.778  4.344   1.00 10.07 ? 118 LYS A CA  1 
ATOM   873  C C   . LYS A 1 107 ? -12.980 -1.425  2.999   1.00 11.07 ? 118 LYS A C   1 
ATOM   874  O O   . LYS A 1 107 ? -12.536 -0.941  1.948   1.00 10.67 ? 118 LYS A O   1 
ATOM   875  C CB  . LYS A 1 107 ? -13.088 0.672   4.235   1.00 11.87 ? 118 LYS A CB  1 
ATOM   876  C CG  . LYS A 1 107 ? -14.539 0.853   3.779   1.00 13.91 ? 118 LYS A CG  1 
ATOM   877  C CD  . LYS A 1 107 ? -14.851 2.338   3.632   1.00 19.22 ? 118 LYS A CD  1 
ATOM   878  C CE  . LYS A 1 107 ? -16.255 2.580   3.108   1.00 25.02 ? 118 LYS A CE  1 
ATOM   879  N NZ  . LYS A 1 107 ? -16.454 4.033   2.802   1.00 26.34 ? 118 LYS A NZ  1 
ATOM   880  N N   . HIS A 1 108 ? -13.710 -2.525  3.030   1.00 9.73  ? 119 HIS A N   1 
ATOM   881  C CA  . HIS A 1 108 ? -14.082 -3.195  1.802   1.00 11.02 ? 119 HIS A CA  1 
ATOM   882  C C   . HIS A 1 108 ? -15.587 -3.478  1.637   1.00 10.63 ? 119 HIS A C   1 
ATOM   883  O O   . HIS A 1 108 ? -15.947 -4.288  0.892   1.00 12.20 ? 119 HIS A O   1 
ATOM   884  C CB  . HIS A 1 108 ? -13.330 -4.499  1.693   1.00 10.35 ? 119 HIS A CB  1 
ATOM   885  C CG  . HIS A 1 108 ? -13.577 -5.465  2.811   1.00 8.53  ? 119 HIS A CG  1 
ATOM   886  N ND1 . HIS A 1 108 ? -12.901 -5.422  4.008   1.00 10.97 ? 119 HIS A ND1 1 
ATOM   887  C CD2 . HIS A 1 108 ? -14.418 -6.516  2.896   1.00 11.65 ? 119 HIS A CD2 1 
ATOM   888  C CE1 . HIS A 1 108 ? -13.328 -6.407  4.768   1.00 13.63 ? 119 HIS A CE1 1 
ATOM   889  N NE2 . HIS A 1 108 ? -14.245 -7.081  4.120   1.00 15.25 ? 119 HIS A NE2 1 
ATOM   890  N N   . LYS A 1 109 ? -16.386 -2.761  2.364   1.00 13.30 ? 120 LYS A N   1 
ATOM   891  C CA  . LYS A 1 109 ? -17.836 -2.844  2.207   1.00 17.75 ? 120 LYS A CA  1 
ATOM   892  C C   . LYS A 1 109 ? -18.436 -1.462  2.216   1.00 22.79 ? 120 LYS A C   1 
ATOM   893  O O   . LYS A 1 109 ? -17.878 -0.529  2.793   1.00 21.44 ? 120 LYS A O   1 
ATOM   894  C CB  . LYS A 1 109 ? -18.507 -3.563  3.371   1.00 21.98 ? 120 LYS A CB  1 
ATOM   895  C CG  . LYS A 1 109 ? -18.028 -4.935  3.691   1.00 21.68 ? 120 LYS A CG  1 
ATOM   896  C CD  . LYS A 1 109 ? -18.612 -5.305  5.046   1.00 31.77 ? 120 LYS A CD  1 
ATOM   897  C CE  . LYS A 1 109 ? -17.792 -6.353  5.749   1.00 44.72 ? 120 LYS A CE  1 
ATOM   898  N NZ  . LYS A 1 109 ? -17.920 -7.684  5.102   1.00 56.25 ? 120 LYS A NZ  1 
ATOM   899  N N   . ILE A 1 110 ? -19.609 -1.354  1.604   1.00 21.56 ? 121 ILE A N   1 
ATOM   900  C CA  . ILE A 1 110 ? -20.483 -0.219  1.830   1.00 28.72 ? 121 ILE A CA  1 
ATOM   901  C C   . ILE A 1 110 ? -21.848 -0.800  2.163   1.00 34.85 ? 121 ILE A C   1 
ATOM   902  O O   . ILE A 1 110 ? -22.418 -1.539  1.359   1.00 31.98 ? 121 ILE A O   1 
ATOM   903  C CB  . ILE A 1 110 ? -20.571 0.684   0.601   1.00 34.95 ? 121 ILE A CB  1 
ATOM   904  C CG1 . ILE A 1 110 ? -19.237 1.408   0.401   1.00 34.42 ? 121 ILE A CG1 1 
ATOM   905  C CG2 . ILE A 1 110 ? -21.701 1.689   0.773   1.00 36.01 ? 121 ILE A CG2 1 
ATOM   906  C CD1 . ILE A 1 110 ? -18.753 1.441   -1.032  1.00 37.30 ? 121 ILE A CD1 1 
ATOM   907  N N   . ASP A 1 111 ? -22.350 -0.494  3.357   1.00 45.90 ? 122 ASP A N   1 
ATOM   908  C CA  . ASP A 1 111 ? -23.620 -1.041  3.830   1.00 51.71 ? 122 ASP A CA  1 
ATOM   909  C C   . ASP A 1 111 ? -23.649 -2.565  3.742   1.00 45.61 ? 122 ASP A C   1 
ATOM   910  O O   . ASP A 1 111 ? -24.554 -3.143  3.138   1.00 50.44 ? 122 ASP A O   1 
ATOM   911  C CB  . ASP A 1 111 ? -24.799 -0.439  3.055   1.00 51.97 ? 122 ASP A CB  1 
ATOM   912  C CG  . ASP A 1 111 ? -24.982 1.045   3.324   1.00 60.89 ? 122 ASP A CG  1 
ATOM   913  O OD1 . ASP A 1 111 ? -24.798 1.474   4.485   1.00 63.88 ? 122 ASP A OD1 1 
ATOM   914  O OD2 . ASP A 1 111 ? -25.323 1.780   2.373   1.00 62.75 ? 122 ASP A OD2 1 
ATOM   915  N N   . GLU A 1 112 ? -22.635 -3.202  4.322   1.00 39.10 ? 123 GLU A N   1 
ATOM   916  C CA  . GLU A 1 112 ? -22.543 -4.664  4.384   1.00 36.12 ? 123 GLU A CA  1 
ATOM   917  C C   . GLU A 1 112 ? -22.352 -5.381  3.044   1.00 29.44 ? 123 GLU A C   1 
ATOM   918  O O   . GLU A 1 112 ? -22.264 -6.611  3.004   1.00 32.89 ? 123 GLU A O   1 
ATOM   919  C CB  . GLU A 1 112 ? -23.727 -5.261  5.154   1.00 44.37 ? 123 GLU A CB  1 
ATOM   920  C CG  . GLU A 1 112 ? -23.596 -5.081  6.652   1.00 57.11 ? 123 GLU A CG  1 
ATOM   921  C CD  . GLU A 1 112 ? -22.205 -5.436  7.140   1.00 61.08 ? 123 GLU A CD  1 
ATOM   922  O OE1 . GLU A 1 112 ? -21.830 -6.625  7.060   1.00 57.13 ? 123 GLU A OE1 1 
ATOM   923  O OE2 . GLU A 1 112 ? -21.479 -4.524  7.588   1.00 67.67 ? 123 GLU A OE2 1 
ATOM   924  N N   . GLN A 1 113 ? -22.273 -4.615  1.961   1.00 29.53 ? 124 GLN A N   1 
ATOM   925  C CA  . GLN A 1 113 ? -22.019 -5.173  0.636   1.00 24.56 ? 124 GLN A CA  1 
ATOM   926  C C   . GLN A 1 113 ? -20.551 -5.002  0.250   1.00 17.52 ? 124 GLN A C   1 
ATOM   927  O O   . GLN A 1 113 ? -20.069 -3.878  0.106   1.00 19.79 ? 124 GLN A O   1 
ATOM   928  C CB  . GLN A 1 113 ? -22.908 -4.480  -0.398  1.00 24.18 ? 124 GLN A CB  1 
ATOM   929  C CG  . GLN A 1 113 ? -22.554 -4.778  -1.849  1.00 29.28 ? 124 GLN A CG  1 
ATOM   930  C CD  . GLN A 1 113 ? -22.744 -6.237  -2.214  1.00 44.56 ? 124 GLN A CD  1 
ATOM   931  O OE1 . GLN A 1 113 ? -23.797 -6.827  -1.956  1.00 41.08 ? 124 GLN A OE1 1 
ATOM   932  N NE2 . GLN A 1 113 ? -21.721 -6.831  -2.820  1.00 25.89 ? 124 GLN A NE2 1 
ATOM   933  N N   . MET A 1 114 ? -19.852 -6.114  0.069   1.00 17.89 ? 125 MET A N   1 
ATOM   934  C CA  . MET A 1 114 ? -18.439 -6.051  -0.301  1.00 13.20 ? 125 MET A CA  1 
ATOM   935  C C   . MET A 1 114 ? -18.243 -5.436  -1.685  1.00 15.77 ? 125 MET A C   1 
ATOM   936  O O   . MET A 1 114 ? -19.074 -5.619  -2.587  1.00 13.84 ? 125 MET A O   1 
ATOM   937  C CB  . MET A 1 114 ? -17.812 -7.445  -0.246  1.00 14.65 ? 125 MET A CB  1 
ATOM   938  C CG  . MET A 1 114 ? -17.782 -8.067  1.151   1.00 17.64 ? 125 MET A CG  1 
ATOM   939  S SD  . MET A 1 114 ? -16.862 -9.618  1.182   1.00 21.74 ? 125 MET A SD  1 
ATOM   940  C CE  . MET A 1 114 ? -18.109 -10.764 0.584   1.00 30.88 ? 125 MET A CE  1 
ATOM   941  N N   . PHE A 1 115 ? -17.155 -4.683  -1.846  1.00 11.26 ? 126 PHE A N   1 
ATOM   942  C CA  . PHE A 1 115 ? -16.805 -4.145  -3.155  1.00 12.21 ? 126 PHE A CA  1 
ATOM   943  C C   . PHE A 1 115 ? -15.379 -4.547  -3.516  1.00 11.33 ? 126 PHE A C   1 
ATOM   944  O O   . PHE A 1 115 ? -14.511 -4.649  -2.631  1.00 11.33 ? 126 PHE A O   1 
ATOM   945  C CB  . PHE A 1 115 ? -16.995 -2.620  -3.218  1.00 14.11 ? 126 PHE A CB  1 
ATOM   946  C CG  . PHE A 1 115 ? -16.103 -1.836  -2.293  1.00 13.93 ? 126 PHE A CG  1 
ATOM   947  C CD1 . PHE A 1 115 ? -14.820 -1.459  -2.684  1.00 12.84 ? 126 PHE A CD1 1 
ATOM   948  C CD2 . PHE A 1 115 ? -16.569 -1.423  -1.053  1.00 13.03 ? 126 PHE A CD2 1 
ATOM   949  C CE1 . PHE A 1 115 ? -13.999 -0.707  -1.831  1.00 12.28 ? 126 PHE A CE1 1 
ATOM   950  C CE2 . PHE A 1 115 ? -15.762 -0.677  -0.201  1.00 13.67 ? 126 PHE A CE2 1 
ATOM   951  C CZ  . PHE A 1 115 ? -14.477 -0.324  -0.591  1.00 14.59 ? 126 PHE A CZ  1 
ATOM   952  N N   . PRO A 1 116 ? -15.128 -4.779  -4.814  1.00 11.03 ? 127 PRO A N   1 
ATOM   953  C CA  . PRO A 1 116 ? -13.779 -5.128  -5.266  1.00 10.06 ? 127 PRO A CA  1 
ATOM   954  C C   . PRO A 1 116 ? -12.970 -3.927  -5.760  1.00 11.95 ? 127 PRO A C   1 
ATOM   955  O O   . PRO A 1 116 ? -13.552 -2.881  -6.112  1.00 11.26 ? 127 PRO A O   1 
ATOM   956  C CB  . PRO A 1 116 ? -14.056 -6.063  -6.438  1.00 11.93 ? 127 PRO A CB  1 
ATOM   957  C CG  . PRO A 1 116 ? -15.304 -5.506  -7.038  1.00 16.52 ? 127 PRO A CG  1 
ATOM   958  C CD  . PRO A 1 116 ? -16.132 -4.994  -5.875  1.00 11.55 ? 127 PRO A CD  1 
ATOM   959  N N   . CYS A 1 117 ? -11.647 -4.097  -5.788  1.00 9.65  ? 128 CYS A N   1 
ATOM   960  C CA  . CYS A 1 117 ? -10.713 -3.120  -6.356  1.00 8.52  ? 128 CYS A CA  1 
ATOM   961  C C   . CYS A 1 117 ? -9.784  -3.837  -7.316  1.00 10.13 ? 128 CYS A C   1 
ATOM   962  O O   . CYS A 1 117 ? -9.576  -5.052  -7.196  1.00 10.87 ? 128 CYS A O   1 
ATOM   963  C CB  . CYS A 1 117 ? -9.847  -2.484  -5.264  1.00 9.75  ? 128 CYS A CB  1 
ATOM   964  S SG  . CYS A 1 117 ? -10.734 -1.451  -4.103  1.00 11.13 ? 128 CYS A SG  1 
ATOM   965  N N   . ARG A 1 118 ? -9.214  -3.086  -8.258  1.00 8.83  ? 129 ARG A N   1 
ATOM   966  C CA  . ARG A 1 118 ? -8.148  -3.598  -9.114  1.00 8.30  ? 129 ARG A CA  1 
ATOM   967  C C   . ARG A 1 118 ? -6.871  -2.814  -8.848  1.00 9.31  ? 129 ARG A C   1 
ATOM   968  O O   . ARG A 1 118 ? -5.760  -3.275  -9.164  1.00 9.49  ? 129 ARG A O   1 
ATOM   969  C CB  . ARG A 1 118 ? -8.544  -3.484  -10.590 1.00 8.95  ? 129 ARG A CB  1 
ATOM   970  C CG  . ARG A 1 118 ? -7.561  -4.140  -11.575 1.00 9.61  ? 129 ARG A CG  1 
ATOM   971  C CD  . ARG A 1 118 ? -7.513  -5.673  -11.394 1.00 9.87  ? 129 ARG A CD  1 
ATOM   972  N NE  . ARG A 1 118 ? -6.544  -6.298  -12.294 1.00 10.43 ? 129 ARG A NE  1 
ATOM   973  C CZ  . ARG A 1 118 ? -6.818  -6.711  -13.531 1.00 11.93 ? 129 ARG A CZ  1 
ATOM   974  N NH1 . ARG A 1 118 ? -8.046  -6.568  -14.037 1.00 9.63  ? 129 ARG A NH1 1 
ATOM   975  N NH2 . ARG A 1 118 ? -5.861  -7.258  -14.274 1.00 11.42 ? 129 ARG A NH2 1 
ATOM   976  N N   . PHE A 1 119 ? -7.030  -1.621  -8.278  1.00 7.40  ? 130 PHE A N   1 
ATOM   977  C CA  . PHE A 1 119 ? -5.904  -0.735  -8.015  1.00 8.62  ? 130 PHE A CA  1 
ATOM   978  C C   . PHE A 1 119 ? -5.930  -0.279  -6.569  1.00 9.38  ? 130 PHE A C   1 
ATOM   979  O O   . PHE A 1 119 ? -7.001  -0.003  -6.010  1.00 10.72 ? 130 PHE A O   1 
ATOM   980  C CB  . PHE A 1 119 ? -5.979  0.496   -8.920  1.00 8.26  ? 130 PHE A CB  1 
ATOM   981  C CG  . PHE A 1 119 ? -5.900  0.181   -10.380 1.00 9.80  ? 130 PHE A CG  1 
ATOM   982  C CD1 . PHE A 1 119 ? -4.668  0.141   -11.020 1.00 8.51  ? 130 PHE A CD1 1 
ATOM   983  C CD2 . PHE A 1 119 ? -7.056  -0.065  -11.117 1.00 8.59  ? 130 PHE A CD2 1 
ATOM   984  C CE1 . PHE A 1 119 ? -4.586  -0.143  -12.381 1.00 9.73  ? 130 PHE A CE1 1 
ATOM   985  C CE2 . PHE A 1 119 ? -6.982  -0.354  -12.470 1.00 10.57 ? 130 PHE A CE2 1 
ATOM   986  C CZ  . PHE A 1 119 ? -5.747  -0.390  -13.105 1.00 9.15  ? 130 PHE A CZ  1 
ATOM   987  N N   . ILE A 1 120 ? -4.747  -0.194  -5.972  1.00 9.03  ? 131 ILE A N   1 
ATOM   988  C CA  . ILE A 1 120 ? -4.592  0.326   -4.621  1.00 8.91  ? 131 ILE A CA  1 
ATOM   989  C C   . ILE A 1 120 ? -3.569  1.470   -4.639  1.00 8.49  ? 131 ILE A C   1 
ATOM   990  O O   . ILE A 1 120 ? -2.475  1.326   -5.187  1.00 9.84  ? 131 ILE A O   1 
ATOM   991  C CB  . ILE A 1 120 ? -4.130  -0.799  -3.659  1.00 7.58  ? 131 ILE A CB  1 
ATOM   992  C CG1 . ILE A 1 120 ? -5.239  -1.847  -3.493  1.00 9.25  ? 131 ILE A CG1 1 
ATOM   993  C CG2 . ILE A 1 120 ? -3.683  -0.222  -2.311  1.00 9.36  ? 131 ILE A CG2 1 
ATOM   994  C CD1 . ILE A 1 120 ? -6.438  -1.343  -2.708  1.00 9.90  ? 131 ILE A CD1 1 
ATOM   995  N N   . LYS A 1 121 ? -3.932  2.609   -4.052  1.00 7.00  ? 132 LYS A N   1 
ATOM   996  C CA  . LYS A 1 121 ? -3.043  3.779   -3.987  1.00 7.63  ? 132 LYS A CA  1 
ATOM   997  C C   . LYS A 1 121 ? -2.625  4.040   -2.550  1.00 9.71  ? 132 LYS A C   1 
ATOM   998  O O   . LYS A 1 121 ? -3.471  4.222   -1.676  1.00 10.11 ? 132 LYS A O   1 
ATOM   999  C CB  . LYS A 1 121 ? -3.761  5.010   -4.550  1.00 7.95  ? 132 LYS A CB  1 
ATOM   1000 C CG  . LYS A 1 121 ? -2.953  6.315   -4.566  1.00 10.51 ? 132 LYS A CG  1 
ATOM   1001 C CD  . LYS A 1 121 ? -3.857  7.424   -5.116  1.00 12.38 ? 132 LYS A CD  1 
ATOM   1002 C CE  . LYS A 1 121 ? -3.130  8.737   -5.301  1.00 13.87 ? 132 LYS A CE  1 
ATOM   1003 N NZ  . LYS A 1 121 ? -4.063  9.758   -5.878  1.00 17.47 ? 132 LYS A NZ  1 
ATOM   1004 N N   . ILE A 1 122 ? -1.318  4.043   -2.299  1.00 8.16  ? 133 ILE A N   1 
ATOM   1005 C CA  . ILE A 1 122 ? -0.791  4.338   -0.980  1.00 8.21  ? 133 ILE A CA  1 
ATOM   1006 C C   . ILE A 1 122 ? -0.234  5.758   -0.998  1.00 8.83  ? 133 ILE A C   1 
ATOM   1007 O O   . ILE A 1 122 ? 0.597   6.104   -1.846  1.00 10.01 ? 133 ILE A O   1 
ATOM   1008 C CB  . ILE A 1 122 ? 0.334   3.376   -0.603  1.00 7.15  ? 133 ILE A CB  1 
ATOM   1009 C CG1 . ILE A 1 122 ? -0.123  1.918   -0.734  1.00 8.48  ? 133 ILE A CG1 1 
ATOM   1010 C CG2 . ILE A 1 122 ? 0.802   3.661   0.815   1.00 9.97  ? 133 ILE A CG2 1 
ATOM   1011 C CD1 . ILE A 1 122 ? 1.014   0.922   -0.553  1.00 10.14 ? 133 ILE A CD1 1 
ATOM   1012 N N   . VAL A 1 123 ? -0.727  6.585   -0.084  1.00 7.30  ? 134 VAL A N   1 
ATOM   1013 C CA  . VAL A 1 123 ? -0.331  7.992   -0.026  1.00 7.39  ? 134 VAL A CA  1 
ATOM   1014 C C   . VAL A 1 123 ? 0.378   8.265   1.292   1.00 9.45  ? 134 VAL A C   1 
ATOM   1015 O O   . VAL A 1 123 ? -0.268  8.406   2.327   1.00 9.52  ? 134 VAL A O   1 
ATOM   1016 C CB  . VAL A 1 123 ? -1.557  8.911   -0.139  1.00 7.30  ? 134 VAL A CB  1 
ATOM   1017 C CG1 . VAL A 1 123 ? -1.147  10.388  -0.056  1.00 10.36 ? 134 VAL A CG1 1 
ATOM   1018 C CG2 . VAL A 1 123 ? -2.327  8.633   -1.426  1.00 10.30 ? 134 VAL A CG2 1 
ATOM   1019 N N   . PRO A 1 124 ? 1.716   8.354   1.265   1.00 8.73  ? 135 PRO A N   1 
ATOM   1020 C CA  . PRO A 1 124 ? 2.436   8.766   2.474   1.00 9.14  ? 135 PRO A CA  1 
ATOM   1021 C C   . PRO A 1 124 ? 2.178   10.244  2.764   1.00 9.93  ? 135 PRO A C   1 
ATOM   1022 O O   . PRO A 1 124 ? 2.090   11.059  1.826   1.00 10.85 ? 135 PRO A O   1 
ATOM   1023 C CB  . PRO A 1 124 ? 3.907   8.539   2.103   1.00 9.61  ? 135 PRO A CB  1 
ATOM   1024 C CG  . PRO A 1 124 ? 3.936   8.677   0.593   1.00 9.05  ? 135 PRO A CG  1 
ATOM   1025 C CD  . PRO A 1 124 ? 2.612   8.168   0.104   1.00 8.39  ? 135 PRO A CD  1 
ATOM   1026 N N   . LEU A 1 125 ? 2.034   10.591  4.040   1.00 10.35 ? 136 LEU A N   1 
ATOM   1027 C CA  . LEU A 1 125 ? 1.690   11.966  4.393   1.00 11.09 ? 136 LEU A CA  1 
ATOM   1028 C C   . LEU A 1 125 ? 2.645   12.633  5.388   1.00 11.00 ? 136 LEU A C   1 
ATOM   1029 O O   . LEU A 1 125 ? 2.847   13.854  5.337   1.00 13.59 ? 136 LEU A O   1 
ATOM   1030 C CB  . LEU A 1 125 ? 0.253   12.036  4.915   1.00 13.13 ? 136 LEU A CB  1 
ATOM   1031 C CG  . LEU A 1 125 ? -0.858  11.751  3.905   1.00 10.79 ? 136 LEU A CG  1 
ATOM   1032 C CD1 . LEU A 1 125 ? -2.176  11.568  4.625   1.00 14.02 ? 136 LEU A CD1 1 
ATOM   1033 C CD2 . LEU A 1 125 ? -0.960  12.898  2.905   1.00 13.76 ? 136 LEU A CD2 1 
ATOM   1034 N N   . LEU A 1 126 ? 3.225   11.850  6.289   1.00 9.56  ? 137 LEU A N   1 
ATOM   1035 C CA  . LEU A 1 126 ? 4.138   12.404  7.281   1.00 10.92 ? 137 LEU A CA  1 
ATOM   1036 C C   . LEU A 1 126 ? 5.157   11.369  7.736   1.00 12.84 ? 137 LEU A C   1 
ATOM   1037 O O   . LEU A 1 126 ? 4.796   10.246  8.088   1.00 12.63 ? 137 LEU A O   1 
ATOM   1038 C CB  . LEU A 1 126 ? 3.360   12.938  8.485   1.00 14.72 ? 137 LEU A CB  1 
ATOM   1039 C CG  . LEU A 1 126 ? 4.190   13.587  9.596   1.00 38.91 ? 137 LEU A CG  1 
ATOM   1040 C CD1 . LEU A 1 126 ? 4.739   14.931  9.143   1.00 23.81 ? 137 LEU A CD1 1 
ATOM   1041 C CD2 . LEU A 1 126 ? 3.364   13.741  10.864  1.00 26.78 ? 137 LEU A CD2 1 
ATOM   1042 N N   . SER A 1 127 ? 6.431   11.749  7.729   1.00 15.04 ? 138 SER A N   1 
ATOM   1043 C CA  . SER A 1 127 ? 7.484   10.827  8.158   1.00 14.04 ? 138 SER A CA  1 
ATOM   1044 C C   . SER A 1 127 ? 7.714   10.950  9.659   1.00 15.34 ? 138 SER A C   1 
ATOM   1045 O O   . SER A 1 127 ? 7.284   11.921  10.281  1.00 16.92 ? 138 SER A O   1 
ATOM   1046 C CB  . SER A 1 127 ? 8.787   11.086  7.403   1.00 20.53 ? 138 SER A CB  1 
ATOM   1047 O OG  . SER A 1 127 ? 9.327   12.361  7.726   1.00 27.72 ? 138 SER A OG  1 
ATOM   1048 N N   . TRP A 1 128 ? 8.378   9.960   10.244  1.00 14.22 ? 139 TRP A N   1 
ATOM   1049 C CA  . TRP A 1 128 ? 8.601   9.968   11.684  1.00 15.13 ? 139 TRP A CA  1 
ATOM   1050 C C   . TRP A 1 128 ? 9.614   11.008  12.136  1.00 21.14 ? 139 TRP A C   1 
ATOM   1051 O O   . TRP A 1 128 ? 9.490   11.570  13.228  1.00 28.86 ? 139 TRP A O   1 
ATOM   1052 C CB  . TRP A 1 128 ? 9.017   8.583   12.169  1.00 16.93 ? 139 TRP A CB  1 
ATOM   1053 C CG  . TRP A 1 128 ? 7.851   7.833   12.662  1.00 15.47 ? 139 TRP A CG  1 
ATOM   1054 C CD1 . TRP A 1 128 ? 7.123   6.891   11.989  1.00 14.86 ? 139 TRP A CD1 1 
ATOM   1055 C CD2 . TRP A 1 128 ? 7.224   7.998   13.931  1.00 16.73 ? 139 TRP A CD2 1 
ATOM   1056 N NE1 . TRP A 1 128 ? 6.096   6.442   12.783  1.00 15.66 ? 139 TRP A NE1 1 
ATOM   1057 C CE2 . TRP A 1 128 ? 6.137   7.109   13.979  1.00 16.07 ? 139 TRP A CE2 1 
ATOM   1058 C CE3 . TRP A 1 128 ? 7.489   8.802   15.042  1.00 17.83 ? 139 TRP A CE3 1 
ATOM   1059 C CZ2 . TRP A 1 128 ? 5.313   7.002   15.094  1.00 20.64 ? 139 TRP A CZ2 1 
ATOM   1060 C CZ3 . TRP A 1 128 ? 6.676   8.697   16.143  1.00 22.53 ? 139 TRP A CZ3 1 
ATOM   1061 C CH2 . TRP A 1 128 ? 5.596   7.805   16.164  1.00 18.27 ? 139 TRP A CH2 1 
ATOM   1062 N N   . GLY A 1 129 ? 10.618  11.267  11.310  1.00 16.92 ? 140 GLY A N   1 
ATOM   1063 C CA  . GLY A 1 129 ? 11.678  12.169  11.728  1.00 27.91 ? 140 GLY A CA  1 
ATOM   1064 C C   . GLY A 1 129 ? 11.914  13.227  10.687  1.00 30.21 ? 140 GLY A C   1 
ATOM   1065 O O   . GLY A 1 129 ? 11.310  13.174  9.615   1.00 26.70 ? 140 GLY A O   1 
ATOM   1066 N N   . PRO A 1 130 ? 12.788  14.200  10.994  1.00 26.40 ? 141 PRO A N   1 
ATOM   1067 C CA  . PRO A 1 130 ? 13.189  15.161  9.970   1.00 29.58 ? 141 PRO A CA  1 
ATOM   1068 C C   . PRO A 1 130 ? 13.720  14.372  8.791   1.00 26.38 ? 141 PRO A C   1 
ATOM   1069 O O   . PRO A 1 130 ? 14.595  13.517  8.957   1.00 27.40 ? 141 PRO A O   1 
ATOM   1070 C CB  . PRO A 1 130 ? 14.327  15.939  10.644  1.00 29.95 ? 141 PRO A CB  1 
ATOM   1071 C CG  . PRO A 1 130 ? 14.076  15.790  12.105  1.00 36.49 ? 141 PRO A CG  1 
ATOM   1072 C CD  . PRO A 1 130 ? 13.498  14.412  12.269  1.00 32.03 ? 141 PRO A CD  1 
ATOM   1073 N N   . SER A 1 131 ? 13.160  14.622  7.617   1.00 22.99 ? 142 SER A N   1 
ATOM   1074 C CA  . SER A 1 131 ? 13.562  13.892  6.430   1.00 21.70 ? 142 SER A CA  1 
ATOM   1075 C C   . SER A 1 131 ? 13.169  14.707  5.221   1.00 21.25 ? 142 SER A C   1 
ATOM   1076 O O   . SER A 1 131 ? 12.373  15.641  5.326   1.00 22.59 ? 142 SER A O   1 
ATOM   1077 C CB  . SER A 1 131 ? 12.882  12.519  6.381   1.00 28.95 ? 142 SER A CB  1 
ATOM   1078 O OG  . SER A 1 131 ? 13.299  11.788  5.238   1.00 39.14 ? 142 SER A OG  1 
ATOM   1079 N N   . PHE A 1 132 ? 13.742  14.363  4.078   1.00 20.20 ? 143 PHE A N   1 
ATOM   1080 C CA  . PHE A 1 132 ? 13.393  15.020  2.833   1.00 20.33 ? 143 PHE A CA  1 
ATOM   1081 C C   . PHE A 1 132 ? 12.591  14.058  1.971   1.00 19.24 ? 143 PHE A C   1 
ATOM   1082 O O   . PHE A 1 132 ? 12.165  14.416  0.876   1.00 19.47 ? 143 PHE A O   1 
ATOM   1083 C CB  . PHE A 1 132 ? 14.661  15.465  2.102   1.00 20.74 ? 143 PHE A CB  1 
ATOM   1084 C CG  . PHE A 1 132 ? 15.441  16.528  2.832   1.00 26.66 ? 143 PHE A CG  1 
ATOM   1085 C CD1 . PHE A 1 132 ? 14.792  17.441  3.655   1.00 23.33 ? 143 PHE A CD1 1 
ATOM   1086 C CD2 . PHE A 1 132 ? 16.816  16.618  2.691   1.00 31.45 ? 143 PHE A CD2 1 
ATOM   1087 C CE1 . PHE A 1 132 ? 15.505  18.421  4.329   1.00 31.88 ? 143 PHE A CE1 1 
ATOM   1088 C CE2 . PHE A 1 132 ? 17.533  17.595  3.361   1.00 28.93 ? 143 PHE A CE2 1 
ATOM   1089 C CZ  . PHE A 1 132 ? 16.876  18.496  4.180   1.00 32.17 ? 143 PHE A CZ  1 
ATOM   1090 N N   . ASN A 1 133 ? 12.378  12.842  2.483   1.00 17.91 ? 144 ASN A N   1 
ATOM   1091 C CA  . ASN A 1 133 ? 11.718  11.775  1.717   1.00 16.38 ? 144 ASN A CA  1 
ATOM   1092 C C   . ASN A 1 133 ? 10.761  10.936  2.567   1.00 16.83 ? 144 ASN A C   1 
ATOM   1093 O O   . ASN A 1 133 ? 10.877  10.891  3.789   1.00 22.02 ? 144 ASN A O   1 
ATOM   1094 C CB  . ASN A 1 133 ? 12.761  10.819  1.113   1.00 19.15 ? 144 ASN A CB  1 
ATOM   1095 C CG  . ASN A 1 133 ? 13.965  11.540  0.546   1.00 27.22 ? 144 ASN A CG  1 
ATOM   1096 O OD1 . ASN A 1 133 ? 14.920  11.845  1.263   1.00 28.83 ? 144 ASN A OD1 1 
ATOM   1097 N ND2 . ASN A 1 133 ? 13.933  11.808  -0.745  1.00 20.54 ? 144 ASN A ND2 1 
ATOM   1098 N N   . PHE A 1 134 ? 9.821   10.268  1.902   1.00 10.74 ? 145 PHE A N   1 
ATOM   1099 C CA  . PHE A 1 134 ? 9.017   9.203   2.514   1.00 11.47 ? 145 PHE A CA  1 
ATOM   1100 C C   . PHE A 1 134 ? 9.573   7.870   2.048   1.00 12.15 ? 145 PHE A C   1 
ATOM   1101 O O   . PHE A 1 134 ? 10.024  7.761   0.905   1.00 13.48 ? 145 PHE A O   1 
ATOM   1102 C CB  . PHE A 1 134 ? 7.579   9.265   2.001   1.00 9.27  ? 145 PHE A CB  1 
ATOM   1103 C CG  . PHE A 1 134 ? 6.854   10.539  2.330   1.00 9.59  ? 145 PHE A CG  1 
ATOM   1104 C CD1 . PHE A 1 134 ? 6.703   10.957  3.641   1.00 12.29 ? 145 PHE A CD1 1 
ATOM   1105 C CD2 . PHE A 1 134 ? 6.288   11.298  1.315   1.00 10.36 ? 145 PHE A CD2 1 
ATOM   1106 C CE1 . PHE A 1 134 ? 6.011   12.131  3.933   1.00 11.15 ? 145 PHE A CE1 1 
ATOM   1107 C CE2 . PHE A 1 134 ? 5.600   12.465  1.601   1.00 11.50 ? 145 PHE A CE2 1 
ATOM   1108 C CZ  . PHE A 1 134 ? 5.461   12.880  2.908   1.00 10.63 ? 145 PHE A CZ  1 
ATOM   1109 N N   . SER A 1 135 ? 9.518   6.845   2.896   1.00 10.66 ? 146 SER A N   1 
ATOM   1110 C CA  . SER A 1 135 ? 9.946   5.514   2.469   1.00 8.76  ? 146 SER A CA  1 
ATOM   1111 C C   . SER A 1 135 ? 8.935   4.426   2.811   1.00 9.99  ? 146 SER A C   1 
ATOM   1112 O O   . SER A 1 135 ? 8.297   4.474   3.868   1.00 11.25 ? 146 SER A O   1 
ATOM   1113 C CB  . SER A 1 135 ? 11.284  5.139   3.101   1.00 13.07 ? 146 SER A CB  1 
ATOM   1114 O OG  . SER A 1 135 ? 12.312  6.004   2.662   1.00 13.05 ? 146 SER A OG  1 
ATOM   1115 N N   . ILE A 1 136 ? 8.813   3.447   1.919   1.00 9.50  ? 147 ILE A N   1 
ATOM   1116 C CA  . ILE A 1 136 ? 8.027   2.238   2.177   1.00 9.27  ? 147 ILE A CA  1 
ATOM   1117 C C   . ILE A 1 136 ? 8.928   1.035   1.929   1.00 11.72 ? 147 ILE A C   1 
ATOM   1118 O O   . ILE A 1 136 ? 9.523   0.915   0.859   1.00 10.67 ? 147 ILE A O   1 
ATOM   1119 C CB  . ILE A 1 136 ? 6.781   2.157   1.265   1.00 9.92  ? 147 ILE A CB  1 
ATOM   1120 C CG1 . ILE A 1 136 ? 5.834   3.315   1.578   1.00 9.66  ? 147 ILE A CG1 1 
ATOM   1121 C CG2 . ILE A 1 136 ? 6.050   0.843   1.484   1.00 10.54 ? 147 ILE A CG2 1 
ATOM   1122 C CD1 . ILE A 1 136 ? 4.677   3.462   0.579   1.00 12.33 ? 147 ILE A CD1 1 
ATOM   1123 N N   . TRP A 1 137 ? 9.028   0.142   2.912   1.00 9.66  ? 148 TRP A N   1 
ATOM   1124 C CA  . TRP A 1 137 ? 9.955   -0.992  2.814   1.00 11.75 ? 148 TRP A CA  1 
ATOM   1125 C C   . TRP A 1 137 ? 9.393   -2.197  2.081   1.00 11.79 ? 148 TRP A C   1 
ATOM   1126 O O   . TRP A 1 137 ? 10.095  -2.833  1.284   1.00 12.23 ? 148 TRP A O   1 
ATOM   1127 C CB  . TRP A 1 137 ? 10.423  -1.414  4.212   1.00 10.60 ? 148 TRP A CB  1 
ATOM   1128 C CG  . TRP A 1 137 ? 11.054  -0.302  4.932   1.00 13.08 ? 148 TRP A CG  1 
ATOM   1129 C CD1 . TRP A 1 137 ? 10.457  0.551   5.818   1.00 15.02 ? 148 TRP A CD1 1 
ATOM   1130 C CD2 . TRP A 1 137 ? 12.410  0.121   4.815   1.00 14.13 ? 148 TRP A CD2 1 
ATOM   1131 N NE1 . TRP A 1 137 ? 11.367  1.482   6.257   1.00 19.03 ? 148 TRP A NE1 1 
ATOM   1132 C CE2 . TRP A 1 137 ? 12.575  1.236   5.656   1.00 17.95 ? 148 TRP A CE2 1 
ATOM   1133 C CE3 . TRP A 1 137 ? 13.505  -0.341  4.080   1.00 14.07 ? 148 TRP A CE3 1 
ATOM   1134 C CZ2 . TRP A 1 137 ? 13.797  1.900   5.788   1.00 16.95 ? 148 TRP A CZ2 1 
ATOM   1135 C CZ3 . TRP A 1 137 ? 14.719  0.313   4.216   1.00 17.83 ? 148 TRP A CZ3 1 
ATOM   1136 C CH2 . TRP A 1 137 ? 14.853  1.421   5.059   1.00 17.97 ? 148 TRP A CH2 1 
ATOM   1137 N N   . TYR A 1 138 ? 8.129   -2.507  2.341   1.00 11.16 ? 149 TYR A N   1 
ATOM   1138 C CA  . TYR A 1 138 ? 7.540   -3.760  1.883   1.00 10.91 ? 149 TYR A CA  1 
ATOM   1139 C C   . TYR A 1 138 ? 6.033   -3.674  2.052   1.00 10.35 ? 149 TYR A C   1 
ATOM   1140 O O   . TYR A 1 138 ? 5.547   -3.184  3.081   1.00 11.03 ? 149 TYR A O   1 
ATOM   1141 C CB  . TYR A 1 138 ? 8.099   -4.923  2.715   1.00 11.68 ? 149 TYR A CB  1 
ATOM   1142 C CG  . TYR A 1 138 ? 7.463   -6.260  2.408   1.00 12.70 ? 149 TYR A CG  1 
ATOM   1143 C CD1 . TYR A 1 138 ? 7.667   -6.876  1.184   1.00 14.94 ? 149 TYR A CD1 1 
ATOM   1144 C CD2 . TYR A 1 138 ? 6.678   -6.911  3.349   1.00 14.29 ? 149 TYR A CD2 1 
ATOM   1145 C CE1 . TYR A 1 138 ? 7.098   -8.093  0.891   1.00 16.11 ? 149 TYR A CE1 1 
ATOM   1146 C CE2 . TYR A 1 138 ? 6.104   -8.143  3.064   1.00 15.34 ? 149 TYR A CE2 1 
ATOM   1147 C CZ  . TYR A 1 138 ? 6.323   -8.721  1.827   1.00 18.84 ? 149 TYR A CZ  1 
ATOM   1148 O OH  . TYR A 1 138 ? 5.771   -9.948  1.503   1.00 21.25 ? 149 TYR A OH  1 
ATOM   1149 N N   . VAL A 1 139 ? 5.298   -4.145  1.046   1.00 10.32 ? 150 VAL A N   1 
ATOM   1150 C CA  . VAL A 1 139 ? 3.838   -4.158  1.086   1.00 10.40 ? 150 VAL A CA  1 
ATOM   1151 C C   . VAL A 1 139 ? 3.306   -5.514  0.672   1.00 8.83  ? 150 VAL A C   1 
ATOM   1152 O O   . VAL A 1 139 ? 3.747   -6.084  -0.336  1.00 12.78 ? 150 VAL A O   1 
ATOM   1153 C CB  . VAL A 1 139 ? 3.235   -3.092  0.148   1.00 8.41  ? 150 VAL A CB  1 
ATOM   1154 C CG1 . VAL A 1 139 ? 1.708   -3.227  0.077   1.00 10.75 ? 150 VAL A CG1 1 
ATOM   1155 C CG2 . VAL A 1 139 ? 3.614   -1.713  0.633   1.00 11.58 ? 150 VAL A CG2 1 
ATOM   1156 N N   . GLU A 1 140 ? 2.380   -6.033  1.473   1.00 10.15 ? 151 GLU A N   1 
ATOM   1157 C CA  . GLU A 1 140 ? 1.560   -7.176  1.095   1.00 9.84  ? 151 GLU A CA  1 
ATOM   1158 C C   . GLU A 1 140 ? 0.109   -6.762  1.134   1.00 11.91 ? 151 GLU A C   1 
ATOM   1159 O O   . GLU A 1 140 ? -0.304  -6.038  2.045   1.00 14.15 ? 151 GLU A O   1 
ATOM   1160 C CB  . GLU A 1 140 ? 1.713   -8.304  2.111   1.00 16.43 ? 151 GLU A CB  1 
ATOM   1161 C CG  . GLU A 1 140 ? 2.918   -9.159  1.913   1.00 22.34 ? 151 GLU A CG  1 
ATOM   1162 C CD  . GLU A 1 140 ? 3.019   -10.270 2.955   1.00 18.52 ? 151 GLU A CD  1 
ATOM   1163 O OE1 . GLU A 1 140 ? 2.038   -10.509 3.696   1.00 25.65 ? 151 GLU A OE1 1 
ATOM   1164 O OE2 . GLU A 1 140 ? 4.092   -10.893 3.027   1.00 26.31 ? 151 GLU A OE2 1 
ATOM   1165 N N   . LEU A 1 141 ? -0.675  -7.254  0.177   1.00 9.64  ? 152 LEU A N   1 
ATOM   1166 C CA  . LEU A 1 141 ? -2.115  -7.074  0.214   1.00 9.80  ? 152 LEU A CA  1 
ATOM   1167 C C   . LEU A 1 141 ? -2.752  -8.432  0.407   1.00 10.84 ? 152 LEU A C   1 
ATOM   1168 O O   . LEU A 1 141 ? -2.257  -9.432  -0.111  1.00 11.56 ? 152 LEU A O   1 
ATOM   1169 C CB  . LEU A 1 141 ? -2.610  -6.484  -1.098  1.00 11.12 ? 152 LEU A CB  1 
ATOM   1170 C CG  . LEU A 1 141 ? -1.995  -5.153  -1.530  1.00 9.92  ? 152 LEU A CG  1 
ATOM   1171 C CD1 . LEU A 1 141 ? -2.441  -4.793  -2.952  1.00 13.13 ? 152 LEU A CD1 1 
ATOM   1172 C CD2 . LEU A 1 141 ? -2.401  -4.059  -0.561  1.00 12.03 ? 152 LEU A CD2 1 
ATOM   1173 N N   . SER A 1 142 ? -3.847  -8.475  1.148   1.00 9.37  ? 153 SER A N   1 
ATOM   1174 C CA  . SER A 1 142 ? -4.578  -9.730  1.285   1.00 10.59 ? 153 SER A CA  1 
ATOM   1175 C C   . SER A 1 142 ? -6.086  -9.534  1.191   1.00 10.79 ? 153 SER A C   1 
ATOM   1176 O O   . SER A 1 142 ? -6.606  -8.456  1.495   1.00 10.57 ? 153 SER A O   1 
ATOM   1177 C CB  . SER A 1 142 ? -4.185  -10.453 2.573   1.00 15.30 ? 153 SER A CB  1 
ATOM   1178 O OG  . SER A 1 142 ? -4.594  -9.735  3.719   1.00 18.68 ? 153 SER A OG  1 
ATOM   1179 N N   . GLY A 1 143 ? -6.791  -10.575 0.756   1.00 8.03  ? 154 GLY A N   1 
ATOM   1180 C CA  . GLY A 1 143 ? -8.225  -10.485 0.592   1.00 10.56 ? 154 GLY A CA  1 
ATOM   1181 C C   . GLY A 1 143 ? -8.748  -11.646 -0.215  1.00 10.60 ? 154 GLY A C   1 
ATOM   1182 O O   . GLY A 1 143 ? -8.214  -12.761 -0.151  1.00 12.86 ? 154 GLY A O   1 
ATOM   1183 N N   . ILE A 1 144 ? -9.788  -11.384 -0.996  1.00 8.10  ? 155 ILE A N   1 
ATOM   1184 C CA  . ILE A 1 144 ? -10.497 -12.446 -1.696  1.00 10.56 ? 155 ILE A CA  1 
ATOM   1185 C C   . ILE A 1 144 ? -10.523 -12.163 -3.188  1.00 10.56 ? 155 ILE A C   1 
ATOM   1186 O O   . ILE A 1 144 ? -11.086 -11.147 -3.604  1.00 11.11 ? 155 ILE A O   1 
ATOM   1187 C CB  . ILE A 1 144 ? -11.951 -12.522 -1.189  1.00 10.96 ? 155 ILE A CB  1 
ATOM   1188 C CG1 . ILE A 1 144 ? -11.967 -12.814 0.316   1.00 16.04 ? 155 ILE A CG1 1 
ATOM   1189 C CG2 . ILE A 1 144 ? -12.742 -13.585 -1.944  1.00 13.43 ? 155 ILE A CG2 1 
ATOM   1190 C CD1 . ILE A 1 144 ? -13.340 -12.668 0.949   1.00 16.53 ? 155 ILE A CD1 1 
ATOM   1191 N N   . ASP A 1 145 ? -9.919  -13.037 -4.000  1.00 10.53 ? 156 ASP A N   1 
ATOM   1192 C CA  . ASP A 1 145 ? -10.075 -12.915 -5.453  1.00 10.92 ? 156 ASP A CA  1 
ATOM   1193 C C   . ASP A 1 145 ? -10.806 -14.082 -6.124  1.00 10.04 ? 156 ASP A C   1 
ATOM   1194 O O   . ASP A 1 145 ? -10.882 -14.158 -7.355  1.00 11.60 ? 156 ASP A O   1 
ATOM   1195 C CB  . ASP A 1 145 ? -8.769  -12.531 -6.183  1.00 13.01 ? 156 ASP A CB  1 
ATOM   1196 C CG  . ASP A 1 145 ? -7.656  -13.547 -6.027  1.00 18.49 ? 156 ASP A CG  1 
ATOM   1197 O OD1 . ASP A 1 145 ? -7.902  -14.676 -5.561  1.00 17.67 ? 156 ASP A OD1 1 
ATOM   1198 O OD2 . ASP A 1 145 ? -6.507  -13.201 -6.390  1.00 19.92 ? 156 ASP A OD2 1 
ATOM   1199 N N   . ASP A 1 146 ? -11.381 -14.949 -5.297  1.00 10.69 ? 157 ASP A N   1 
ATOM   1200 C CA  . ASP A 1 146 ? -12.239 -16.040 -5.746  1.00 10.43 ? 157 ASP A CA  1 
ATOM   1201 C C   . ASP A 1 146 ? -13.350 -15.458 -6.609  1.00 11.43 ? 157 ASP A C   1 
ATOM   1202 O O   . ASP A 1 146 ? -14.128 -14.635 -6.122  1.00 12.43 ? 157 ASP A O   1 
ATOM   1203 C CB  . ASP A 1 146 ? -12.849 -16.682 -4.499  1.00 10.55 ? 157 ASP A CB  1 
ATOM   1204 C CG  . ASP A 1 146 ? -13.695 -17.903 -4.800  1.00 14.15 ? 157 ASP A CG  1 
ATOM   1205 O OD1 . ASP A 1 146 ? -14.017 -18.166 -5.980  1.00 12.77 ? 157 ASP A OD1 1 
ATOM   1206 O OD2 . ASP A 1 146 ? -14.054 -18.604 -3.822  1.00 15.84 ? 157 ASP A OD2 1 
ATOM   1207 N N   . PRO A 1 147 ? -13.442 -15.883 -7.883  1.00 10.28 ? 158 PRO A N   1 
ATOM   1208 C CA  . PRO A 1 147 ? -14.481 -15.304 -8.747  1.00 11.66 ? 158 PRO A CA  1 
ATOM   1209 C C   . PRO A 1 147 ? -15.896 -15.562 -8.228  1.00 13.31 ? 158 PRO A C   1 
ATOM   1210 O O   . PRO A 1 147 ? -16.780 -14.751 -8.496  1.00 15.00 ? 158 PRO A O   1 
ATOM   1211 C CB  . PRO A 1 147 ? -14.259 -16.002 -10.098 1.00 13.48 ? 158 PRO A CB  1 
ATOM   1212 C CG  . PRO A 1 147 ? -13.568 -17.290 -9.753  1.00 15.39 ? 158 PRO A CG  1 
ATOM   1213 C CD  . PRO A 1 147 ? -12.675 -16.935 -8.578  1.00 12.39 ? 158 PRO A CD  1 
ATOM   1214 N N   . ASP A 1 148 ? -16.108 -16.649 -7.487  1.00 11.83 ? 159 ASP A N   1 
ATOM   1215 C CA  . ASP A 1 148 ? -17.440 -16.957 -6.963  1.00 14.19 ? 159 ASP A CA  1 
ATOM   1216 C C   . ASP A 1 148 ? -17.871 -15.942 -5.917  1.00 17.06 ? 159 ASP A C   1 
ATOM   1217 O O   . ASP A 1 148 ? -19.057 -15.812 -5.610  1.00 18.42 ? 159 ASP A O   1 
ATOM   1218 C CB  . ASP A 1 148 ? -17.468 -18.357 -6.350  1.00 15.79 ? 159 ASP A CB  1 
ATOM   1219 C CG  . ASP A 1 148 ? -17.340 -19.447 -7.391  1.00 19.54 ? 159 ASP A CG  1 
ATOM   1220 O OD1 . ASP A 1 148 ? -17.474 -19.138 -8.588  1.00 26.20 ? 159 ASP A OD1 1 
ATOM   1221 O OD2 . ASP A 1 148 ? -17.114 -20.612 -7.006  1.00 26.00 ? 159 ASP A OD2 1 
ATOM   1222 N N   . ILE A 1 149 ? -16.901 -15.223 -5.365  1.00 14.57 ? 160 ILE A N   1 
ATOM   1223 C CA  . ILE A 1 149 ? -17.200 -14.207 -4.361  1.00 13.69 ? 160 ILE A CA  1 
ATOM   1224 C C   . ILE A 1 149 ? -17.093 -12.815 -4.976  1.00 14.87 ? 160 ILE A C   1 
ATOM   1225 O O   . ILE A 1 149 ? -17.923 -11.948 -4.701  1.00 17.22 ? 160 ILE A O   1 
ATOM   1226 C CB  . ILE A 1 149 ? -16.278 -14.341 -3.133  1.00 15.46 ? 160 ILE A CB  1 
ATOM   1227 C CG1 . ILE A 1 149 ? -16.490 -15.705 -2.463  1.00 17.95 ? 160 ILE A CG1 1 
ATOM   1228 C CG2 . ILE A 1 149 ? -16.525 -13.209 -2.146  1.00 19.73 ? 160 ILE A CG2 1 
ATOM   1229 C CD1 . ILE A 1 149 ? -15.497 -16.021 -1.364  1.00 28.44 ? 160 ILE A CD1 1 
ATOM   1230 N N   . VAL A 1 150 ? -16.096 -12.613 -5.833  1.00 12.90 ? 161 VAL A N   1 
ATOM   1231 C CA  . VAL A 1 150 ? -15.869 -11.294 -6.440  1.00 12.61 ? 161 VAL A CA  1 
ATOM   1232 C C   . VAL A 1 150 ? -16.933 -10.935 -7.470  1.00 16.93 ? 161 VAL A C   1 
ATOM   1233 O O   . VAL A 1 150 ? -17.484 -9.830  -7.442  1.00 16.44 ? 161 VAL A O   1 
ATOM   1234 C CB  . VAL A 1 150 ? -14.466 -11.187 -7.083  1.00 12.00 ? 161 VAL A CB  1 
ATOM   1235 C CG1 . VAL A 1 150 ? -14.333 -9.888  -7.890  1.00 13.82 ? 161 VAL A CG1 1 
ATOM   1236 C CG2 . VAL A 1 150 ? -13.403 -11.223 -6.003  1.00 12.09 ? 161 VAL A CG2 1 
ATOM   1237 N N   . GLN A 1 151 ? -17.232 -11.860 -8.375  1.00 13.58 ? 162 GLN A N   1 
ATOM   1238 C CA  . GLN A 1 151 ? -18.154 -11.551 -9.467  1.00 15.03 ? 162 GLN A CA  1 
ATOM   1239 C C   . GLN A 1 151 ? -19.555 -11.070 -9.039  1.00 18.50 ? 162 GLN A C   1 
ATOM   1240 O O   . GLN A 1 151 ? -20.072 -10.129 -9.637  1.00 17.01 ? 162 GLN A O   1 
ATOM   1241 C CB  . GLN A 1 151 ? -18.202 -12.690 -10.494 1.00 18.95 ? 162 GLN A CB  1 
ATOM   1242 C CG  . GLN A 1 151 ? -16.848 -12.890 -11.183 1.00 20.01 ? 162 GLN A CG  1 
ATOM   1243 C CD  . GLN A 1 151 ? -16.896 -13.878 -12.329 1.00 29.14 ? 162 GLN A CD  1 
ATOM   1244 O OE1 . GLN A 1 151 ? -17.879 -14.597 -12.513 1.00 40.60 ? 162 GLN A OE1 1 
ATOM   1245 N NE2 . GLN A 1 151 ? -15.823 -13.923 -13.106 1.00 31.79 ? 162 GLN A NE2 1 
ATOM   1246 N N   . PRO A 1 152 ? -20.158 -11.681 -7.996  1.00 17.81 ? 163 PRO A N   1 
ATOM   1247 C CA  . PRO A 1 152 ? -21.446 -11.140 -7.536  1.00 18.64 ? 163 PRO A CA  1 
ATOM   1248 C C   . PRO A 1 152 ? -21.350 -9.733  -6.936  1.00 23.90 ? 163 PRO A C   1 
ATOM   1249 O O   . PRO A 1 152 ? -22.384 -9.084  -6.750  1.00 25.37 ? 163 PRO A O   1 
ATOM   1250 C CB  . PRO A 1 152 ? -21.888 -12.147 -6.464  1.00 19.59 ? 163 PRO A CB  1 
ATOM   1251 C CG  . PRO A 1 152 ? -21.193 -13.424 -6.839  1.00 20.66 ? 163 PRO A CG  1 
ATOM   1252 C CD  . PRO A 1 152 ? -19.850 -12.972 -7.352  1.00 18.03 ? 163 PRO A CD  1 
ATOM   1253 N N   . CYS A 1 153 ? -20.136 -9.268  -6.645  1.00 15.46 ? 164 CYS A N   1 
ATOM   1254 C CA  . CYS A 1 153 ? -19.945 -7.927  -6.091  1.00 17.72 ? 164 CYS A CA  1 
ATOM   1255 C C   . CYS A 1 153 ? -19.740 -6.889  -7.183  1.00 18.20 ? 164 CYS A C   1 
ATOM   1256 O O   . CYS A 1 153 ? -19.743 -5.688  -6.912  1.00 22.77 ? 164 CYS A O   1 
ATOM   1257 C CB  . CYS A 1 153 ? -18.749 -7.905  -5.136  1.00 16.47 ? 164 CYS A CB  1 
ATOM   1258 S SG  . CYS A 1 153 ? -18.995 -8.881  -3.655  1.00 20.41 ? 164 CYS A SG  1 
ATOM   1259 N N   . LEU A 1 154 ? -19.567 -7.355  -8.414  1.00 14.98 ? 165 LEU A N   1 
ATOM   1260 C CA  . LEU A 1 154 ? -19.318 -6.463  -9.540  1.00 17.46 ? 165 LEU A CA  1 
ATOM   1261 C C   . LEU A 1 154 ? -20.613 -5.909  -10.104 1.00 29.38 ? 165 LEU A C   1 
ATOM   1262 O O   . LEU A 1 154 ? -21.577 -6.650  -10.300 1.00 25.99 ? 165 LEU A O   1 
ATOM   1263 C CB  . LEU A 1 154 ? -18.557 -7.207  -10.637 1.00 17.57 ? 165 LEU A CB  1 
ATOM   1264 C CG  . LEU A 1 154 ? -17.078 -7.468  -10.354 1.00 16.89 ? 165 LEU A CG  1 
ATOM   1265 C CD1 . LEU A 1 154 ? -16.520 -8.453  -11.372 1.00 21.45 ? 165 LEU A CD1 1 
ATOM   1266 C CD2 . LEU A 1 154 ? -16.313 -6.159  -10.394 1.00 18.08 ? 165 LEU A CD2 1 
ATOM   1267 N N   . ASN A 1 155 ? -20.634 -4.607  -10.366 1.00 23.39 ? 166 ASN A N   1 
ATOM   1268 C CA  . ASN A 1 155 ? -21.805 -3.991  -10.988 1.00 27.24 ? 166 ASN A CA  1 
ATOM   1269 C C   . ASN A 1 155 ? -22.091 -4.615  -12.353 1.00 34.69 ? 166 ASN A C   1 
ATOM   1270 O O   . ASN A 1 155 ? -21.167 -5.036  -13.053 1.00 35.61 ? 166 ASN A O   1 
ATOM   1271 C CB  . ASN A 1 155 ? -21.616 -2.478  -11.114 1.00 27.38 ? 166 ASN A CB  1 
ATOM   1272 C CG  . ASN A 1 155 ? -21.512 -1.784  -9.762  1.00 27.69 ? 166 ASN A CG  1 
ATOM   1273 O OD1 . ASN A 1 155 ? -22.096 -2.229  -8.775  1.00 33.52 ? 166 ASN A OD1 1 
ATOM   1274 N ND2 . ASN A 1 155 ? -20.775 -0.682  -9.717  1.00 33.85 ? 166 ASN A ND2 1 
ATOM   1275 N N   . TRP A 1 156 ? -23.370 -4.694  -12.715 1.00 42.74 ? 167 TRP A N   1 
ATOM   1276 C CA  . TRP A 1 156 ? -23.774 -5.257  -14.005 1.00 47.21 ? 167 TRP A CA  1 
ATOM   1277 C C   . TRP A 1 156 ? -23.743 -4.193  -15.100 1.00 41.86 ? 167 TRP A C   1 
ATOM   1278 O O   . TRP A 1 156 ? -23.768 -2.994  -14.811 1.00 54.45 ? 167 TRP A O   1 
ATOM   1279 C CB  . TRP A 1 156 ? -25.174 -5.882  -13.921 1.00 48.57 ? 167 TRP A CB  1 
ATOM   1280 C CG  . TRP A 1 156 ? -25.237 -7.167  -13.134 1.00 54.07 ? 167 TRP A CG  1 
ATOM   1281 C CD1 . TRP A 1 156 ? -24.180 -7.904  -12.676 1.00 54.07 ? 167 TRP A CD1 1 
ATOM   1282 C CD2 . TRP A 1 156 ? -26.421 -7.861  -12.711 1.00 64.09 ? 167 TRP A CD2 1 
ATOM   1283 N NE1 . TRP A 1 156 ? -24.633 -9.012  -11.999 1.00 58.73 ? 167 TRP A NE1 1 
ATOM   1284 C CE2 . TRP A 1 156 ? -26.004 -9.009  -12.006 1.00 67.67 ? 167 TRP A CE2 1 
ATOM   1285 C CE3 . TRP A 1 156 ? -27.792 -7.624  -12.863 1.00 61.56 ? 167 TRP A CE3 1 
ATOM   1286 C CZ2 . TRP A 1 156 ? -26.909 -9.916  -11.451 1.00 66.01 ? 167 TRP A CZ2 1 
ATOM   1287 C CZ3 . TRP A 1 156 ? -28.689 -8.525  -12.309 1.00 67.55 ? 167 TRP A CZ3 1 
ATOM   1288 C CH2 . TRP A 1 156 ? -28.244 -9.656  -11.612 1.00 68.66 ? 167 TRP A CH2 1 
HETATM 1289 P P   . PO4 B 2 .   ? 16.744  12.162  -7.531  1.00 15.38 ? 201 PO4 A P   1 
HETATM 1290 O O1  . PO4 B 2 .   ? 17.628  11.132  -6.866  1.00 17.70 ? 201 PO4 A O1  1 
HETATM 1291 O O2  . PO4 B 2 .   ? 17.367  12.671  -8.805  1.00 17.13 ? 201 PO4 A O2  1 
HETATM 1292 O O3  . PO4 B 2 .   ? 15.439  11.474  -7.895  1.00 16.12 ? 201 PO4 A O3  1 
HETATM 1293 O O4  . PO4 B 2 .   ? 16.560  13.319  -6.581  1.00 15.52 ? 201 PO4 A O4  1 
HETATM 1294 C C1  . PG4 C 3 .   ? -2.758  11.119  -9.070  1.00 33.35 ? 202 PG4 A C1  1 
HETATM 1295 C C2  . PG4 C 3 .   ? -3.125  9.725   -9.565  1.00 35.66 ? 202 PG4 A C2  1 
HETATM 1296 O O2  . PG4 C 3 .   ? -4.079  9.138   -8.624  1.00 27.47 ? 202 PG4 A O2  1 
HETATM 1297 C C3  . PG4 C 3 .   ? -4.989  8.229   -9.202  1.00 33.78 ? 202 PG4 A C3  1 
HETATM 1298 C C4  . PG4 C 3 .   ? -6.421  8.588   -8.736  1.00 26.83 ? 202 PG4 A C4  1 
HETATM 1299 O O3  . PG4 C 3 .   ? -6.473  8.601   -7.309  1.00 32.09 ? 202 PG4 A O3  1 
HETATM 1300 C C5  . PG4 C 3 .   ? -7.742  8.768   -6.771  1.00 26.23 ? 202 PG4 A C5  1 
HETATM 1301 C C6  . PG4 C 3 .   ? -7.640  8.810   -5.259  1.00 23.37 ? 202 PG4 A C6  1 
HETATM 1302 O O4  . PG4 C 3 .   ? -6.805  9.922   -4.855  1.00 30.06 ? 202 PG4 A O4  1 
HETATM 1303 C C7  . PG4 C 3 .   ? -6.706  10.094  -3.442  1.00 24.94 ? 202 PG4 A C7  1 
HETATM 1304 C C8  . PG4 C 3 .   ? -5.934  11.358  -3.143  1.00 24.97 ? 202 PG4 A C8  1 
HETATM 1305 O O5  . PG4 C 3 .   ? -4.553  11.071  -3.254  1.00 27.95 ? 202 PG4 A O5  1 
HETATM 1306 C C1  . PG4 D 3 .   ? -17.476 6.180   -5.623  1.00 59.54 ? 203 PG4 A C1  1 
HETATM 1307 C C2  . PG4 D 3 .   ? -16.513 5.346   -6.459  1.00 54.05 ? 203 PG4 A C2  1 
HETATM 1308 O O2  . PG4 D 3 .   ? -15.221 5.264   -5.780  1.00 50.09 ? 203 PG4 A O2  1 
HETATM 1309 C C3  . PG4 D 3 .   ? -14.562 4.036   -6.005  1.00 39.30 ? 203 PG4 A C3  1 
HETATM 1310 C C4  . PG4 D 3 .   ? -15.611 2.905   -5.928  1.00 45.68 ? 203 PG4 A C4  1 
HETATM 1311 O O3  . PG4 D 3 .   ? -15.547 2.278   -4.648  1.00 54.83 ? 203 PG4 A O3  1 
HETATM 1312 C C5  . PG4 D 3 .   ? -16.538 1.330   -4.439  1.00 43.55 ? 203 PG4 A C5  1 
HETATM 1313 C C6  . PG4 D 3 .   ? -17.883 2.021   -4.502  1.00 51.45 ? 203 PG4 A C6  1 
HETATM 1314 O O4  . PG4 D 3 .   ? -18.911 1.048   -4.222  1.00 55.05 ? 203 PG4 A O4  1 
HETATM 1315 C C7  . PG4 D 3 .   ? -19.321 0.292   -5.363  1.00 51.47 ? 203 PG4 A C7  1 
HETATM 1316 C C8  . PG4 D 3 .   ? -20.324 1.076   -6.175  1.00 50.90 ? 203 PG4 A C8  1 
HETATM 1317 O O5  . PG4 D 3 .   ? -20.069 0.847   -7.546  1.00 65.56 ? 203 PG4 A O5  1 
HETATM 1318 O O   . HOH E 4 .   ? 11.932  -3.974  0.621   1.00 9.85  ? 301 HOH A O   1 
HETATM 1319 O O   . HOH E 4 .   ? -6.422  1.391   -16.218 1.00 10.30 ? 302 HOH A O   1 
HETATM 1320 O O   . HOH E 4 .   ? -11.815 -4.047  -2.106  1.00 9.37  ? 303 HOH A O   1 
HETATM 1321 O O   . HOH E 4 .   ? -10.145 -2.454  -13.921 1.00 13.01 ? 304 HOH A O   1 
HETATM 1322 O O   . HOH E 4 .   ? -10.400 -5.245  -13.183 1.00 13.14 ? 305 HOH A O   1 
HETATM 1323 O O   . HOH E 4 .   ? -10.937 -2.534  -0.023  1.00 10.40 ? 306 HOH A O   1 
HETATM 1324 O O   . HOH E 4 .   ? -8.800  1.943   -14.812 1.00 11.07 ? 307 HOH A O   1 
HETATM 1325 O O   . HOH E 4 .   ? -13.369 2.740   -9.394  1.00 11.85 ? 308 HOH A O   1 
HETATM 1326 O O   . HOH E 4 .   ? 0.510   -8.789  -1.937  1.00 12.05 ? 309 HOH A O   1 
HETATM 1327 O O   . HOH E 4 .   ? -3.844  -10.341 -7.648  1.00 13.08 ? 310 HOH A O   1 
HETATM 1328 O O   . HOH E 4 .   ? 3.899   20.293  -3.043  1.00 14.53 ? 311 HOH A O   1 
HETATM 1329 O O   . HOH E 4 .   ? 10.567  12.973  -10.194 1.00 13.55 ? 312 HOH A O   1 
HETATM 1330 O O   . HOH E 4 .   ? -0.874  -6.475  -12.191 1.00 15.75 ? 313 HOH A O   1 
HETATM 1331 O O   . HOH E 4 .   ? -9.282  4.474   8.487   1.00 13.92 ? 314 HOH A O   1 
HETATM 1332 O O   . HOH E 4 .   ? 7.114   0.304   5.054   1.00 12.93 ? 315 HOH A O   1 
HETATM 1333 O O   . HOH E 4 .   ? 7.582   3.044   6.203   1.00 13.31 ? 316 HOH A O   1 
HETATM 1334 O O   . HOH E 4 .   ? 11.225  10.409  -9.920  1.00 14.41 ? 317 HOH A O   1 
HETATM 1335 O O   . HOH E 4 .   ? -6.145  -10.314 -6.547  1.00 15.11 ? 318 HOH A O   1 
HETATM 1336 O O   . HOH E 4 .   ? -11.198 -12.064 -9.133  1.00 16.50 ? 319 HOH A O   1 
HETATM 1337 O O   . HOH E 4 .   ? 1.734   13.073  -0.119  1.00 15.32 ? 320 HOH A O   1 
HETATM 1338 O O   . HOH E 4 .   ? 5.946   -4.488  -10.428 1.00 18.04 ? 321 HOH A O   1 
HETATM 1339 O O   . HOH E 4 .   ? 8.547   14.919  -6.006  1.00 15.04 ? 322 HOH A O   1 
HETATM 1340 O O   . HOH E 4 .   ? 12.587  -4.514  2.983   1.00 17.51 ? 323 HOH A O   1 
HETATM 1341 O O   . HOH E 4 .   ? -9.064  4.325   -16.086 1.00 14.62 ? 324 HOH A O   1 
HETATM 1342 O O   . HOH E 4 .   ? -14.316 0.624   -7.562  1.00 17.85 ? 325 HOH A O   1 
HETATM 1343 O O   . HOH E 4 .   ? 11.820  0.413   10.647  1.00 17.58 ? 326 HOH A O   1 
HETATM 1344 O O   . HOH E 4 .   ? 2.044   6.605   13.368  1.00 17.44 ? 327 HOH A O   1 
HETATM 1345 O O   . HOH E 4 .   ? -5.154  1.894   12.271  1.00 17.23 ? 328 HOH A O   1 
HETATM 1346 O O   . HOH E 4 .   ? 3.403   15.010  1.064   1.00 17.17 ? 329 HOH A O   1 
HETATM 1347 O O   . HOH E 4 .   ? -9.879  -15.735 -2.844  1.00 13.55 ? 330 HOH A O   1 
HETATM 1348 O O   . HOH E 4 .   ? -6.116  -3.193  11.670  1.00 19.13 ? 331 HOH A O   1 
HETATM 1349 O O   . HOH E 4 .   ? -15.011 -3.223  5.503   1.00 17.02 ? 332 HOH A O   1 
HETATM 1350 O O   . HOH E 4 .   ? 0.218   -4.971  -14.290 1.00 17.35 ? 333 HOH A O   1 
HETATM 1351 O O   . HOH E 4 .   ? -10.882 -6.070  6.640   1.00 17.89 ? 334 HOH A O   1 
HETATM 1352 O O   . HOH E 4 .   ? 15.627  12.452  -3.988  1.00 18.54 ? 335 HOH A O   1 
HETATM 1353 O O   . HOH E 4 .   ? 10.963  -4.817  5.015   1.00 19.18 ? 336 HOH A O   1 
HETATM 1354 O O   . HOH E 4 .   ? -15.768 -1.334  -6.393  1.00 18.64 ? 337 HOH A O   1 
HETATM 1355 O O   . HOH E 4 .   ? 19.620  8.422   -4.107  1.00 22.96 ? 338 HOH A O   1 
HETATM 1356 O O   . HOH E 4 .   ? -4.100  5.743   13.196  1.00 14.91 ? 339 HOH A O   1 
HETATM 1357 O O   . HOH E 4 .   ? -8.691  -3.527  12.428  1.00 18.89 ? 340 HOH A O   1 
HETATM 1358 O O   . HOH E 4 .   ? 0.813   -2.456  -14.083 1.00 24.17 ? 341 HOH A O   1 
HETATM 1359 O O   . HOH E 4 .   ? 3.932   5.110   17.851  1.00 21.17 ? 342 HOH A O   1 
HETATM 1360 O O   . HOH E 4 .   ? 3.095   -8.777  -5.497  1.00 21.36 ? 343 HOH A O   1 
HETATM 1361 O O   . HOH E 4 .   ? 10.591  0.092   -9.805  1.00 19.25 ? 344 HOH A O   1 
HETATM 1362 O O   . HOH E 4 .   ? -4.021  6.215   -11.899 1.00 19.84 ? 345 HOH A O   1 
HETATM 1363 O O   . HOH E 4 .   ? -4.754  -0.836  13.122  1.00 19.40 ? 346 HOH A O   1 
HETATM 1364 O O   . HOH E 4 .   ? -12.814 -4.214  7.242   1.00 20.13 ? 347 HOH A O   1 
HETATM 1365 O O   . HOH E 4 .   ? -8.797  -17.135 -5.099  1.00 16.88 ? 348 HOH A O   1 
HETATM 1366 O O   . HOH E 4 .   ? 9.320   24.932  0.307   1.00 19.97 ? 349 HOH A O   1 
HETATM 1367 O O   . HOH E 4 .   ? 2.294   15.549  3.290   1.00 20.56 ? 350 HOH A O   1 
HETATM 1368 O O   . HOH E 4 .   ? -3.826  9.617   7.751   1.00 25.18 ? 351 HOH A O   1 
HETATM 1369 O O   . HOH E 4 .   ? 19.255  11.080  -4.981  1.00 20.78 ? 352 HOH A O   1 
HETATM 1370 O O   . HOH E 4 .   ? 12.435  17.066  -0.283  1.00 25.46 ? 353 HOH A O   1 
HETATM 1371 O O   . HOH E 4 .   ? -0.240  -5.706  13.020  1.00 23.34 ? 354 HOH A O   1 
HETATM 1372 O O   . HOH E 4 .   ? -2.863  -7.271  -14.035 1.00 17.16 ? 355 HOH A O   1 
HETATM 1373 O O   . HOH E 4 .   ? 19.879  12.366  -9.353  1.00 24.85 ? 356 HOH A O   1 
HETATM 1374 O O   . HOH E 4 .   ? 4.280   6.488   -12.991 1.00 21.32 ? 357 HOH A O   1 
HETATM 1375 O O   . HOH E 4 .   ? -14.393 5.369   1.466   1.00 29.01 ? 358 HOH A O   1 
HETATM 1376 O O   . HOH E 4 .   ? 7.088   14.344  6.595   1.00 24.55 ? 359 HOH A O   1 
HETATM 1377 O O   . HOH E 4 .   ? 11.626  18.440  1.905   1.00 20.92 ? 360 HOH A O   1 
HETATM 1378 O O   . HOH E 4 .   ? -19.850 -3.771  -4.956  1.00 22.69 ? 361 HOH A O   1 
HETATM 1379 O O   . HOH E 4 .   ? -1.901  -7.947  4.036   1.00 20.64 ? 362 HOH A O   1 
HETATM 1380 O O   . HOH E 4 .   ? 9.470   -6.339  7.757   1.00 27.29 ? 363 HOH A O   1 
HETATM 1381 O O   . HOH E 4 .   ? 6.429   4.393   17.141  1.00 24.91 ? 364 HOH A O   1 
HETATM 1382 O O   . HOH E 4 .   ? 3.359   21.921  -0.811  1.00 27.36 ? 365 HOH A O   1 
HETATM 1383 O O   . HOH E 4 .   ? -9.751  10.242  6.727   1.00 22.23 ? 366 HOH A O   1 
HETATM 1384 O O   . HOH E 4 .   ? 0.765   2.982   -15.683 1.00 27.54 ? 367 HOH A O   1 
HETATM 1385 O O   . HOH E 4 .   ? 16.907  9.466   -0.746  1.00 30.70 ? 368 HOH A O   1 
HETATM 1386 O O   . HOH E 4 .   ? 14.492  9.486   -9.768  1.00 26.53 ? 369 HOH A O   1 
HETATM 1387 O O   . HOH E 4 .   ? -2.700  12.077  -5.283  1.00 25.12 ? 370 HOH A O   1 
HETATM 1388 O O   . HOH E 4 .   ? -13.067 8.599   -0.265  1.00 24.46 ? 371 HOH A O   1 
HETATM 1389 O O   . HOH E 4 .   ? -21.151 -8.692  0.117   1.00 25.43 ? 372 HOH A O   1 
HETATM 1390 O O   . HOH E 4 .   ? -0.817  14.158  -0.521  1.00 24.33 ? 373 HOH A O   1 
HETATM 1391 O O   . HOH E 4 .   ? -15.778 -9.002  5.543   1.00 30.79 ? 374 HOH A O   1 
HETATM 1392 O O   . HOH E 4 .   ? 3.256   -4.599  14.978  1.00 29.45 ? 375 HOH A O   1 
HETATM 1393 O O   . HOH E 4 .   ? 14.313  16.188  -3.284  1.00 20.03 ? 376 HOH A O   1 
HETATM 1394 O O   . HOH E 4 .   ? -0.721  9.288   12.382  1.00 23.40 ? 377 HOH A O   1 
HETATM 1395 O O   . HOH E 4 .   ? -12.146 4.541   4.923   1.00 26.43 ? 378 HOH A O   1 
HETATM 1396 O O   . HOH E 4 .   ? -8.318  -14.986 -13.452 1.00 25.28 ? 379 HOH A O   1 
HETATM 1397 O O   . HOH E 4 .   ? 2.882   -9.570  -2.876  1.00 30.55 ? 380 HOH A O   1 
HETATM 1398 O O   . HOH E 4 .   ? -11.093 9.422   -6.970  1.00 28.64 ? 381 HOH A O   1 
HETATM 1399 O O   . HOH E 4 .   ? -10.668 -15.272 -11.726 1.00 24.69 ? 382 HOH A O   1 
HETATM 1400 O O   . HOH E 4 .   ? 10.471  7.439   16.604  1.00 29.25 ? 383 HOH A O   1 
HETATM 1401 O O   . HOH E 4 .   ? 9.393   9.035   -11.453 1.00 23.71 ? 384 HOH A O   1 
HETATM 1402 O O   . HOH E 4 .   ? 0.641   9.144   -11.724 1.00 30.93 ? 385 HOH A O   1 
HETATM 1403 O O   . HOH E 4 .   ? -19.874 1.964   -11.274 1.00 29.38 ? 386 HOH A O   1 
HETATM 1404 O O   . HOH E 4 .   ? -10.787 2.292   7.267   1.00 22.45 ? 387 HOH A O   1 
HETATM 1405 O O   . HOH E 4 .   ? -6.027  -7.964  9.970   1.00 30.28 ? 388 HOH A O   1 
HETATM 1406 O O   . HOH E 4 .   ? -2.950  -2.647  12.903  1.00 26.38 ? 389 HOH A O   1 
HETATM 1407 O O   . HOH E 4 .   ? -2.715  -1.712  -17.026 1.00 22.94 ? 390 HOH A O   1 
HETATM 1408 O O   . HOH E 4 .   ? 8.338   -8.212  11.767  1.00 27.30 ? 391 HOH A O   1 
HETATM 1409 O O   . HOH E 4 .   ? -19.985 0.005   -12.679 1.00 29.87 ? 392 HOH A O   1 
HETATM 1410 O O   . HOH E 4 .   ? 4.604   -8.443  -1.786  1.00 35.17 ? 393 HOH A O   1 
HETATM 1411 O O   . HOH E 4 .   ? 14.590  -3.288  4.417   1.00 27.70 ? 394 HOH A O   1 
HETATM 1412 O O   . HOH E 4 .   ? -20.058 -12.315 -2.892  1.00 24.66 ? 395 HOH A O   1 
HETATM 1413 O O   . HOH E 4 .   ? -21.072 -17.022 -6.898  1.00 28.94 ? 396 HOH A O   1 
HETATM 1414 O O   . HOH E 4 .   ? 13.702  7.398   13.920  1.00 35.21 ? 397 HOH A O   1 
HETATM 1415 O O   . HOH E 4 .   ? -9.525  -8.250  11.714  1.00 33.70 ? 398 HOH A O   1 
HETATM 1416 O O   . HOH E 4 .   ? 12.538  -2.017  -10.678 1.00 36.73 ? 399 HOH A O   1 
HETATM 1417 O O   . HOH E 4 .   ? 19.296  4.012   6.308   1.00 33.53 ? 400 HOH A O   1 
HETATM 1418 O O   . HOH E 4 .   ? 10.134  -11.006 0.258   1.00 28.56 ? 401 HOH A O   1 
HETATM 1419 O O   . HOH E 4 .   ? 16.863  16.042  -2.954  1.00 32.30 ? 402 HOH A O   1 
HETATM 1420 O O   . HOH E 4 .   ? 17.257  13.101  0.579   1.00 42.62 ? 403 HOH A O   1 
HETATM 1421 O O   . HOH E 4 .   ? -11.093 -8.392  7.807   1.00 33.26 ? 404 HOH A O   1 
HETATM 1422 O O   . HOH E 4 .   ? -4.397  -13.097 -8.197  1.00 25.84 ? 405 HOH A O   1 
HETATM 1423 O O   . HOH E 4 .   ? 7.762   12.616  14.779  1.00 34.18 ? 406 HOH A O   1 
HETATM 1424 O O   . HOH E 4 .   ? -21.774 -10.253 -2.035  1.00 35.80 ? 407 HOH A O   1 
HETATM 1425 O O   . HOH E 4 .   ? 4.597   -10.746 5.535   1.00 42.09 ? 408 HOH A O   1 
HETATM 1426 O O   . HOH E 4 .   ? 9.498   13.551  5.224   1.00 32.86 ? 409 HOH A O   1 
HETATM 1427 O O   . HOH E 4 .   ? 8.672   -0.352  -11.187 1.00 43.95 ? 410 HOH A O   1 
HETATM 1428 O O   . HOH E 4 .   ? -20.453 -2.174  -2.133  1.00 34.56 ? 411 HOH A O   1 
HETATM 1429 O O   . HOH E 4 .   ? -22.347 -0.813  -13.904 1.00 33.59 ? 412 HOH A O   1 
HETATM 1430 O O   . HOH E 4 .   ? -0.310  -1.906  14.148  1.00 27.95 ? 413 HOH A O   1 
HETATM 1431 O O   . HOH E 4 .   ? -13.760 -9.584  7.523   1.00 47.20 ? 414 HOH A O   1 
HETATM 1432 O O   . HOH E 4 .   ? 9.829   7.432   -13.351 1.00 35.54 ? 415 HOH A O   1 
HETATM 1433 O O   . HOH E 4 .   ? -8.129  -6.081  13.332  1.00 34.41 ? 416 HOH A O   1 
HETATM 1434 O O   . HOH E 4 .   ? -14.805 -11.763 4.386   1.00 36.51 ? 417 HOH A O   1 
HETATM 1435 O O   . HOH E 4 .   ? -4.054  5.540   -17.520 1.00 43.22 ? 418 HOH A O   1 
HETATM 1436 O O   . HOH E 4 .   ? 6.919   -1.159  -12.769 1.00 34.13 ? 419 HOH A O   1 
HETATM 1437 O O   . HOH E 4 .   ? -17.707 -21.263 -4.228  1.00 43.38 ? 420 HOH A O   1 
HETATM 1438 O O   . HOH E 4 .   ? 13.692  9.061   -12.348 1.00 44.39 ? 421 HOH A O   1 
HETATM 1439 O O   . HOH E 4 .   ? -0.117  16.666  2.781   1.00 34.52 ? 422 HOH A O   1 
HETATM 1440 O O   . HOH E 4 .   ? 11.761  -5.817  10.282  1.00 37.36 ? 423 HOH A O   1 
HETATM 1441 O O   . HOH E 4 .   ? 10.165  -7.820  9.798   1.00 35.79 ? 424 HOH A O   1 
HETATM 1442 O O   . HOH E 4 .   ? 2.377   -12.255 -3.648  1.00 35.40 ? 425 HOH A O   1 
HETATM 1443 O O   . HOH E 4 .   ? -15.535 8.189   -2.125  1.00 40.18 ? 426 HOH A O   1 
HETATM 1444 O O   . HOH E 4 .   ? -4.563  7.273   -16.111 1.00 43.01 ? 427 HOH A O   1 
HETATM 1445 O O   . HOH E 4 .   ? 3.457   -2.188  -14.285 1.00 33.68 ? 428 HOH A O   1 
HETATM 1446 O O   . HOH E 4 .   ? -8.054  10.840  -11.179 1.00 38.25 ? 429 HOH A O   1 
HETATM 1447 O O   . HOH E 4 .   ? 19.188  15.481  -0.190  1.00 46.19 ? 430 HOH A O   1 
HETATM 1448 O O   . HOH E 4 .   ? -11.779 10.499  -12.563 1.00 40.72 ? 431 HOH A O   1 
HETATM 1449 O O   . HOH E 4 .   ? 4.634   17.149  3.586   1.00 33.94 ? 432 HOH A O   1 
HETATM 1450 O O   . HOH E 4 .   ? -12.095 -1.959  8.346   1.00 25.43 ? 433 HOH A O   1 
HETATM 1451 O O   . HOH E 4 .   ? -1.993  -16.704 0.330   1.00 22.55 ? 434 HOH A O   1 
HETATM 1452 O O   . HOH E 4 .   ? -2.222  -5.807  -16.380 1.00 31.12 ? 435 HOH A O   1 
HETATM 1453 O O   . HOH E 4 .   ? 15.258  -4.719  -2.637  1.00 27.05 ? 436 HOH A O   1 
HETATM 1454 O O   . HOH E 4 .   ? -11.240 10.720  1.077   1.00 44.92 ? 437 HOH A O   1 
HETATM 1455 O O   . HOH E 4 .   ? 16.579  11.466  -11.118 1.00 39.86 ? 438 HOH A O   1 
HETATM 1456 O O   . HOH E 4 .   ? 10.901  -8.801  -6.712  1.00 44.58 ? 439 HOH A O   1 
HETATM 1457 O O   . HOH E 4 .   ? -5.715  -18.602 2.415   1.00 38.04 ? 440 HOH A O   1 
HETATM 1458 O O   . HOH E 4 .   ? 11.323  1.389   18.307  1.00 41.23 ? 441 HOH A O   1 
HETATM 1459 O O   . HOH E 4 .   ? -16.329 -1.219  6.858   1.00 37.90 ? 442 HOH A O   1 
HETATM 1460 O O   . HOH E 4 .   ? 17.923  5.117   -9.927  1.00 29.34 ? 443 HOH A O   1 
HETATM 1461 O O   . HOH E 4 .   ? -4.578  12.526  1.060   1.00 33.87 ? 444 HOH A O   1 
HETATM 1462 O O   . HOH E 4 .   ? -3.790  8.397   -13.178 1.00 31.80 ? 445 HOH A O   1 
HETATM 1463 O O   . HOH E 4 .   ? 17.728  -0.152  -3.925  1.00 32.84 ? 446 HOH A O   1 
HETATM 1464 O O   . HOH E 4 .   ? 5.180   -7.228  -9.626  1.00 31.72 ? 447 HOH A O   1 
HETATM 1465 O O   . HOH E 4 .   ? 1.809   -8.093  10.294  1.00 28.57 ? 448 HOH A O   1 
HETATM 1466 O O   . HOH E 4 .   ? -6.444  5.212   -16.843 1.00 33.72 ? 449 HOH A O   1 
HETATM 1467 O O   . HOH E 4 .   ? -2.459  -4.926  14.609  1.00 26.44 ? 450 HOH A O   1 
HETATM 1468 O O   . HOH E 4 .   ? 8.380   6.000   17.954  1.00 29.96 ? 451 HOH A O   1 
HETATM 1469 O O   . HOH E 4 .   ? 0.889   -8.412  -12.114 1.00 30.84 ? 452 HOH A O   1 
HETATM 1470 O O   . HOH E 4 .   ? 17.905  14.994  -4.960  1.00 32.15 ? 453 HOH A O   1 
HETATM 1471 O O   . HOH E 4 .   ? 11.711  -6.089  -6.464  1.00 33.48 ? 454 HOH A O   1 
HETATM 1472 O O   . HOH E 4 .   ? 15.894  7.399   0.567   1.00 32.33 ? 455 HOH A O   1 
HETATM 1473 O O   . HOH E 4 .   ? 4.561   24.075  -0.763  1.00 30.89 ? 456 HOH A O   1 
HETATM 1474 O O   . HOH E 4 .   ? 6.498   -9.962  -3.272  1.00 38.37 ? 457 HOH A O   1 
HETATM 1475 O O   . HOH E 4 .   ? -11.016 -12.568 -11.890 1.00 27.51 ? 458 HOH A O   1 
HETATM 1476 O O   . HOH E 4 .   ? -8.898  -10.299 7.275   1.00 36.23 ? 459 HOH A O   1 
HETATM 1477 O O   . HOH E 4 .   ? 9.666   -6.669  -11.040 1.00 50.98 ? 460 HOH A O   1 
HETATM 1478 O O   . HOH E 4 .   ? 5.829   3.504   -15.873 1.00 42.94 ? 461 HOH A O   1 
HETATM 1479 O O   . HOH E 4 .   ? -7.264  12.600  1.191   1.00 33.62 ? 462 HOH A O   1 
HETATM 1480 O O   . HOH E 4 .   ? 6.448   -0.375  18.723  1.00 36.95 ? 463 HOH A O   1 
HETATM 1481 O O   . HOH E 4 .   ? 21.087  9.883   -9.638  1.00 35.21 ? 464 HOH A O   1 
HETATM 1482 O O   . HOH E 4 .   ? -21.412 3.049   -12.627 1.00 42.68 ? 465 HOH A O   1 
HETATM 1483 O O   . HOH E 4 .   ? 21.766  -1.736  5.197   1.00 36.81 ? 466 HOH A O   1 
HETATM 1484 O O   . HOH E 4 .   ? 16.898  6.958   10.419  1.00 29.98 ? 467 HOH A O   1 
HETATM 1485 O O   . HOH E 4 .   ? 0.666   -16.572 1.431   1.00 33.68 ? 468 HOH A O   1 
HETATM 1486 O O   . HOH E 4 .   ? -7.616  -10.311 -14.235 1.00 31.66 ? 469 HOH A O   1 
HETATM 1487 O O   . HOH E 4 .   ? -1.461  9.880   -13.092 1.00 35.91 ? 470 HOH A O   1 
HETATM 1488 O O   . HOH E 4 .   ? 21.933  -4.276  -0.905  1.00 55.73 ? 471 HOH A O   1 
HETATM 1489 O O   . HOH E 4 .   ? 3.953   4.445   -14.799 1.00 36.84 ? 472 HOH A O   1 
HETATM 1490 O O   . HOH E 4 .   ? 8.911   -8.141  14.498  1.00 36.44 ? 473 HOH A O   1 
HETATM 1491 O O   . HOH E 4 .   ? -11.351 -8.094  10.330  1.00 32.10 ? 474 HOH A O   1 
HETATM 1492 O O   . HOH E 4 .   ? -4.460  13.865  3.382   1.00 45.26 ? 475 HOH A O   1 
HETATM 1493 O O   . HOH E 4 .   ? -10.822 6.518   6.292   1.00 40.10 ? 476 HOH A O   1 
HETATM 1494 O O   . HOH E 4 .   ? -22.291 -9.090  -10.486 1.00 40.77 ? 477 HOH A O   1 
HETATM 1495 O O   . HOH E 4 .   ? -9.466  -16.647 -0.393  1.00 36.09 ? 478 HOH A O   1 
HETATM 1496 O O   . HOH E 4 .   ? -0.340  -2.437  -17.084 1.00 46.67 ? 479 HOH A O   1 
HETATM 1497 O O   . HOH E 4 .   ? 21.793  6.505   -0.643  1.00 35.55 ? 480 HOH A O   1 
HETATM 1498 O O   . HOH E 4 .   ? 8.295   -1.268  20.709  1.00 45.28 ? 481 HOH A O   1 
HETATM 1499 O O   . HOH E 4 .   ? 8.391   -11.815 4.616   1.00 39.58 ? 482 HOH A O   1 
HETATM 1500 O O   . HOH E 4 .   ? 4.747   -8.094  13.406  1.00 37.23 ? 483 HOH A O   1 
HETATM 1501 O O   . HOH E 4 .   ? 16.025  7.006   13.461  1.00 40.54 ? 484 HOH A O   1 
HETATM 1502 O O   . HOH E 4 .   ? 13.632  2.084   19.475  1.00 40.96 ? 485 HOH A O   1 
HETATM 1503 O O   . HOH E 4 .   ? 14.140  -3.940  -9.303  1.00 52.42 ? 486 HOH A O   1 
HETATM 1504 O O   . HOH E 4 .   ? -18.244 0.268   5.377   1.00 42.13 ? 487 HOH A O   1 
HETATM 1505 O O   . HOH E 4 .   ? -13.624 2.436   7.916   1.00 36.04 ? 488 HOH A O   1 
HETATM 1506 O O   . HOH E 4 .   ? 15.884  -6.628  14.041  1.00 58.65 ? 489 HOH A O   1 
HETATM 1507 O O   . HOH E 4 .   ? 7.923   -12.094 2.420   1.00 44.67 ? 490 HOH A O   1 
HETATM 1508 O O   . HOH E 4 .   ? -0.822  1.824   -17.670 1.00 38.34 ? 491 HOH A O   1 
HETATM 1509 O O   . HOH E 4 .   ? 1.912   8.122   15.768  1.00 49.30 ? 492 HOH A O   1 
HETATM 1510 O O   . HOH E 4 .   ? 5.150   -11.274 -0.429  1.00 46.66 ? 493 HOH A O   1 
HETATM 1511 O O   . HOH E 4 .   ? 23.379  0.247   5.298   1.00 44.78 ? 494 HOH A O   1 
HETATM 1512 O O   . HOH E 4 .   ? 16.843  -9.237  5.591   1.00 42.48 ? 495 HOH A O   1 
HETATM 1513 O O   . HOH E 4 .   ? 17.052  8.270   3.436   1.00 37.87 ? 496 HOH A O   1 
HETATM 1514 O O   . HOH E 4 .   ? -24.445 -12.745 -9.120  1.00 41.88 ? 497 HOH A O   1 
HETATM 1515 O O   . HOH E 4 .   ? -23.797 -15.846 -8.350  1.00 46.81 ? 498 HOH A O   1 
HETATM 1516 O O   . HOH E 4 .   ? -21.827 -13.581 -10.983 1.00 44.08 ? 499 HOH A O   1 
HETATM 1517 O O   . HOH E 4 .   ? 11.997  -1.115  17.304  1.00 39.53 ? 500 HOH A O   1 
HETATM 1518 O O   . HOH E 4 .   ? -9.553  -11.946 -14.033 1.00 42.61 ? 501 HOH A O   1 
HETATM 1519 O O   . HOH E 4 .   ? -4.530  -14.455 -4.839  1.00 25.37 ? 502 HOH A O   1 
HETATM 1520 O O   . HOH E 4 .   ? -6.036  12.180  -7.209  1.00 42.79 ? 503 HOH A O   1 
# 
